data_6AP1
#
_entry.id   6AP1
#
_cell.length_a   1.0
_cell.length_b   1.0
_cell.length_c   1.0
_cell.angle_alpha   90.00
_cell.angle_beta   90.00
_cell.angle_gamma   90.00
#
_symmetry.space_group_name_H-M   'P 1'
#
loop_
_entity.id
_entity.type
_entity.pdbx_description
1 polymer 'Vacuolar protein sorting-associated protein 4,Protein hcp1'
2 polymer ACE-ASP-GLU-ILE-VAL-ASN-LYS-VAL-LEU-NH2
3 polymer 'Vacuolar protein sorting-associated protein VTA1'
4 non-polymer "ADENOSINE-5'-DIPHOSPHATE"
5 non-polymer 'BERYLLIUM TRIFLUORIDE ION'
6 non-polymer 'MAGNESIUM ION'
#
loop_
_entity_poly.entity_id
_entity_poly.type
_entity_poly.pdbx_seq_one_letter_code
_entity_poly.pdbx_strand_id
1 'polypeptide(L)'
;GQEEGEDNGGEDNKKLRGALSSAILSEKPNVKWEDVAGLEGAKEALKEAVILPVKFPHLFKGNRKPTSGILLYGPPGTGK
SYLAKAVATEANSTFFSVSSSDLVSKWMGESEKLVKQLFAMARENKPSIIFIDEVDALTGTRGEGESEASRRIKTELLVQ
MNGVGNDSQGVLVLGATNIPWQLDSAIRRRFERRIYIPLPDLAARTTMFEINVGDTPCVLTKEDYRTLGAMTEGYSGSDI
AVVVKDALMQPIRKIQSATHFKDVSTEDDETRKLTPCSPGDDGAIEMSWTDIEADELKEPDLTIKDFLKAIKSTRPTVNE
DDLLKQEQFTRDFGQEGNGGGGSGGGGSGGGGSGGGMAVDMFIKIGDVKGESKDKTHAEEIDVLAWSWGMSQSGSMHMGG
GGGAGKVNVQDLSFTKYIDKSTPNLMMACSSGKHYPQAKLTIRKAGGENQVEYLIITLKEVLVSSVSTGGSGGEDRLTEN
VTLNFAQVQVDYQPQKADGAKDGGPVKYGWNIRQNVQAG
;
A,B,C,D,E,F
2 'polypeptide(L)' (ACE)DEIVNKVL(NH2) G
3 'polypeptide(L)'
;MASNAARVVATAKDFDKVGLGIIGYYLQLYAVELILSEEDRSQEMTALATELLDTIEAFKKEIGGESEAEDSDKSLHVMN
TLIHDQEKAKIYMLNFTMSLYNEKLKQLKDGPWDVMLKRSLWCCIDLFSCILHLWKENISETSTNSLQKRIKYCKIYLSK
LAKGEIGSSDEKTLDYADFADDSEEIKDEDVDHQTSDLENNNNDKVEGLAPKDQTTSYEPVDEVPEFIDDADSVNEEEQT
VDKNEDAITKDEQQVVKKEVDLTRPSAPSEPAAAEHKSYTKDELTKIMDRASKIEQIQKLAKYAISALNYEDLPTAKDEL
TKALDLLNSI
;
H,I,J,K,L,M,N,O,P,Q,R,S
#
loop_
_chem_comp.id
_chem_comp.type
_chem_comp.name
_chem_comp.formula
ACE non-polymer 'ACETYL GROUP' 'C2 H4 O'
ADP non-polymer ADENOSINE-5'-DIPHOSPHATE 'C10 H15 N5 O10 P2'
BEF non-polymer 'BERYLLIUM TRIFLUORIDE ION' 'Be F3 -1'
MG non-polymer 'MAGNESIUM ION' 'Mg 2'
NH2 non-polymer 'AMINO GROUP' 'H2 N'
#
# COMPACT_ATOMS: atom_id res chain seq x y z
N ARG A 17 15.99 33.77 -22.32
CA ARG A 17 16.42 35.07 -21.84
C ARG A 17 15.33 35.71 -21.02
N GLY A 18 14.35 36.24 -21.76
CA GLY A 18 13.28 37.06 -21.24
C GLY A 18 12.19 36.27 -20.54
N ALA A 19 12.54 35.11 -20.03
CA ALA A 19 11.63 34.24 -19.30
C ALA A 19 12.25 33.86 -17.96
N LEU A 20 13.58 33.72 -17.92
CA LEU A 20 14.27 33.57 -16.65
C LEU A 20 14.75 34.88 -16.07
N SER A 21 14.77 35.99 -16.84
CA SER A 21 15.14 37.22 -16.14
C SER A 21 14.02 37.81 -15.29
N SER A 22 12.97 37.04 -15.00
CA SER A 22 12.12 37.24 -13.85
C SER A 22 12.61 36.45 -12.64
N ALA A 23 13.91 36.18 -12.53
CA ALA A 23 14.48 35.71 -11.29
C ALA A 23 15.20 36.81 -10.53
N ILE A 24 15.77 37.77 -11.25
CA ILE A 24 16.39 38.95 -10.62
C ILE A 24 15.34 39.76 -9.92
N LEU A 25 15.46 39.92 -8.61
CA LEU A 25 14.70 40.94 -7.91
C LEU A 25 15.46 42.27 -7.93
N SER A 26 14.73 43.35 -7.68
CA SER A 26 15.39 44.64 -7.61
C SER A 26 14.89 45.56 -6.52
N GLU A 27 13.95 45.13 -5.69
CA GLU A 27 13.38 46.02 -4.70
C GLU A 27 14.15 46.11 -3.38
N LYS A 28 15.10 45.21 -3.11
CA LYS A 28 15.99 45.24 -1.94
C LYS A 28 15.25 45.33 -0.63
N PRO A 29 14.71 44.22 -0.13
CA PRO A 29 13.96 44.24 1.14
C PRO A 29 14.86 44.66 2.28
N ASN A 30 14.50 45.77 2.91
CA ASN A 30 15.42 46.45 3.83
C ASN A 30 15.46 45.75 5.18
N VAL A 31 16.15 44.62 5.20
CA VAL A 31 16.52 43.93 6.42
C VAL A 31 18.03 44.01 6.54
N LYS A 32 18.52 44.50 7.67
CA LYS A 32 19.96 44.63 7.84
C LYS A 32 20.43 43.62 8.87
N TRP A 33 21.76 43.45 8.97
CA TRP A 33 22.31 42.36 9.76
C TRP A 33 22.01 42.49 11.24
N GLU A 34 21.56 43.66 11.70
CA GLU A 34 21.18 43.86 13.09
C GLU A 34 19.68 43.72 13.31
N ASP A 35 19.01 42.92 12.49
CA ASP A 35 17.61 42.57 12.71
C ASP A 35 17.39 41.10 12.94
N VAL A 36 18.20 40.23 12.36
CA VAL A 36 18.21 38.85 12.80
C VAL A 36 18.75 38.78 14.22
N ALA A 37 18.10 38.01 15.07
CA ALA A 37 18.41 37.97 16.47
C ALA A 37 19.21 36.71 16.75
N GLY A 38 20.43 36.89 17.23
CA GLY A 38 21.27 35.75 17.42
C GLY A 38 21.82 35.28 16.10
N LEU A 39 21.97 33.97 15.96
CA LEU A 39 22.52 33.31 14.79
C LEU A 39 23.86 33.92 14.39
N GLU A 40 24.86 33.80 15.28
CA GLU A 40 26.11 34.48 14.98
C GLU A 40 27.07 33.66 14.13
N GLY A 41 27.11 32.33 14.33
CA GLY A 41 27.82 31.46 13.43
C GLY A 41 27.36 31.59 12.00
N ALA A 42 26.05 31.72 11.80
CA ALA A 42 25.53 31.80 10.45
C ALA A 42 25.87 33.13 9.80
N LYS A 43 25.80 34.22 10.57
CA LYS A 43 26.28 35.50 10.05
C LYS A 43 27.76 35.45 9.76
N GLU A 44 28.52 34.72 10.57
CA GLU A 44 29.96 34.65 10.38
C GLU A 44 30.31 33.94 9.09
N ALA A 45 29.68 32.80 8.83
CA ALA A 45 29.94 32.08 7.60
C ALA A 45 29.46 32.85 6.39
N LEU A 46 28.31 33.51 6.50
CA LEU A 46 27.80 34.26 5.37
C LEU A 46 28.63 35.49 5.07
N LYS A 47 29.19 36.12 6.08
CA LYS A 47 30.08 37.25 5.85
C LYS A 47 31.36 36.79 5.18
N GLU A 48 31.96 35.72 5.66
CA GLU A 48 33.20 35.29 5.03
C GLU A 48 32.99 34.52 3.74
N ALA A 49 31.75 34.36 3.27
CA ALA A 49 31.53 33.83 1.94
C ALA A 49 30.97 34.85 0.97
N VAL A 50 30.48 36.00 1.45
CA VAL A 50 29.81 36.99 0.61
C VAL A 50 30.52 38.34 0.65
N ILE A 51 30.78 38.85 1.85
CA ILE A 51 31.29 40.20 2.00
C ILE A 51 32.78 40.24 1.72
N LEU A 52 33.51 39.31 2.30
CA LEU A 52 34.96 39.29 2.31
C LEU A 52 35.65 39.03 0.96
N PRO A 53 35.14 38.16 0.07
CA PRO A 53 35.76 38.09 -1.27
C PRO A 53 35.71 39.37 -2.05
N VAL A 54 34.66 40.16 -1.92
CA VAL A 54 34.58 41.39 -2.69
C VAL A 54 35.46 42.46 -2.09
N LYS A 55 35.48 42.57 -0.78
CA LYS A 55 36.16 43.66 -0.11
C LYS A 55 37.68 43.49 -0.13
N PHE A 56 38.18 42.26 -0.14
CA PHE A 56 39.62 42.01 -0.19
C PHE A 56 39.93 40.90 -1.18
N PRO A 57 39.83 41.17 -2.48
CA PRO A 57 39.95 40.09 -3.47
C PRO A 57 41.36 39.62 -3.68
N HIS A 58 42.36 40.34 -3.18
CA HIS A 58 43.73 39.90 -3.30
C HIS A 58 44.03 38.67 -2.45
N LEU A 59 43.25 38.45 -1.39
CA LEU A 59 43.53 37.34 -0.49
C LEU A 59 43.27 36.00 -1.14
N PHE A 60 42.36 35.93 -2.10
CA PHE A 60 41.94 34.61 -2.56
C PHE A 60 42.70 34.27 -3.83
N LYS A 61 43.93 33.82 -3.62
CA LYS A 61 44.86 33.47 -4.69
C LYS A 61 45.70 32.29 -4.23
N GLY A 62 45.93 31.35 -5.14
CA GLY A 62 46.67 30.16 -4.79
C GLY A 62 45.75 29.02 -4.44
N ASN A 63 45.91 28.48 -3.24
CA ASN A 63 45.07 27.39 -2.77
C ASN A 63 43.83 27.88 -2.06
N ARG A 64 43.73 29.17 -1.80
CA ARG A 64 42.70 29.72 -0.94
C ARG A 64 41.53 30.15 -1.80
N LYS A 65 40.53 29.28 -1.89
CA LYS A 65 39.39 29.58 -2.73
C LYS A 65 38.14 29.85 -1.89
N PRO A 66 37.22 30.67 -2.38
CA PRO A 66 35.99 30.91 -1.63
C PRO A 66 35.04 29.73 -1.71
N THR A 67 34.07 29.75 -0.81
CA THR A 67 33.10 28.67 -0.67
C THR A 67 32.09 28.74 -1.80
N SER A 68 31.66 27.60 -2.31
CA SER A 68 30.74 27.57 -3.43
C SER A 68 29.56 26.66 -3.16
N GLY A 69 28.95 26.82 -1.99
CA GLY A 69 27.69 26.20 -1.72
C GLY A 69 27.43 26.23 -0.24
N ILE A 70 26.23 26.59 0.19
CA ILE A 70 25.89 26.72 1.60
C ILE A 70 24.45 26.31 1.75
N LEU A 71 24.17 25.32 2.57
CA LEU A 71 22.81 24.89 2.81
C LEU A 71 22.39 25.34 4.19
N LEU A 72 21.27 26.01 4.35
CA LEU A 72 20.70 26.35 5.65
C LEU A 72 19.55 25.41 5.89
N TYR A 73 19.48 24.79 7.04
CA TYR A 73 18.34 23.93 7.31
C TYR A 73 17.88 24.19 8.73
N GLY A 74 16.73 23.63 9.09
CA GLY A 74 16.18 23.86 10.40
C GLY A 74 14.73 23.50 10.47
N PRO A 75 14.08 23.80 11.58
CA PRO A 75 12.65 23.60 11.68
C PRO A 75 11.92 24.73 10.99
N PRO A 76 10.61 24.64 10.78
CA PRO A 76 9.91 25.71 10.07
C PRO A 76 9.79 26.97 10.88
N GLY A 77 10.20 28.08 10.30
CA GLY A 77 9.93 29.38 10.85
C GLY A 77 11.01 29.99 11.70
N THR A 78 12.26 29.63 11.49
CA THR A 78 13.32 29.99 12.40
C THR A 78 14.30 31.00 11.85
N GLY A 79 14.22 31.35 10.58
CA GLY A 79 15.06 32.42 10.11
C GLY A 79 15.74 32.27 8.78
N LYS A 80 15.47 31.18 8.06
CA LYS A 80 16.25 30.84 6.88
C LYS A 80 16.01 31.80 5.72
N SER A 81 14.76 31.92 5.28
CA SER A 81 14.43 32.83 4.19
C SER A 81 14.67 34.28 4.59
N TYR A 82 14.56 34.58 5.87
CA TYR A 82 14.75 35.95 6.35
C TYR A 82 16.21 36.34 6.26
N LEU A 83 17.08 35.44 6.67
CA LEU A 83 18.51 35.64 6.56
C LEU A 83 18.93 35.74 5.11
N ALA A 84 18.24 35.03 4.22
CA ALA A 84 18.46 35.23 2.79
C ALA A 84 18.03 36.62 2.33
N LYS A 85 17.00 37.20 2.95
CA LYS A 85 16.67 38.58 2.62
C LYS A 85 17.74 39.53 3.12
N ALA A 86 18.36 39.22 4.26
CA ALA A 86 19.43 40.05 4.78
C ALA A 86 20.63 40.05 3.85
N VAL A 87 20.98 38.88 3.32
CA VAL A 87 22.01 38.79 2.29
C VAL A 87 21.62 39.59 1.07
N ALA A 88 20.35 39.51 0.67
CA ALA A 88 19.88 40.24 -0.51
C ALA A 88 19.94 41.74 -0.34
N THR A 89 19.90 42.24 0.88
CA THR A 89 20.08 43.68 1.07
C THR A 89 21.55 44.05 1.15
N GLU A 90 22.32 43.30 1.90
CA GLU A 90 23.66 43.73 2.26
C GLU A 90 24.74 43.29 1.29
N ALA A 91 24.43 42.48 0.30
CA ALA A 91 25.48 41.79 -0.45
C ALA A 91 26.18 42.69 -1.44
N ASN A 92 25.44 43.54 -2.15
CA ASN A 92 25.88 44.23 -3.36
C ASN A 92 26.38 43.22 -4.39
N SER A 93 25.43 42.38 -4.81
CA SER A 93 25.62 41.31 -5.76
C SER A 93 24.53 41.46 -6.79
N THR A 94 24.35 40.45 -7.62
CA THR A 94 23.13 40.30 -8.40
C THR A 94 22.50 38.99 -7.97
N PHE A 95 21.20 39.02 -7.70
CA PHE A 95 20.58 38.04 -6.81
C PHE A 95 19.43 37.35 -7.52
N PHE A 96 19.54 36.05 -7.75
CA PHE A 96 18.54 35.31 -8.51
C PHE A 96 17.77 34.47 -7.52
N SER A 97 16.50 34.75 -7.33
CA SER A 97 15.72 34.00 -6.36
C SER A 97 14.89 32.92 -7.04
N VAL A 98 15.57 32.03 -7.77
CA VAL A 98 14.89 31.17 -8.71
C VAL A 98 14.18 30.06 -7.95
N SER A 99 13.25 29.39 -8.61
CA SER A 99 12.49 28.34 -7.97
C SER A 99 12.00 27.38 -9.04
N SER A 100 11.37 26.30 -8.58
CA SER A 100 10.93 25.23 -9.46
C SER A 100 9.83 25.63 -10.42
N SER A 101 9.15 26.74 -10.17
CA SER A 101 8.18 27.22 -11.13
C SER A 101 8.84 27.78 -12.37
N ASP A 102 10.10 28.15 -12.28
CA ASP A 102 10.72 28.96 -13.31
C ASP A 102 11.73 28.15 -14.10
N LEU A 103 11.83 26.86 -13.85
CA LEU A 103 12.78 26.01 -14.53
C LEU A 103 12.15 24.88 -15.31
N VAL A 104 10.96 24.40 -14.95
CA VAL A 104 10.42 23.18 -15.55
C VAL A 104 9.55 23.56 -16.74
N SER A 105 9.51 22.73 -17.80
CA SER A 105 8.69 23.05 -18.96
C SER A 105 8.11 21.81 -19.64
N LYS A 106 7.05 22.05 -20.43
CA LYS A 106 6.38 20.99 -21.20
C LYS A 106 7.30 20.40 -22.25
N TRP A 107 7.93 21.28 -23.03
CA TRP A 107 8.72 20.90 -24.18
C TRP A 107 10.01 20.25 -23.71
N MET A 108 10.31 19.07 -24.26
CA MET A 108 11.50 18.35 -23.81
C MET A 108 12.74 19.05 -24.32
N GLY A 109 13.77 19.09 -23.50
CA GLY A 109 14.93 19.87 -23.86
C GLY A 109 14.81 21.35 -23.57
N GLU A 110 13.80 21.75 -22.81
CA GLU A 110 13.77 23.07 -22.21
C GLU A 110 14.23 23.07 -20.77
N SER A 111 14.12 21.98 -20.07
CA SER A 111 14.66 21.95 -18.73
C SER A 111 16.11 21.49 -18.69
N GLU A 112 16.82 21.79 -19.78
CA GLU A 112 18.26 21.72 -19.90
C GLU A 112 18.78 23.11 -20.17
N LYS A 113 18.25 23.77 -21.20
CA LYS A 113 18.65 25.11 -21.57
C LYS A 113 18.27 26.14 -20.54
N LEU A 114 17.27 25.85 -19.70
CA LEU A 114 16.85 26.84 -18.73
C LEU A 114 17.86 26.94 -17.58
N VAL A 115 18.31 25.81 -17.04
CA VAL A 115 19.37 25.81 -16.02
C VAL A 115 20.66 26.37 -16.61
N LYS A 116 20.99 25.92 -17.82
CA LYS A 116 22.21 26.36 -18.49
C LYS A 116 22.23 27.87 -18.73
N GLN A 117 21.10 28.42 -19.18
CA GLN A 117 20.94 29.87 -19.29
C GLN A 117 21.09 30.57 -17.95
N LEU A 118 20.55 29.97 -16.88
CA LEU A 118 20.59 30.58 -15.55
C LEU A 118 22.03 30.81 -15.12
N PHE A 119 22.87 29.78 -15.21
CA PHE A 119 24.24 29.98 -14.78
C PHE A 119 25.02 30.85 -15.76
N ALA A 120 24.66 30.86 -17.04
CA ALA A 120 25.39 31.73 -17.96
C ALA A 120 25.09 33.20 -17.72
N MET A 121 23.87 33.55 -17.32
CA MET A 121 23.58 34.93 -16.98
C MET A 121 24.09 35.29 -15.59
N ALA A 122 24.24 34.29 -14.72
CA ALA A 122 24.97 34.52 -13.48
C ALA A 122 26.42 34.89 -13.76
N ARG A 123 27.02 34.31 -14.81
CA ARG A 123 28.36 34.76 -15.17
C ARG A 123 28.36 35.99 -16.06
N GLU A 124 27.22 36.38 -16.62
CA GLU A 124 27.10 37.74 -17.12
C GLU A 124 27.18 38.75 -16.00
N ASN A 125 26.60 38.41 -14.85
CA ASN A 125 26.44 39.36 -13.76
C ASN A 125 27.27 39.02 -12.54
N LYS A 126 28.53 38.68 -12.73
CA LYS A 126 29.42 38.44 -11.60
C LYS A 126 29.68 39.74 -10.85
N PRO A 127 29.64 39.73 -9.51
CA PRO A 127 29.36 38.62 -8.57
C PRO A 127 27.89 38.24 -8.49
N SER A 128 27.63 36.96 -8.35
CA SER A 128 26.26 36.46 -8.35
C SER A 128 26.05 35.57 -7.16
N ILE A 129 24.98 35.79 -6.43
CA ILE A 129 24.51 34.80 -5.48
C ILE A 129 23.11 34.38 -5.90
N ILE A 130 22.88 33.08 -5.93
CA ILE A 130 21.68 32.46 -6.46
C ILE A 130 21.02 31.69 -5.35
N PHE A 131 19.74 31.94 -5.13
CA PHE A 131 19.04 31.40 -3.99
C PHE A 131 18.00 30.41 -4.45
N ILE A 132 18.39 29.16 -4.60
CA ILE A 132 17.47 28.11 -4.99
C ILE A 132 16.71 27.69 -3.75
N ASP A 133 15.57 28.29 -3.52
CA ASP A 133 14.83 28.09 -2.28
C ASP A 133 14.06 26.79 -2.37
N GLU A 134 14.15 26.00 -1.31
CA GLU A 134 13.48 24.71 -1.16
C GLU A 134 13.89 23.72 -2.25
N VAL A 135 15.16 23.32 -2.20
CA VAL A 135 15.77 22.45 -3.19
C VAL A 135 15.21 21.05 -3.22
N ASP A 136 14.43 20.65 -2.24
CA ASP A 136 13.88 19.30 -2.29
C ASP A 136 12.74 19.16 -3.27
N ALA A 137 12.27 20.25 -3.87
CA ALA A 137 11.22 20.21 -4.86
C ALA A 137 11.74 20.12 -6.27
N LEU A 138 13.03 20.37 -6.48
CA LEU A 138 13.66 20.11 -7.76
C LEU A 138 14.26 18.73 -7.84
N THR A 139 14.74 18.20 -6.72
CA THR A 139 15.74 17.13 -6.65
C THR A 139 15.23 15.99 -5.78
N GLY A 140 14.51 15.05 -6.38
CA GLY A 140 13.72 14.08 -5.66
C GLY A 140 14.07 12.62 -5.82
N THR A 141 15.34 12.28 -5.70
CA THR A 141 15.97 10.95 -5.55
C THR A 141 15.87 10.06 -6.78
N ARG A 142 15.12 10.49 -7.81
CA ARG A 142 14.94 9.86 -9.14
C ARG A 142 14.83 8.34 -9.13
N GLY A 143 13.81 7.82 -8.44
CA GLY A 143 13.47 6.42 -8.53
C GLY A 143 12.01 6.23 -8.84
N GLU A 144 11.25 7.32 -8.73
CA GLU A 144 9.82 7.30 -8.99
C GLU A 144 9.39 8.45 -9.90
N GLY A 145 10.27 9.37 -10.22
CA GLY A 145 9.88 10.58 -10.91
C GLY A 145 9.70 10.39 -12.40
N GLU A 146 9.14 11.40 -13.02
CA GLU A 146 8.90 11.39 -14.44
C GLU A 146 10.16 11.74 -15.22
N SER A 147 10.14 11.35 -16.50
CA SER A 147 11.31 11.37 -17.36
C SER A 147 11.87 12.77 -17.52
N GLU A 148 11.05 13.70 -17.99
CA GLU A 148 11.55 15.00 -18.37
C GLU A 148 12.00 15.80 -17.16
N ALA A 149 11.06 16.08 -16.27
CA ALA A 149 11.32 16.97 -15.16
C ALA A 149 12.38 16.40 -14.24
N SER A 150 12.29 15.14 -13.84
CA SER A 150 13.26 14.87 -12.77
C SER A 150 14.67 14.62 -13.31
N ARG A 151 14.83 13.92 -14.45
CA ARG A 151 16.20 13.47 -14.68
C ARG A 151 17.06 14.54 -15.31
N ARG A 152 16.54 15.28 -16.31
CA ARG A 152 17.55 16.08 -17.01
C ARG A 152 17.88 17.33 -16.21
N ILE A 153 16.93 17.80 -15.40
CA ILE A 153 17.18 18.89 -14.48
C ILE A 153 18.24 18.52 -13.46
N LYS A 154 18.08 17.36 -12.81
CA LYS A 154 19.01 17.13 -11.72
C LYS A 154 20.41 16.79 -12.22
N THR A 155 20.52 16.13 -13.38
CA THR A 155 21.86 15.83 -13.90
C THR A 155 22.58 17.08 -14.40
N GLU A 156 21.86 17.95 -15.15
CA GLU A 156 22.45 19.21 -15.60
C GLU A 156 22.85 20.11 -14.45
N LEU A 157 22.06 20.09 -13.37
CA LEU A 157 22.37 20.91 -12.21
C LEU A 157 23.59 20.37 -11.49
N LEU A 158 23.72 19.04 -11.40
CA LEU A 158 24.93 18.46 -10.80
C LEU A 158 26.18 18.83 -11.56
N VAL A 159 26.12 18.77 -12.90
CA VAL A 159 27.24 19.19 -13.73
C VAL A 159 27.59 20.65 -13.45
N GLN A 160 26.61 21.52 -13.51
CA GLN A 160 26.93 22.94 -13.48
C GLN A 160 27.30 23.41 -12.08
N MET A 161 26.95 22.64 -11.05
CA MET A 161 27.50 22.81 -9.72
C MET A 161 28.80 22.06 -9.50
N ASN A 162 29.31 21.35 -10.52
CA ASN A 162 30.69 20.90 -10.50
C ASN A 162 31.64 21.89 -11.17
N GLY A 163 31.39 23.18 -11.07
CA GLY A 163 32.34 24.19 -11.48
C GLY A 163 33.23 24.70 -10.36
N VAL A 164 34.20 23.90 -9.93
CA VAL A 164 34.93 24.23 -8.71
C VAL A 164 35.91 25.38 -8.94
N GLY A 165 36.81 25.22 -9.90
CA GLY A 165 37.89 26.19 -10.03
C GLY A 165 37.59 27.44 -10.83
N ASN A 166 36.60 27.33 -11.69
CA ASN A 166 36.20 28.39 -12.61
C ASN A 166 35.27 29.39 -11.95
N ASP A 167 34.59 28.99 -10.88
CA ASP A 167 33.59 29.81 -10.23
C ASP A 167 34.21 30.45 -8.97
N SER A 168 35.17 31.34 -9.23
CA SER A 168 35.89 32.07 -8.19
C SER A 168 35.36 33.48 -8.00
N GLN A 169 34.58 33.97 -8.95
CA GLN A 169 33.67 35.08 -8.76
C GLN A 169 32.31 34.53 -9.14
N GLY A 170 31.25 35.21 -8.73
CA GLY A 170 29.97 34.71 -9.14
C GLY A 170 29.50 33.66 -8.17
N VAL A 171 29.12 32.49 -8.68
CA VAL A 171 28.04 31.71 -8.09
C VAL A 171 28.37 31.25 -6.68
N LEU A 172 27.59 31.73 -5.75
CA LEU A 172 27.47 31.13 -4.44
C LEU A 172 26.05 30.63 -4.32
N VAL A 173 25.89 29.34 -4.13
CA VAL A 173 24.58 28.75 -4.24
C VAL A 173 24.05 28.58 -2.84
N LEU A 174 23.11 29.41 -2.41
CA LEU A 174 22.48 29.19 -1.12
C LEU A 174 21.41 28.13 -1.24
N GLY A 175 20.61 28.00 -0.21
CA GLY A 175 19.50 27.08 -0.31
C GLY A 175 18.95 26.85 1.06
N ALA A 176 17.64 26.82 1.21
CA ALA A 176 17.04 26.56 2.49
C ALA A 176 16.13 25.36 2.37
N THR A 177 15.87 24.67 3.47
CA THR A 177 14.94 23.56 3.43
C THR A 177 14.41 23.26 4.82
N ASN A 178 13.25 22.63 4.87
CA ASN A 178 12.71 22.15 6.12
C ASN A 178 12.80 20.66 6.28
N ILE A 179 13.01 19.93 5.19
CA ILE A 179 13.09 18.48 5.25
C ILE A 179 14.49 18.13 4.78
N PRO A 180 15.53 18.28 5.59
CA PRO A 180 16.86 18.06 5.07
C PRO A 180 17.23 16.59 4.93
N TRP A 181 16.43 15.67 5.44
CA TRP A 181 16.73 14.27 5.28
C TRP A 181 16.17 13.68 4.00
N GLN A 182 15.34 14.42 3.28
CA GLN A 182 14.81 13.97 1.99
C GLN A 182 15.59 14.56 0.85
N LEU A 183 16.88 14.70 0.99
CA LEU A 183 17.70 15.37 0.02
C LEU A 183 18.65 14.33 -0.54
N ASP A 184 18.90 14.40 -1.85
CA ASP A 184 19.76 13.42 -2.50
C ASP A 184 21.20 13.55 -2.05
N SER A 185 21.89 12.43 -1.90
CA SER A 185 23.23 12.45 -1.31
C SER A 185 24.28 13.10 -2.19
N ALA A 186 24.07 13.15 -3.50
CA ALA A 186 24.98 13.92 -4.34
C ALA A 186 24.80 15.41 -4.13
N ILE A 187 23.61 15.83 -3.75
CA ILE A 187 23.34 17.24 -3.53
C ILE A 187 23.62 17.61 -2.10
N ARG A 188 23.53 16.66 -1.20
CA ARG A 188 24.11 16.85 0.12
C ARG A 188 25.62 17.00 0.02
N ARG A 189 26.23 16.36 -0.95
CA ARG A 189 27.66 16.55 -1.15
C ARG A 189 27.98 17.92 -1.71
N ARG A 190 27.16 18.45 -2.64
CA ARG A 190 27.52 19.71 -3.28
C ARG A 190 27.44 20.90 -2.34
N PHE A 191 26.51 20.88 -1.40
CA PHE A 191 26.36 21.91 -0.38
C PHE A 191 27.37 21.64 0.70
N GLU A 192 28.43 22.42 0.75
CA GLU A 192 29.55 21.96 1.52
C GLU A 192 29.57 22.50 2.93
N ARG A 193 28.61 23.32 3.35
CA ARG A 193 28.49 23.71 4.75
C ARG A 193 27.03 23.69 5.13
N ARG A 194 26.55 22.56 5.62
CA ARG A 194 25.17 22.45 6.06
C ARG A 194 25.02 23.06 7.45
N ILE A 195 24.55 24.29 7.55
CA ILE A 195 24.38 24.97 8.84
C ILE A 195 22.96 24.78 9.32
N TYR A 196 22.75 24.66 10.63
CA TYR A 196 21.46 24.38 11.24
C TYR A 196 20.95 25.59 11.98
N ILE A 197 19.77 26.07 11.62
CA ILE A 197 19.18 27.27 12.22
C ILE A 197 18.14 26.83 13.25
N PRO A 198 18.40 26.95 14.55
CA PRO A 198 17.49 26.35 15.53
C PRO A 198 16.46 27.32 16.09
N LEU A 199 15.56 26.79 16.92
CA LEU A 199 14.63 27.63 17.67
C LEU A 199 15.40 28.54 18.62
N PRO A 200 14.97 29.77 18.84
CA PRO A 200 15.80 30.72 19.57
C PRO A 200 15.67 30.67 21.10
N ASP A 201 16.80 30.98 21.74
CA ASP A 201 16.98 31.04 23.19
C ASP A 201 16.81 32.46 23.70
N LEU A 202 17.23 32.72 24.95
CA LEU A 202 16.61 33.76 25.76
C LEU A 202 16.94 35.17 25.27
N ALA A 203 18.23 35.43 25.03
CA ALA A 203 18.65 36.75 24.60
C ALA A 203 18.10 37.10 23.23
N ALA A 204 17.96 36.10 22.36
CA ALA A 204 17.42 36.33 21.04
C ALA A 204 15.94 36.68 21.10
N ARG A 205 15.18 35.98 21.94
CA ARG A 205 13.77 36.28 22.09
C ARG A 205 13.54 37.67 22.64
N THR A 206 14.35 38.06 23.64
CA THR A 206 14.24 39.40 24.19
C THR A 206 14.57 40.44 23.13
N THR A 207 15.56 40.15 22.29
CA THR A 207 15.91 41.05 21.20
C THR A 207 14.78 41.15 20.20
N MET A 208 14.08 40.04 19.94
CA MET A 208 13.02 40.09 18.93
C MET A 208 11.81 40.86 19.42
N PHE A 209 11.50 40.80 20.72
CA PHE A 209 10.43 41.66 21.21
C PHE A 209 10.81 43.13 21.11
N GLU A 210 12.05 43.46 21.49
CA GLU A 210 12.50 44.84 21.41
C GLU A 210 12.52 45.36 19.98
N ILE A 211 12.80 44.50 19.01
CA ILE A 211 12.77 44.94 17.62
C ILE A 211 11.34 45.10 17.13
N ASN A 212 10.51 44.08 17.34
CA ASN A 212 9.17 44.08 16.75
C ASN A 212 8.24 45.10 17.37
N VAL A 213 8.48 45.59 18.59
CA VAL A 213 7.63 46.69 19.00
C VAL A 213 8.01 47.99 18.31
N GLY A 214 9.21 48.08 17.76
CA GLY A 214 9.56 49.22 16.92
C GLY A 214 9.67 50.50 17.72
N ASP A 215 9.03 51.55 17.22
CA ASP A 215 8.98 52.83 17.90
C ASP A 215 7.59 53.12 18.43
N THR A 216 6.87 52.09 18.81
CA THR A 216 5.52 52.25 19.32
C THR A 216 5.58 52.65 20.80
N PRO A 217 4.81 53.67 21.22
CA PRO A 217 4.84 54.10 22.63
C PRO A 217 4.36 53.04 23.60
N CYS A 218 5.26 52.58 24.46
CA CYS A 218 4.95 51.55 25.42
C CYS A 218 5.59 51.88 26.76
N VAL A 219 4.95 51.43 27.83
CA VAL A 219 5.41 51.67 29.18
C VAL A 219 6.40 50.60 29.64
N LEU A 220 6.80 49.71 28.75
CA LEU A 220 7.59 48.56 29.13
C LEU A 220 9.04 48.94 29.42
N THR A 221 9.66 48.17 30.30
CA THR A 221 11.05 48.34 30.66
C THR A 221 11.86 47.15 30.15
N LYS A 222 13.14 47.16 30.48
CA LYS A 222 14.01 46.05 30.10
C LYS A 222 13.63 44.78 30.83
N GLU A 223 13.19 44.89 32.08
CA GLU A 223 12.76 43.71 32.81
C GLU A 223 11.42 43.19 32.33
N ASP A 224 10.65 44.02 31.63
CA ASP A 224 9.41 43.54 31.04
C ASP A 224 9.69 42.68 29.82
N TYR A 225 10.54 43.17 28.91
CA TYR A 225 10.92 42.36 27.77
C TYR A 225 11.65 41.11 28.22
N ARG A 226 12.44 41.25 29.27
CA ARG A 226 13.14 40.12 29.87
C ARG A 226 12.15 39.11 30.42
N THR A 227 11.04 39.60 30.98
CA THR A 227 10.00 38.74 31.51
C THR A 227 9.34 37.95 30.40
N LEU A 228 8.98 38.63 29.30
CA LEU A 228 8.31 37.97 28.19
C LEU A 228 9.21 36.96 27.51
N GLY A 229 10.47 37.34 27.29
CA GLY A 229 11.45 36.41 26.77
C GLY A 229 11.64 35.19 27.65
N ALA A 230 11.53 35.36 28.96
CA ALA A 230 11.53 34.20 29.83
C ALA A 230 10.25 33.39 29.70
N MET A 231 9.16 34.04 29.28
CA MET A 231 7.87 33.38 29.27
C MET A 231 7.69 32.49 28.04
N THR A 232 8.37 32.79 26.93
CA THR A 232 8.04 32.21 25.62
C THR A 232 8.96 31.10 25.19
N GLU A 233 9.37 30.15 26.02
CA GLU A 233 10.30 29.15 25.54
C GLU A 233 9.61 28.11 24.68
N GLY A 234 10.12 27.95 23.46
CA GLY A 234 9.55 27.08 22.46
C GLY A 234 9.08 27.80 21.23
N TYR A 235 9.10 29.11 21.21
CA TYR A 235 8.54 29.85 20.10
C TYR A 235 9.64 30.15 19.10
N SER A 236 9.29 30.14 17.83
CA SER A 236 10.19 30.57 16.79
C SER A 236 9.97 32.06 16.54
N GLY A 237 10.68 32.62 15.57
CA GLY A 237 10.60 34.05 15.35
C GLY A 237 9.32 34.50 14.69
N SER A 238 8.67 33.59 13.97
CA SER A 238 7.35 33.88 13.42
C SER A 238 6.35 34.12 14.52
N ASP A 239 6.36 33.24 15.52
CA ASP A 239 5.37 33.30 16.58
C ASP A 239 5.52 34.56 17.38
N ILE A 240 6.74 35.00 17.60
CA ILE A 240 6.91 36.23 18.33
C ILE A 240 6.56 37.42 17.47
N ALA A 241 6.73 37.31 16.15
CA ALA A 241 6.23 38.38 15.30
C ALA A 241 4.70 38.47 15.31
N VAL A 242 4.00 37.36 15.51
CA VAL A 242 2.55 37.46 15.56
C VAL A 242 2.02 37.74 16.96
N VAL A 243 2.76 37.44 18.02
CA VAL A 243 2.26 37.92 19.30
C VAL A 243 2.51 39.42 19.42
N VAL A 244 3.51 39.95 18.74
CA VAL A 244 3.63 41.40 18.74
C VAL A 244 2.60 42.01 17.82
N LYS A 245 2.21 41.32 16.75
CA LYS A 245 1.14 41.82 15.90
C LYS A 245 -0.19 41.90 16.65
N ASP A 246 -0.54 40.84 17.37
CA ASP A 246 -1.81 40.80 18.10
C ASP A 246 -1.80 41.78 19.27
N ALA A 247 -0.69 41.85 20.00
CA ALA A 247 -0.60 42.79 21.11
C ALA A 247 -0.62 44.23 20.64
N LEU A 248 -0.13 44.50 19.43
CA LEU A 248 -0.33 45.84 18.90
C LEU A 248 -1.75 46.07 18.42
N MET A 249 -2.53 45.02 18.18
CA MET A 249 -3.95 45.26 17.91
C MET A 249 -4.71 45.67 19.14
N GLN A 250 -4.32 45.15 20.33
CA GLN A 250 -5.02 45.41 21.61
C GLN A 250 -5.50 46.83 21.97
N PRO A 251 -4.82 47.91 21.55
CA PRO A 251 -5.45 49.22 21.69
C PRO A 251 -6.73 49.42 20.90
N ILE A 252 -6.80 48.94 19.66
CA ILE A 252 -8.01 49.17 18.86
C ILE A 252 -9.17 48.33 19.40
N ARG A 253 -8.89 47.22 20.07
CA ARG A 253 -9.93 46.60 20.89
C ARG A 253 -10.33 47.50 22.04
N LYS A 254 -9.37 48.15 22.69
CA LYS A 254 -9.73 49.14 23.71
C LYS A 254 -10.18 50.49 23.13
N ILE A 255 -10.53 50.60 21.85
CA ILE A 255 -11.20 51.77 21.31
C ILE A 255 -12.55 51.40 20.72
N GLN A 256 -12.63 50.27 20.02
CA GLN A 256 -13.90 49.74 19.57
C GLN A 256 -14.80 49.40 20.75
N SER A 257 -14.24 48.75 21.76
CA SER A 257 -15.05 48.41 22.92
C SER A 257 -15.08 49.64 23.80
N ALA A 258 -15.87 50.65 23.43
CA ALA A 258 -15.90 51.87 24.21
C ALA A 258 -17.25 52.52 24.45
N THR A 259 -17.51 52.79 25.73
CA THR A 259 -18.70 53.45 26.23
C THR A 259 -18.05 54.42 27.20
N HIS A 260 -17.72 55.60 26.71
CA HIS A 260 -16.95 56.59 27.51
C HIS A 260 -15.50 56.86 27.09
N PHE A 261 -15.24 58.12 26.74
CA PHE A 261 -13.89 58.63 26.51
C PHE A 261 -13.64 59.86 27.40
N LYS A 262 -12.50 60.52 27.24
CA LYS A 262 -12.08 61.58 28.15
C LYS A 262 -10.96 62.40 27.55
N ASP A 263 -11.03 63.72 27.73
CA ASP A 263 -9.99 64.63 27.21
C ASP A 263 -8.75 64.63 28.10
N VAL A 264 -7.57 64.73 27.48
CA VAL A 264 -6.29 64.81 28.18
C VAL A 264 -5.38 65.84 27.49
N SER A 265 -4.20 66.09 28.09
CA SER A 265 -3.19 67.07 27.60
C SER A 265 -3.31 68.44 28.29
N GLU A 270 -2.18 70.27 21.59
CA GLU A 270 -2.52 70.77 20.27
C GLU A 270 -3.99 70.52 19.87
N THR A 271 -4.90 71.11 20.67
CA THR A 271 -6.37 71.13 20.43
C THR A 271 -7.10 69.77 20.54
N ARG A 272 -7.75 69.55 21.67
CA ARG A 272 -8.63 68.41 21.93
C ARG A 272 -7.97 67.08 21.66
N LYS A 273 -8.01 66.20 22.66
CA LYS A 273 -7.50 64.81 22.48
C LYS A 273 -8.07 63.79 23.49
N LEU A 274 -8.90 62.88 23.00
CA LEU A 274 -9.64 61.97 23.88
C LEU A 274 -9.33 60.48 23.74
N THR A 275 -9.34 59.79 24.88
CA THR A 275 -8.93 58.39 25.02
C THR A 275 -10.00 57.60 25.79
N PRO A 276 -10.06 56.27 25.61
CA PRO A 276 -11.03 55.46 26.36
C PRO A 276 -10.75 55.45 27.85
N CYS A 277 -11.81 55.59 28.64
CA CYS A 277 -11.72 55.51 30.10
C CYS A 277 -12.97 54.81 30.65
N SER A 278 -12.86 54.29 31.87
CA SER A 278 -13.96 53.55 32.52
C SER A 278 -15.24 54.40 32.71
N PRO A 279 -16.42 53.75 32.86
CA PRO A 279 -17.63 54.52 33.17
C PRO A 279 -17.51 55.34 34.46
N GLY A 280 -17.63 56.66 34.34
CA GLY A 280 -17.56 57.55 35.50
C GLY A 280 -16.13 57.80 35.93
N ASP A 281 -15.54 58.86 35.37
CA ASP A 281 -14.14 59.28 35.62
C ASP A 281 -13.98 60.80 35.38
N ASP A 282 -12.80 61.33 35.70
CA ASP A 282 -12.49 62.76 35.54
C ASP A 282 -12.62 63.26 34.09
N GLY A 283 -13.81 63.75 33.75
CA GLY A 283 -14.09 64.23 32.39
C GLY A 283 -14.62 63.16 31.45
N ALA A 284 -15.17 62.10 32.04
CA ALA A 284 -15.70 60.97 31.29
C ALA A 284 -17.04 61.27 30.60
N ILE A 285 -16.96 61.70 29.34
CA ILE A 285 -18.14 61.80 28.47
C ILE A 285 -18.53 60.39 27.99
N GLU A 286 -19.79 60.18 27.62
CA GLU A 286 -20.24 58.87 27.09
C GLU A 286 -20.40 58.92 25.58
N MET A 287 -19.61 58.11 24.87
CA MET A 287 -19.64 58.10 23.41
C MET A 287 -19.00 56.84 22.82
N SER A 288 -18.95 56.80 21.49
CA SER A 288 -18.28 55.74 20.75
C SER A 288 -17.19 56.36 19.87
N TRP A 289 -16.24 55.54 19.43
CA TRP A 289 -15.12 56.01 18.57
C TRP A 289 -15.61 56.72 17.33
N THR A 290 -16.77 56.26 16.85
CA THR A 290 -17.46 56.81 15.70
C THR A 290 -17.81 58.28 15.91
N ASP A 291 -18.12 58.62 17.17
CA ASP A 291 -18.53 59.97 17.55
C ASP A 291 -17.35 60.93 17.52
N ILE A 292 -16.14 60.40 17.50
CA ILE A 292 -14.96 61.23 17.75
C ILE A 292 -14.24 61.62 16.48
N GLU A 293 -13.73 62.85 16.47
CA GLU A 293 -13.20 63.49 15.27
C GLU A 293 -11.87 62.91 14.80
N ALA A 294 -11.68 62.94 13.48
CA ALA A 294 -10.43 62.54 12.84
C ALA A 294 -9.23 63.03 13.64
N ASP A 295 -8.23 62.16 13.72
CA ASP A 295 -7.00 62.37 14.53
C ASP A 295 -7.23 62.51 16.05
N GLU A 296 -8.07 63.46 16.45
CA GLU A 296 -8.19 63.86 17.85
C GLU A 296 -8.54 62.73 18.83
N LEU A 297 -8.18 61.52 18.44
CA LEU A 297 -8.22 60.31 19.25
C LEU A 297 -6.87 60.10 19.90
N LYS A 298 -6.89 59.68 21.16
CA LYS A 298 -5.65 59.40 21.87
C LYS A 298 -5.52 57.88 22.01
N GLU A 299 -4.78 57.27 21.10
CA GLU A 299 -4.57 55.83 21.13
C GLU A 299 -3.90 55.36 22.41
N PRO A 300 -4.59 54.49 23.17
CA PRO A 300 -4.11 53.93 24.44
C PRO A 300 -2.72 53.29 24.37
N ASP A 301 -2.01 53.36 25.49
CA ASP A 301 -0.65 52.83 25.60
C ASP A 301 -0.57 51.31 25.59
N LEU A 302 0.64 50.79 25.43
CA LEU A 302 0.86 49.37 25.42
C LEU A 302 1.29 48.93 26.82
N THR A 303 0.51 48.04 27.41
CA THR A 303 0.78 47.54 28.74
C THR A 303 1.56 46.24 28.64
N ILE A 304 1.74 45.58 29.78
CA ILE A 304 2.19 44.19 29.77
C ILE A 304 1.02 43.19 29.78
N LYS A 305 -0.18 43.62 30.17
CA LYS A 305 -1.33 42.74 30.07
C LYS A 305 -1.72 42.50 28.63
N ASP A 306 -1.34 43.40 27.72
CA ASP A 306 -1.57 43.15 26.29
C ASP A 306 -0.74 41.98 25.81
N PHE A 307 0.52 41.93 26.22
CA PHE A 307 1.39 40.83 25.81
C PHE A 307 1.01 39.55 26.51
N LEU A 308 0.62 39.62 27.78
CA LEU A 308 0.18 38.41 28.46
C LEU A 308 -1.11 37.88 27.87
N LYS A 309 -1.96 38.78 27.42
CA LYS A 309 -3.18 38.43 26.70
C LYS A 309 -2.86 37.69 25.41
N ALA A 310 -1.91 38.23 24.65
CA ALA A 310 -1.55 37.62 23.38
C ALA A 310 -0.88 36.26 23.57
N ILE A 311 -0.03 36.14 24.59
CA ILE A 311 0.69 34.90 24.82
C ILE A 311 -0.23 33.82 25.34
N LYS A 312 -1.28 34.20 26.08
CA LYS A 312 -2.30 33.23 26.43
C LYS A 312 -3.05 32.73 25.20
N SER A 313 -3.32 33.63 24.25
CA SER A 313 -4.14 33.22 23.11
C SER A 313 -3.34 32.46 22.06
N THR A 314 -2.09 32.83 21.82
CA THR A 314 -1.30 32.25 20.76
C THR A 314 -0.50 31.06 21.27
N ARG A 315 -0.51 29.99 20.49
CA ARG A 315 -0.03 28.69 20.85
C ARG A 315 1.05 28.25 19.86
N PRO A 316 2.14 27.59 20.32
CA PRO A 316 3.33 27.35 19.47
C PRO A 316 3.06 26.51 18.23
N THR A 317 4.06 26.49 17.36
CA THR A 317 3.94 25.93 16.02
C THR A 317 4.71 24.63 15.80
N VAL A 318 5.95 24.52 16.23
CA VAL A 318 6.73 23.31 16.00
C VAL A 318 6.33 22.22 16.98
N ASN A 319 6.34 20.99 16.49
CA ASN A 319 6.04 19.80 17.30
C ASN A 319 7.33 19.08 17.65
N GLU A 320 7.39 18.55 18.87
CA GLU A 320 8.65 18.10 19.41
C GLU A 320 9.04 16.69 18.99
N ASP A 321 8.63 16.23 17.81
CA ASP A 321 9.28 15.10 17.16
C ASP A 321 9.93 15.47 15.85
N ASP A 322 9.44 16.54 15.21
CA ASP A 322 10.14 17.19 14.11
C ASP A 322 11.55 17.54 14.52
N LEU A 323 11.72 18.02 15.75
CA LEU A 323 13.05 18.29 16.28
C LEU A 323 13.89 17.03 16.41
N LEU A 324 13.29 15.87 16.60
CA LEU A 324 14.11 14.66 16.69
C LEU A 324 14.70 14.30 15.35
N LYS A 325 13.94 14.49 14.28
CA LYS A 325 14.54 14.16 12.99
C LYS A 325 15.51 15.24 12.51
N GLN A 326 15.31 16.49 12.92
CA GLN A 326 16.31 17.52 12.64
C GLN A 326 17.61 17.22 13.34
N GLU A 327 17.54 16.85 14.62
CA GLU A 327 18.75 16.54 15.37
C GLU A 327 19.41 15.27 14.86
N GLN A 328 18.62 14.34 14.36
CA GLN A 328 19.13 13.16 13.65
C GLN A 328 20.03 13.56 12.49
N PHE A 329 19.51 14.39 11.59
CA PHE A 329 20.29 14.79 10.43
C PHE A 329 21.51 15.61 10.82
N THR A 330 21.41 16.39 11.89
CA THR A 330 22.56 17.19 12.30
C THR A 330 23.65 16.31 12.86
N ARG A 331 23.27 15.26 13.54
CA ARG A 331 24.23 14.34 14.12
C ARG A 331 24.82 13.40 13.09
N ASP A 332 24.14 13.16 11.97
CA ASP A 332 24.68 12.30 10.93
C ASP A 332 25.43 13.03 9.83
N PHE A 333 25.07 14.27 9.48
CA PHE A 333 25.70 14.93 8.35
C PHE A 333 26.00 16.40 8.52
N GLY A 334 25.65 17.02 9.64
CA GLY A 334 25.56 18.48 9.69
C GLY A 334 26.49 19.24 10.62
N ASN B 13 -0.33 33.25 -21.47
CA ASN B 13 -0.82 34.49 -20.89
C ASN B 13 -2.34 34.54 -20.88
N LYS B 14 -2.89 34.91 -22.03
CA LYS B 14 -4.32 35.14 -22.17
C LYS B 14 -5.10 33.85 -22.23
N LYS B 15 -4.47 32.74 -22.61
CA LYS B 15 -5.11 31.44 -22.47
C LYS B 15 -5.37 31.16 -21.00
N LEU B 16 -4.40 31.50 -20.15
CA LEU B 16 -4.52 31.20 -18.75
C LEU B 16 -5.50 32.14 -18.07
N ARG B 17 -5.50 33.42 -18.45
CA ARG B 17 -6.53 34.32 -17.93
C ARG B 17 -7.91 33.97 -18.47
N GLY B 18 -7.98 33.37 -19.65
CA GLY B 18 -9.23 32.82 -20.12
C GLY B 18 -9.69 31.65 -19.28
N ALA B 19 -8.75 30.90 -18.70
CA ALA B 19 -9.16 29.85 -17.78
C ALA B 19 -9.63 30.44 -16.46
N LEU B 20 -8.87 31.34 -15.87
CA LEU B 20 -9.19 31.82 -14.53
C LEU B 20 -10.11 33.03 -14.54
N SER B 21 -10.74 33.35 -15.66
CA SER B 21 -11.77 34.38 -15.61
C SER B 21 -13.02 33.88 -14.91
N SER B 22 -13.21 32.57 -14.81
CA SER B 22 -14.40 32.00 -14.21
C SER B 22 -14.21 31.73 -12.73
N ALA B 23 -13.34 32.48 -12.06
CA ALA B 23 -13.16 32.34 -10.63
C ALA B 23 -13.51 33.60 -9.87
N ILE B 24 -13.43 34.75 -10.52
CA ILE B 24 -13.83 36.02 -9.92
C ILE B 24 -15.32 35.98 -9.80
N LEU B 25 -15.85 35.63 -8.62
CA LEU B 25 -17.28 35.47 -8.54
C LEU B 25 -17.97 36.83 -8.55
N SER B 26 -19.20 36.84 -9.04
CA SER B 26 -19.86 38.10 -9.35
C SER B 26 -21.31 38.11 -8.92
N GLU B 27 -21.66 37.46 -7.82
CA GLU B 27 -23.08 37.41 -7.49
C GLU B 27 -23.43 37.76 -6.05
N LYS B 28 -22.46 37.85 -5.13
CA LYS B 28 -22.63 38.28 -3.74
C LYS B 28 -23.70 37.51 -3.00
N PRO B 29 -23.41 36.30 -2.54
CA PRO B 29 -24.41 35.50 -1.82
C PRO B 29 -24.87 36.19 -0.55
N ASN B 30 -26.15 36.51 -0.49
CA ASN B 30 -26.65 37.44 0.53
C ASN B 30 -26.80 36.75 1.87
N VAL B 31 -25.66 36.53 2.52
CA VAL B 31 -25.59 36.12 3.91
C VAL B 31 -24.99 37.25 4.69
N LYS B 32 -25.67 37.70 5.73
CA LYS B 32 -25.16 38.81 6.51
C LYS B 32 -24.71 38.31 7.87
N TRP B 33 -24.00 39.17 8.62
CA TRP B 33 -23.35 38.72 9.84
C TRP B 33 -24.32 38.28 10.91
N GLU B 34 -25.60 38.62 10.77
CA GLU B 34 -26.65 38.14 11.65
C GLU B 34 -27.30 36.85 11.16
N ASP B 35 -27.14 36.51 9.88
CA ASP B 35 -27.54 35.19 9.44
C ASP B 35 -26.61 34.12 9.97
N VAL B 36 -25.43 34.49 10.41
CA VAL B 36 -24.60 33.59 11.18
C VAL B 36 -25.10 33.64 12.61
N ALA B 37 -25.29 32.48 13.21
CA ALA B 37 -25.64 32.41 14.61
C ALA B 37 -24.42 31.95 15.37
N GLY B 38 -24.30 32.43 16.61
CA GLY B 38 -23.14 32.08 17.41
C GLY B 38 -21.90 32.76 16.89
N LEU B 39 -20.75 32.25 17.36
CA LEU B 39 -19.43 32.58 16.85
C LEU B 39 -19.14 34.08 17.00
N GLU B 40 -18.97 34.52 18.23
CA GLU B 40 -18.51 35.89 18.44
C GLU B 40 -17.06 36.05 17.98
N GLY B 41 -16.21 35.11 18.37
CA GLY B 41 -14.77 35.27 18.20
C GLY B 41 -14.35 35.20 16.75
N ALA B 42 -14.95 34.30 15.98
CA ALA B 42 -14.56 34.14 14.59
C ALA B 42 -15.03 35.32 13.76
N LYS B 43 -16.23 35.81 14.02
CA LYS B 43 -16.67 37.05 13.36
C LYS B 43 -15.80 38.21 13.76
N GLU B 44 -15.33 38.24 15.01
CA GLU B 44 -14.51 39.34 15.47
C GLU B 44 -13.17 39.38 14.76
N ALA B 45 -12.51 38.24 14.66
CA ALA B 45 -11.24 38.17 13.97
C ALA B 45 -11.39 38.46 12.49
N LEU B 46 -12.46 37.94 11.88
CA LEU B 46 -12.66 38.17 10.45
C LEU B 46 -13.00 39.62 10.14
N LYS B 47 -13.73 40.28 11.04
CA LYS B 47 -14.00 41.70 10.85
C LYS B 47 -12.73 42.51 10.96
N GLU B 48 -11.92 42.26 11.99
CA GLU B 48 -10.71 43.05 12.11
C GLU B 48 -9.60 42.62 11.19
N ALA B 49 -9.82 41.62 10.33
CA ALA B 49 -8.86 41.34 9.28
C ALA B 49 -9.36 41.67 7.88
N VAL B 50 -10.65 41.91 7.70
CA VAL B 50 -11.24 42.13 6.39
C VAL B 50 -11.91 43.50 6.28
N ILE B 51 -12.77 43.83 7.24
CA ILE B 51 -13.58 45.03 7.13
C ILE B 51 -12.77 46.25 7.50
N LEU B 52 -12.07 46.16 8.61
CA LEU B 52 -11.38 47.28 9.24
C LEU B 52 -10.18 47.85 8.48
N PRO B 53 -9.33 47.06 7.80
CA PRO B 53 -8.30 47.70 6.96
C PRO B 53 -8.84 48.57 5.85
N VAL B 54 -9.98 48.21 5.27
CA VAL B 54 -10.49 49.01 4.17
C VAL B 54 -11.17 50.27 4.69
N LYS B 55 -11.91 50.14 5.78
CA LYS B 55 -12.73 51.25 6.27
C LYS B 55 -11.89 52.32 6.95
N PHE B 56 -10.76 51.96 7.56
CA PHE B 56 -9.88 52.94 8.20
C PHE B 56 -8.43 52.65 7.87
N PRO B 57 -8.01 52.93 6.64
CA PRO B 57 -6.67 52.52 6.21
C PRO B 57 -5.56 53.35 6.78
N HIS B 58 -5.87 54.50 7.39
CA HIS B 58 -4.86 55.33 8.02
C HIS B 58 -4.27 54.67 9.26
N LEU B 59 -5.01 53.77 9.91
CA LEU B 59 -4.55 53.18 11.15
C LEU B 59 -3.37 52.26 10.92
N PHE B 60 -3.36 51.55 9.80
CA PHE B 60 -2.41 50.47 9.61
C PHE B 60 -1.16 51.02 8.94
N LYS B 61 -0.32 51.64 9.76
CA LYS B 61 0.91 52.29 9.34
C LYS B 61 1.96 52.11 10.42
N GLY B 62 3.18 51.83 10.00
CA GLY B 62 4.25 51.58 10.95
C GLY B 62 4.44 50.10 11.20
N ASN B 63 4.31 49.70 12.46
CA ASN B 63 4.46 48.30 12.81
C ASN B 63 3.14 47.55 12.76
N ARG B 64 2.03 48.25 12.57
CA ARG B 64 0.70 47.68 12.73
C ARG B 64 0.23 47.19 11.37
N LYS B 65 0.40 45.92 11.12
CA LYS B 65 0.01 45.37 9.83
C LYS B 65 -1.20 44.47 9.95
N PRO B 66 -2.03 44.36 8.91
CA PRO B 66 -3.17 43.46 8.97
C PRO B 66 -2.76 42.01 8.84
N THR B 67 -3.69 41.15 9.19
CA THR B 67 -3.46 39.71 9.21
C THR B 67 -3.49 39.17 7.80
N SER B 68 -2.63 38.20 7.51
CA SER B 68 -2.53 37.66 6.17
C SER B 68 -2.60 36.15 6.18
N GLY B 69 -3.57 35.61 6.87
CA GLY B 69 -3.90 34.21 6.75
C GLY B 69 -4.76 33.80 7.91
N ILE B 70 -5.83 33.06 7.67
CA ILE B 70 -6.78 32.66 8.70
C ILE B 70 -7.27 31.28 8.34
N LEU B 71 -7.10 30.31 9.21
CA LEU B 71 -7.59 28.97 8.97
C LEU B 71 -8.81 28.73 9.85
N LEU B 72 -9.92 28.23 9.35
CA LEU B 72 -11.09 27.86 10.13
C LEU B 72 -11.19 26.35 10.12
N TYR B 73 -11.36 25.73 11.27
CA TYR B 73 -11.52 24.29 11.26
C TYR B 73 -12.64 23.94 12.21
N GLY B 74 -13.05 22.68 12.19
CA GLY B 74 -14.15 22.26 13.03
C GLY B 74 -14.72 20.95 12.57
N PRO B 75 -15.83 20.52 13.18
CA PRO B 75 -16.52 19.34 12.73
C PRO B 75 -17.35 19.66 11.50
N PRO B 76 -17.89 18.68 10.80
CA PRO B 76 -18.66 19.00 9.59
C PRO B 76 -19.99 19.65 9.89
N GLY B 77 -20.24 20.77 9.25
CA GLY B 77 -21.55 21.37 9.26
C GLY B 77 -21.79 22.44 10.27
N THR B 78 -20.76 23.14 10.70
CA THR B 78 -20.88 24.03 11.83
C THR B 78 -20.76 25.50 11.49
N GLY B 79 -20.43 25.86 10.26
CA GLY B 79 -20.48 27.25 9.91
C GLY B 79 -19.35 27.82 9.09
N LYS B 80 -18.40 27.00 8.65
CA LYS B 80 -17.17 27.48 8.06
C LYS B 80 -17.41 28.11 6.70
N SER B 81 -17.95 27.35 5.75
CA SER B 81 -18.23 27.87 4.42
C SER B 81 -19.28 28.96 4.47
N TYR B 82 -20.17 28.91 5.44
CA TYR B 82 -21.23 29.91 5.55
C TYR B 82 -20.67 31.24 5.99
N LEU B 83 -19.77 31.20 6.95
CA LEU B 83 -19.08 32.40 7.40
C LEU B 83 -18.21 32.98 6.29
N ALA B 84 -17.67 32.12 5.44
CA ALA B 84 -17.00 32.60 4.24
C ALA B 84 -17.96 33.29 3.27
N LYS B 85 -19.21 32.85 3.22
CA LYS B 85 -20.17 33.59 2.40
C LYS B 85 -20.48 34.94 3.02
N ALA B 86 -20.50 35.01 4.35
CA ALA B 86 -20.73 36.29 5.02
C ALA B 86 -19.62 37.28 4.73
N VAL B 87 -18.38 36.82 4.73
CA VAL B 87 -17.25 37.64 4.31
C VAL B 87 -17.42 38.06 2.86
N ALA B 88 -17.86 37.15 2.00
CA ALA B 88 -18.04 37.45 0.59
C ALA B 88 -19.12 38.49 0.33
N THR B 89 -20.08 38.63 1.23
CA THR B 89 -21.06 39.70 1.08
C THR B 89 -20.55 41.01 1.65
N GLU B 90 -19.98 40.97 2.85
CA GLU B 90 -19.72 42.17 3.59
C GLU B 90 -18.36 42.80 3.33
N ALA B 91 -17.49 42.16 2.56
CA ALA B 91 -16.09 42.56 2.56
C ALA B 91 -15.83 43.81 1.75
N ASN B 92 -16.48 43.94 0.58
CA ASN B 92 -16.12 44.89 -0.47
C ASN B 92 -14.65 44.70 -0.87
N SER B 93 -14.35 43.50 -1.30
CA SER B 93 -13.06 43.15 -1.84
C SER B 93 -13.30 42.07 -2.87
N THR B 94 -12.38 41.94 -3.80
CA THR B 94 -12.53 40.89 -4.79
C THR B 94 -12.32 39.54 -4.12
N PHE B 95 -13.25 38.62 -4.35
CA PHE B 95 -13.33 37.38 -3.58
C PHE B 95 -13.09 36.23 -4.53
N PHE B 96 -11.86 35.78 -4.66
CA PHE B 96 -11.55 34.61 -5.46
C PHE B 96 -11.89 33.38 -4.67
N SER B 97 -12.58 32.44 -5.28
CA SER B 97 -12.89 31.16 -4.66
C SER B 97 -12.30 30.08 -5.54
N VAL B 98 -11.13 29.59 -5.17
CA VAL B 98 -10.43 28.64 -5.99
C VAL B 98 -10.50 27.27 -5.33
N SER B 99 -10.20 26.22 -6.09
CA SER B 99 -10.23 24.88 -5.56
C SER B 99 -9.30 24.00 -6.38
N SER B 100 -9.17 22.75 -5.95
CA SER B 100 -8.23 21.82 -6.56
C SER B 100 -8.57 21.44 -7.98
N SER B 101 -9.80 21.67 -8.41
CA SER B 101 -10.13 21.43 -9.80
C SER B 101 -9.49 22.44 -10.71
N ASP B 102 -9.11 23.59 -10.19
CA ASP B 102 -8.76 24.72 -11.03
C ASP B 102 -7.28 24.99 -10.99
N LEU B 103 -6.51 24.15 -10.33
CA LEU B 103 -5.07 24.34 -10.22
C LEU B 103 -4.26 23.22 -10.80
N VAL B 104 -4.81 22.01 -10.80
CA VAL B 104 -4.13 20.84 -11.30
C VAL B 104 -4.45 20.78 -12.79
N SER B 105 -3.54 21.27 -13.57
CA SER B 105 -3.58 21.09 -15.01
C SER B 105 -2.71 19.93 -15.42
N LYS B 106 -2.77 19.62 -16.72
CA LYS B 106 -2.37 18.35 -17.29
C LYS B 106 -0.92 18.33 -17.77
N TRP B 107 -0.23 19.43 -17.64
CA TRP B 107 0.75 19.88 -18.63
C TRP B 107 2.07 20.35 -18.04
N MET B 108 2.69 19.61 -17.13
CA MET B 108 4.09 19.81 -16.72
C MET B 108 4.33 21.21 -16.12
N GLY B 109 3.85 21.37 -14.90
CA GLY B 109 4.14 22.60 -14.24
C GLY B 109 3.18 23.70 -14.62
N GLU B 110 2.00 23.33 -15.04
CA GLU B 110 1.01 24.37 -14.99
C GLU B 110 0.45 24.49 -13.60
N SER B 111 0.47 23.41 -12.84
CA SER B 111 0.00 23.47 -11.47
C SER B 111 0.87 24.30 -10.54
N GLU B 112 1.97 24.87 -11.02
CA GLU B 112 2.75 25.92 -10.41
C GLU B 112 2.61 27.24 -11.15
N LYS B 113 2.48 27.17 -12.45
CA LYS B 113 2.30 28.38 -13.22
C LYS B 113 0.90 28.95 -13.02
N LEU B 114 -0.06 28.09 -12.73
CA LEU B 114 -1.39 28.56 -12.41
C LEU B 114 -1.45 29.23 -11.05
N VAL B 115 -0.77 28.65 -10.05
CA VAL B 115 -0.77 29.22 -8.71
C VAL B 115 -0.13 30.58 -8.72
N LYS B 116 1.05 30.67 -9.34
CA LYS B 116 1.74 31.94 -9.45
C LYS B 116 0.91 32.98 -10.18
N GLN B 117 0.20 32.58 -11.22
CA GLN B 117 -0.70 33.52 -11.88
C GLN B 117 -1.87 33.92 -11.00
N LEU B 118 -2.35 33.03 -10.13
CA LEU B 118 -3.46 33.34 -9.22
C LEU B 118 -3.08 34.48 -8.29
N PHE B 119 -1.93 34.36 -7.63
CA PHE B 119 -1.60 35.44 -6.72
C PHE B 119 -1.14 36.69 -7.46
N ALA B 120 -0.68 36.55 -8.70
CA ALA B 120 -0.37 37.75 -9.47
C ALA B 120 -1.65 38.52 -9.82
N MET B 121 -2.73 37.81 -10.11
CA MET B 121 -4.02 38.47 -10.28
C MET B 121 -4.51 39.07 -8.99
N ALA B 122 -4.29 38.39 -7.87
CA ALA B 122 -4.78 38.95 -6.62
C ALA B 122 -3.87 40.02 -6.06
N ARG B 123 -2.74 40.28 -6.68
CA ARG B 123 -2.02 41.49 -6.36
C ARG B 123 -2.36 42.63 -7.29
N GLU B 124 -2.67 42.36 -8.55
CA GLU B 124 -3.11 43.47 -9.38
C GLU B 124 -4.52 43.92 -9.07
N ASN B 125 -5.30 43.13 -8.33
CA ASN B 125 -6.63 43.57 -7.93
C ASN B 125 -6.73 43.65 -6.43
N LYS B 126 -5.76 44.27 -5.77
CA LYS B 126 -5.83 44.38 -4.33
C LYS B 126 -6.78 45.51 -3.94
N PRO B 127 -7.46 45.40 -2.80
CA PRO B 127 -7.52 44.35 -1.79
C PRO B 127 -8.32 43.14 -2.24
N SER B 128 -7.80 41.96 -1.97
CA SER B 128 -8.38 40.74 -2.49
C SER B 128 -8.51 39.72 -1.38
N ILE B 129 -9.34 38.71 -1.61
CA ILE B 129 -9.49 37.59 -0.69
C ILE B 129 -9.43 36.32 -1.52
N ILE B 130 -8.66 35.36 -1.09
CA ILE B 130 -8.56 34.08 -1.75
C ILE B 130 -9.09 33.03 -0.81
N PHE B 131 -10.14 32.34 -1.20
CA PHE B 131 -10.77 31.37 -0.31
C PHE B 131 -10.53 29.99 -0.86
N ILE B 132 -9.58 29.27 -0.28
CA ILE B 132 -9.24 27.94 -0.76
C ILE B 132 -10.06 26.97 0.07
N ASP B 133 -11.13 26.45 -0.47
CA ASP B 133 -12.00 25.61 0.33
C ASP B 133 -11.48 24.18 0.31
N GLU B 134 -11.42 23.59 1.48
CA GLU B 134 -10.82 22.27 1.74
C GLU B 134 -9.37 22.23 1.27
N VAL B 135 -8.58 22.97 2.05
CA VAL B 135 -7.14 23.03 1.86
C VAL B 135 -6.42 21.76 2.23
N ASP B 136 -7.08 20.81 2.89
CA ASP B 136 -6.37 19.59 3.22
C ASP B 136 -6.21 18.66 2.04
N ALA B 137 -6.80 18.97 0.90
CA ALA B 137 -6.67 18.17 -0.30
C ALA B 137 -5.55 18.64 -1.20
N LEU B 138 -5.02 19.84 -0.97
CA LEU B 138 -3.82 20.29 -1.64
C LEU B 138 -2.57 19.97 -0.86
N THR B 139 -2.64 19.95 0.46
CA THR B 139 -1.52 20.12 1.38
C THR B 139 -1.48 18.97 2.38
N GLY B 140 -0.82 17.88 2.02
CA GLY B 140 -0.92 16.62 2.72
C GLY B 140 0.32 16.06 3.36
N THR B 141 1.05 16.88 4.11
CA THR B 141 2.14 16.59 5.05
C THR B 141 3.43 16.07 4.41
N ARG B 142 3.40 15.80 3.10
CA ARG B 142 4.52 15.38 2.23
C ARG B 142 5.50 14.39 2.86
N GLY B 143 5.00 13.22 3.22
CA GLY B 143 5.86 12.12 3.65
C GLY B 143 5.51 10.85 2.89
N GLU B 144 4.36 10.87 2.21
CA GLU B 144 3.89 9.74 1.44
C GLU B 144 3.46 10.13 0.02
N GLY B 145 3.41 11.42 -0.28
CA GLY B 145 2.82 11.87 -1.51
C GLY B 145 3.73 11.71 -2.70
N GLU B 146 3.16 11.92 -3.87
CA GLU B 146 3.90 11.82 -5.11
C GLU B 146 4.67 13.10 -5.40
N SER B 147 5.67 12.94 -6.26
CA SER B 147 6.69 13.96 -6.52
C SER B 147 6.08 15.25 -7.03
N GLU B 148 5.35 15.17 -8.14
CA GLU B 148 4.91 16.38 -8.82
C GLU B 148 3.87 17.11 -8.01
N ALA B 149 2.73 16.46 -7.79
CA ALA B 149 1.59 17.11 -7.17
C ALA B 149 1.92 17.55 -5.77
N SER B 150 2.67 16.64 -5.10
CA SER B 150 3.06 16.90 -3.73
C SER B 150 4.07 18.03 -3.69
N ARG B 151 5.28 17.78 -4.17
CA ARG B 151 6.33 18.75 -3.87
C ARG B 151 6.15 20.04 -4.63
N ARG B 152 5.49 19.98 -5.76
CA ARG B 152 5.51 21.15 -6.59
C ARG B 152 4.29 22.02 -6.36
N ILE B 153 3.14 21.43 -6.05
CA ILE B 153 2.04 22.33 -5.74
C ILE B 153 2.16 22.83 -4.31
N LYS B 154 2.57 21.97 -3.38
CA LYS B 154 2.77 22.43 -2.01
C LYS B 154 3.87 23.46 -1.93
N THR B 155 4.97 23.20 -2.65
CA THR B 155 6.11 24.10 -2.61
C THR B 155 5.80 25.44 -3.26
N GLU B 156 5.04 25.46 -4.35
CA GLU B 156 4.73 26.76 -4.92
C GLU B 156 3.72 27.51 -4.08
N LEU B 157 2.91 26.81 -3.33
CA LEU B 157 2.01 27.51 -2.42
C LEU B 157 2.77 28.14 -1.26
N LEU B 158 3.77 27.43 -0.73
CA LEU B 158 4.61 27.96 0.35
C LEU B 158 5.36 29.21 -0.06
N VAL B 159 6.20 29.07 -1.08
CA VAL B 159 7.02 30.16 -1.59
C VAL B 159 6.16 31.32 -2.06
N GLN B 160 4.97 31.02 -2.53
CA GLN B 160 4.15 32.10 -3.03
C GLN B 160 3.46 32.84 -1.89
N MET B 161 3.21 32.17 -0.76
CA MET B 161 2.55 32.87 0.34
C MET B 161 3.48 33.83 1.05
N ASN B 162 4.68 33.42 1.46
CA ASN B 162 5.55 34.49 1.95
C ASN B 162 6.81 34.72 1.12
N GLY B 163 7.67 33.70 0.92
CA GLY B 163 8.81 33.75 0.01
C GLY B 163 9.79 34.88 0.15
N VAL B 164 10.52 35.20 -0.93
CA VAL B 164 11.49 36.29 -0.92
C VAL B 164 11.01 37.47 -1.76
N GLY B 165 10.82 37.27 -3.05
CA GLY B 165 10.46 38.40 -3.89
C GLY B 165 8.98 38.52 -4.14
N ASN B 166 8.15 38.31 -3.12
CA ASN B 166 6.76 38.02 -3.41
C ASN B 166 5.74 39.01 -2.89
N ASP B 167 5.94 39.65 -1.73
CA ASP B 167 5.12 40.79 -1.27
C ASP B 167 3.64 40.43 -1.11
N SER B 168 3.34 39.68 -0.05
CA SER B 168 1.96 39.44 0.34
C SER B 168 1.39 40.63 1.12
N GLN B 169 1.26 41.75 0.41
CA GLN B 169 0.58 42.94 0.93
C GLN B 169 -0.85 42.96 0.46
N GLY B 170 -1.78 43.06 1.39
CA GLY B 170 -3.14 43.32 0.99
C GLY B 170 -3.89 42.13 0.46
N VAL B 171 -3.28 40.96 0.41
CA VAL B 171 -4.02 39.74 0.11
C VAL B 171 -4.23 39.02 1.43
N LEU B 172 -5.34 38.32 1.50
CA LEU B 172 -5.67 37.48 2.63
C LEU B 172 -5.98 36.11 2.08
N VAL B 173 -5.60 35.10 2.79
CA VAL B 173 -5.80 33.75 2.34
C VAL B 173 -6.63 33.05 3.40
N LEU B 174 -7.90 32.81 3.13
CA LEU B 174 -8.70 32.02 4.05
C LEU B 174 -8.44 30.54 3.85
N GLY B 175 -9.26 29.72 4.44
CA GLY B 175 -9.12 28.31 4.20
C GLY B 175 -9.92 27.57 5.23
N ALA B 176 -10.63 26.53 4.84
CA ALA B 176 -11.38 25.75 5.78
C ALA B 176 -10.94 24.30 5.67
N THR B 177 -11.13 23.53 6.73
CA THR B 177 -10.79 22.11 6.67
C THR B 177 -11.53 21.36 7.75
N ASN B 178 -11.70 20.06 7.52
CA ASN B 178 -12.25 19.18 8.53
C ASN B 178 -11.22 18.28 9.16
N ILE B 179 -10.08 18.11 8.53
CA ILE B 179 -9.03 17.25 9.06
C ILE B 179 -7.84 18.15 9.33
N PRO B 180 -7.82 18.94 10.40
CA PRO B 180 -6.72 19.88 10.56
C PRO B 180 -5.43 19.24 11.03
N TRP B 181 -5.45 17.99 11.43
CA TRP B 181 -4.22 17.34 11.85
C TRP B 181 -3.46 16.71 10.71
N GLN B 182 -4.04 16.64 9.52
CA GLN B 182 -3.37 16.11 8.34
C GLN B 182 -2.82 17.21 7.49
N LEU B 183 -2.34 18.27 8.10
CA LEU B 183 -1.92 19.45 7.37
C LEU B 183 -0.42 19.59 7.59
N ASP B 184 0.29 20.00 6.55
CA ASP B 184 1.74 20.09 6.64
C ASP B 184 2.16 21.22 7.57
N SER B 185 3.23 21.02 8.32
CA SER B 185 3.61 21.96 9.36
C SER B 185 4.11 23.29 8.82
N ALA B 186 4.61 23.33 7.60
CA ALA B 186 4.94 24.62 7.00
C ALA B 186 3.69 25.41 6.66
N ILE B 187 2.61 24.71 6.36
CA ILE B 187 1.38 25.39 6.00
C ILE B 187 0.54 25.65 7.24
N ARG B 188 0.72 24.86 8.28
CA ARG B 188 0.25 25.26 9.58
C ARG B 188 0.94 26.51 10.06
N ARG B 189 2.19 26.69 9.67
CA ARG B 189 2.89 27.93 10.02
C ARG B 189 2.34 29.12 9.24
N ARG B 190 2.01 28.95 7.96
CA ARG B 190 1.61 30.11 7.14
C ARG B 190 0.28 30.68 7.56
N PHE B 191 -0.64 29.84 8.00
CA PHE B 191 -1.95 30.25 8.50
C PHE B 191 -1.78 30.71 9.92
N GLU B 192 -1.80 32.00 10.15
CA GLU B 192 -1.29 32.46 11.41
C GLU B 192 -2.35 32.64 12.47
N ARG B 193 -3.63 32.38 12.19
CA ARG B 193 -4.66 32.36 13.23
C ARG B 193 -5.57 31.18 12.98
N ARG B 194 -5.26 30.04 13.54
CA ARG B 194 -6.10 28.86 13.40
C ARG B 194 -7.29 28.96 14.35
N ILE B 195 -8.45 29.37 13.87
CA ILE B 195 -9.65 29.52 14.69
C ILE B 195 -10.48 28.25 14.59
N TYR B 196 -11.13 27.85 15.68
CA TYR B 196 -11.89 26.61 15.77
C TYR B 196 -13.38 26.89 15.83
N ILE B 197 -14.14 26.34 14.90
CA ILE B 197 -15.57 26.59 14.81
C ILE B 197 -16.30 25.38 15.41
N PRO B 198 -16.90 25.48 16.59
CA PRO B 198 -17.41 24.29 17.26
C PRO B 198 -18.90 24.04 17.03
N LEU B 199 -19.39 22.92 17.54
CA LEU B 199 -20.83 22.65 17.56
C LEU B 199 -21.54 23.69 18.40
N PRO B 200 -22.76 24.07 18.07
CA PRO B 200 -23.36 25.20 18.75
C PRO B 200 -23.81 24.84 20.16
N ASP B 201 -23.87 25.87 21.00
CA ASP B 201 -24.34 25.73 22.37
C ASP B 201 -25.82 26.03 22.40
N LEU B 202 -26.37 26.26 23.59
CA LEU B 202 -27.82 26.37 23.74
C LEU B 202 -28.38 27.61 23.08
N ALA B 203 -27.79 28.77 23.35
CA ALA B 203 -28.29 30.02 22.80
C ALA B 203 -28.15 30.07 21.30
N ALA B 204 -27.10 29.44 20.76
CA ALA B 204 -26.90 29.41 19.32
C ALA B 204 -27.95 28.55 18.64
N ARG B 205 -28.26 27.39 19.22
CA ARG B 205 -29.28 26.52 18.65
C ARG B 205 -30.64 27.18 18.66
N THR B 206 -30.98 27.86 19.76
CA THR B 206 -32.24 28.59 19.81
C THR B 206 -32.29 29.68 18.77
N THR B 207 -31.16 30.35 18.56
CA THR B 207 -31.07 31.37 17.53
C THR B 207 -31.25 30.77 16.15
N MET B 208 -30.72 29.58 15.91
CA MET B 208 -30.81 28.98 14.58
C MET B 208 -32.21 28.53 14.26
N PHE B 209 -32.97 28.05 15.26
CA PHE B 209 -34.36 27.75 14.99
C PHE B 209 -35.15 29.00 14.67
N GLU B 210 -34.92 30.07 15.44
CA GLU B 210 -35.62 31.32 15.19
C GLU B 210 -35.28 31.91 13.83
N ILE B 211 -34.05 31.72 13.35
CA ILE B 211 -33.70 32.20 12.02
C ILE B 211 -34.32 31.34 10.94
N ASN B 212 -34.15 30.02 11.03
CA ASN B 212 -34.55 29.14 9.96
C ASN B 212 -36.05 29.02 9.80
N VAL B 213 -36.87 29.32 10.82
CA VAL B 213 -38.29 29.35 10.51
C VAL B 213 -38.66 30.58 9.72
N GLY B 214 -37.84 31.62 9.74
CA GLY B 214 -38.05 32.76 8.86
C GLY B 214 -39.27 33.57 9.25
N ASP B 215 -40.10 33.86 8.24
CA ASP B 215 -41.35 34.56 8.46
C ASP B 215 -42.54 33.64 8.24
N THR B 216 -42.38 32.37 8.53
CA THR B 216 -43.45 31.40 8.35
C THR B 216 -44.40 31.46 9.52
N PRO B 217 -45.73 31.51 9.28
CA PRO B 217 -46.70 31.58 10.38
C PRO B 217 -46.68 30.37 11.29
N CYS B 218 -46.30 30.59 12.55
CA CYS B 218 -46.21 29.53 13.52
C CYS B 218 -46.76 30.01 14.86
N VAL B 219 -47.29 29.05 15.62
CA VAL B 219 -47.89 29.33 16.93
C VAL B 219 -46.83 29.29 18.03
N LEU B 220 -45.57 29.14 17.68
CA LEU B 220 -44.53 28.91 18.68
C LEU B 220 -44.19 30.17 19.44
N THR B 221 -43.76 29.98 20.69
CA THR B 221 -43.32 31.05 21.55
C THR B 221 -41.83 30.95 21.78
N LYS B 222 -41.32 31.86 22.62
CA LYS B 222 -39.90 31.82 22.97
C LYS B 222 -39.57 30.59 23.79
N GLU B 223 -40.48 30.13 24.63
CA GLU B 223 -40.22 28.93 25.40
C GLU B 223 -40.33 27.68 24.55
N ASP B 224 -40.96 27.77 23.38
CA ASP B 224 -40.99 26.64 22.47
C ASP B 224 -39.66 26.48 21.78
N TYR B 225 -39.11 27.57 21.24
CA TYR B 225 -37.79 27.50 20.65
C TYR B 225 -36.75 27.15 21.69
N ARG B 226 -36.95 27.66 22.90
CA ARG B 226 -36.09 27.32 24.01
C ARG B 226 -36.16 25.84 24.34
N THR B 227 -37.35 25.26 24.21
CA THR B 227 -37.54 23.84 24.45
C THR B 227 -36.79 23.01 23.41
N LEU B 228 -36.92 23.38 22.13
CA LEU B 228 -36.27 22.63 21.07
C LEU B 228 -34.76 22.74 21.16
N GLY B 229 -34.27 23.95 21.42
CA GLY B 229 -32.84 24.14 21.64
C GLY B 229 -32.32 23.34 22.81
N ALA B 230 -33.15 23.15 23.84
CA ALA B 230 -32.75 22.25 24.92
C ALA B 230 -32.78 20.80 24.46
N MET B 231 -33.59 20.49 23.46
CA MET B 231 -33.79 19.11 23.05
C MET B 231 -32.67 18.59 22.17
N THR B 232 -31.98 19.47 21.43
CA THR B 232 -31.12 19.06 20.32
C THR B 232 -29.64 19.08 20.65
N GLU B 233 -29.18 18.61 21.80
CA GLU B 233 -27.75 18.73 22.07
C GLU B 233 -26.96 17.68 21.30
N GLY B 234 -26.00 18.14 20.53
CA GLY B 234 -25.19 17.30 19.67
C GLY B 234 -25.34 17.63 18.21
N TYR B 235 -26.25 18.52 17.84
CA TYR B 235 -26.51 18.78 16.44
C TYR B 235 -25.67 19.95 15.98
N SER B 236 -25.23 19.88 14.74
CA SER B 236 -24.56 20.99 14.12
C SER B 236 -25.59 21.85 13.41
N GLY B 237 -25.14 22.90 12.72
CA GLY B 237 -26.09 23.82 12.11
C GLY B 237 -26.75 23.28 10.87
N SER B 238 -26.10 22.32 10.21
CA SER B 238 -26.72 21.63 9.09
C SER B 238 -27.94 20.86 9.54
N ASP B 239 -27.80 20.14 10.64
CA ASP B 239 -28.87 19.28 11.10
C ASP B 239 -30.08 20.09 11.52
N ILE B 240 -29.85 21.25 12.11
CA ILE B 240 -30.98 22.05 12.48
C ILE B 240 -31.59 22.72 11.26
N ALA B 241 -30.78 22.98 10.23
CA ALA B 241 -31.37 23.46 8.99
C ALA B 241 -32.23 22.40 8.31
N VAL B 242 -31.91 21.11 8.48
CA VAL B 242 -32.77 20.10 7.87
C VAL B 242 -33.93 19.67 8.77
N VAL B 243 -33.85 19.85 10.08
CA VAL B 243 -35.07 19.59 10.83
C VAL B 243 -36.04 20.73 10.63
N VAL B 244 -35.56 21.93 10.33
CA VAL B 244 -36.51 22.97 9.99
C VAL B 244 -37.04 22.76 8.59
N LYS B 245 -36.23 22.19 7.69
CA LYS B 245 -36.73 21.86 6.36
C LYS B 245 -37.85 20.83 6.40
N ASP B 246 -37.63 19.75 7.16
CA ASP B 246 -38.62 18.68 7.25
C ASP B 246 -39.87 19.14 7.99
N ALA B 247 -39.70 19.89 9.07
CA ALA B 247 -40.85 20.39 9.81
C ALA B 247 -41.64 21.40 9.00
N LEU B 248 -41.00 22.13 8.11
CA LEU B 248 -41.77 22.94 7.20
C LEU B 248 -42.45 22.14 6.11
N MET B 249 -42.09 20.88 5.91
CA MET B 249 -42.96 20.10 5.03
C MET B 249 -44.22 19.58 5.70
N GLN B 250 -44.27 19.48 7.05
CA GLN B 250 -45.48 18.93 7.73
C GLN B 250 -46.90 19.46 7.44
N PRO B 251 -47.13 20.74 7.10
CA PRO B 251 -48.46 21.13 6.64
C PRO B 251 -48.90 20.53 5.31
N ILE B 252 -47.98 20.17 4.43
CA ILE B 252 -48.38 19.56 3.18
C ILE B 252 -48.88 18.15 3.42
N ARG B 253 -48.23 17.43 4.33
CA ARG B 253 -48.67 16.08 4.68
C ARG B 253 -50.05 16.10 5.30
N LYS B 254 -50.32 17.06 6.18
CA LYS B 254 -51.69 17.31 6.60
C LYS B 254 -52.61 17.53 5.41
N ILE B 255 -52.23 18.44 4.51
CA ILE B 255 -53.20 18.92 3.53
C ILE B 255 -53.36 17.96 2.37
N GLN B 256 -52.61 16.87 2.35
CA GLN B 256 -52.90 15.75 1.46
C GLN B 256 -53.68 14.65 2.16
N SER B 257 -53.33 14.33 3.39
CA SER B 257 -54.13 13.36 4.15
C SER B 257 -55.33 14.05 4.80
N ALA B 258 -56.23 14.55 3.97
CA ALA B 258 -57.39 15.25 4.49
C ALA B 258 -58.72 14.89 3.83
N THR B 259 -59.25 13.71 4.13
CA THR B 259 -60.56 13.35 3.61
C THR B 259 -61.38 14.36 4.39
N HIS B 260 -61.99 15.32 3.71
CA HIS B 260 -62.67 16.38 4.48
C HIS B 260 -61.89 17.68 4.73
N PHE B 261 -62.45 18.78 4.22
CA PHE B 261 -61.98 20.14 4.51
C PHE B 261 -63.16 20.97 5.06
N LYS B 262 -62.93 22.27 5.27
CA LYS B 262 -63.90 23.12 5.95
C LYS B 262 -63.58 24.59 5.75
N ASP B 263 -64.61 25.39 5.52
CA ASP B 263 -64.44 26.84 5.32
C ASP B 263 -64.23 27.57 6.66
N VAL B 264 -63.38 28.60 6.63
CA VAL B 264 -63.10 29.44 7.80
C VAL B 264 -62.99 30.92 7.37
N SER B 265 -62.85 31.81 8.35
CA SER B 265 -62.76 33.29 8.15
C SER B 265 -64.11 34.02 8.31
N GLU B 270 -61.45 37.25 2.67
CA GLU B 270 -61.32 37.60 1.26
C GLU B 270 -61.71 36.43 0.31
N THR B 271 -62.99 36.04 0.41
CA THR B 271 -63.66 35.04 -0.46
C THR B 271 -63.15 33.58 -0.36
N ARG B 272 -63.90 32.77 0.37
CA ARG B 272 -63.71 31.33 0.48
C ARG B 272 -62.31 30.95 0.90
N LYS B 273 -62.21 30.14 1.96
CA LYS B 273 -60.90 29.61 2.41
C LYS B 273 -60.99 28.34 3.27
N LEU B 274 -60.55 27.21 2.71
CA LEU B 274 -60.75 25.90 3.36
C LEU B 274 -59.49 25.16 3.77
N THR B 275 -59.60 24.48 4.92
CA THR B 275 -58.48 23.80 5.59
C THR B 275 -58.87 22.36 5.97
N PRO B 276 -57.89 21.46 6.13
CA PRO B 276 -58.22 20.08 6.53
C PRO B 276 -58.81 20.00 7.93
N CYS B 277 -59.86 19.20 8.07
CA CYS B 277 -60.47 18.94 9.38
C CYS B 277 -60.92 17.48 9.45
N SER B 278 -61.12 16.98 10.67
CA SER B 278 -61.51 15.58 10.91
C SER B 278 -62.85 15.21 10.25
N PRO B 279 -63.10 13.90 10.02
CA PRO B 279 -64.42 13.49 9.51
C PRO B 279 -65.56 13.89 10.46
N GLY B 280 -66.48 14.70 9.95
CA GLY B 280 -67.64 15.15 10.73
C GLY B 280 -67.29 16.27 11.68
N ASP B 281 -67.42 17.51 11.20
CA ASP B 281 -67.11 18.75 11.93
C ASP B 281 -67.96 19.93 11.42
N ASP B 282 -67.86 21.06 12.08
CA ASP B 282 -68.61 22.29 11.73
C ASP B 282 -68.29 22.79 10.31
N GLY B 283 -69.08 22.34 9.33
CA GLY B 283 -68.90 22.71 7.93
C GLY B 283 -67.95 21.77 7.17
N ALA B 284 -67.81 20.56 7.69
CA ALA B 284 -66.92 19.54 7.11
C ALA B 284 -67.49 18.92 5.83
N ILE B 285 -67.12 19.48 4.69
CA ILE B 285 -67.36 18.87 3.38
C ILE B 285 -66.36 17.73 3.17
N GLU B 286 -66.68 16.75 2.32
CA GLU B 286 -65.76 15.65 2.02
C GLU B 286 -65.13 15.83 0.65
N MET B 287 -63.80 15.98 0.62
CA MET B 287 -63.07 16.21 -0.63
C MET B 287 -61.58 15.93 -0.50
N SER B 288 -60.86 16.18 -1.58
CA SER B 288 -59.41 16.09 -1.64
C SER B 288 -58.83 17.43 -2.05
N TRP B 289 -57.54 17.66 -1.75
CA TRP B 289 -56.86 18.92 -2.09
C TRP B 289 -56.99 19.28 -3.56
N THR B 290 -57.03 18.23 -4.38
CA THR B 290 -57.19 18.32 -5.82
C THR B 290 -58.52 19.00 -6.19
N ASP B 291 -59.52 18.78 -5.36
CA ASP B 291 -60.86 19.34 -5.57
C ASP B 291 -60.90 20.83 -5.31
N ILE B 292 -59.89 21.35 -4.63
CA ILE B 292 -59.96 22.70 -4.10
C ILE B 292 -59.22 23.72 -4.95
N GLU B 293 -59.80 24.90 -5.03
CA GLU B 293 -59.37 25.94 -5.97
C GLU B 293 -58.04 26.58 -5.61
N ALA B 294 -57.30 26.97 -6.65
CA ALA B 294 -56.05 27.72 -6.51
C ALA B 294 -56.16 28.76 -5.41
N ASP B 295 -55.08 28.89 -4.64
CA ASP B 295 -54.99 29.75 -3.46
C ASP B 295 -55.95 29.41 -2.31
N GLU B 296 -57.26 29.38 -2.60
CA GLU B 296 -58.29 29.30 -1.58
C GLU B 296 -58.19 28.12 -0.62
N LEU B 297 -56.97 27.62 -0.46
CA LEU B 297 -56.55 26.64 0.52
C LEU B 297 -56.03 27.35 1.76
N LYS B 298 -56.30 26.75 2.91
CA LYS B 298 -55.76 27.22 4.18
C LYS B 298 -55.01 26.03 4.82
N GLU B 299 -53.69 26.19 4.94
CA GLU B 299 -52.80 25.18 5.48
C GLU B 299 -52.51 25.41 6.95
N PRO B 300 -52.73 24.38 7.77
CA PRO B 300 -52.52 24.39 9.22
C PRO B 300 -51.16 24.98 9.56
N ASP B 301 -51.13 25.95 10.46
CA ASP B 301 -49.91 26.62 10.85
C ASP B 301 -48.94 25.70 11.60
N LEU B 302 -47.67 26.06 11.58
CA LEU B 302 -46.66 25.26 12.25
C LEU B 302 -46.98 25.19 13.73
N THR B 303 -47.42 24.02 14.19
CA THR B 303 -47.75 23.81 15.58
C THR B 303 -46.89 22.67 16.10
N ILE B 304 -46.40 22.83 17.33
CA ILE B 304 -45.18 22.29 17.92
C ILE B 304 -45.06 20.77 17.75
N LYS B 305 -46.16 20.07 17.47
CA LYS B 305 -46.07 18.65 17.19
C LYS B 305 -45.39 18.39 15.85
N ASP B 306 -45.40 19.39 14.96
CA ASP B 306 -44.65 19.25 13.71
C ASP B 306 -43.16 19.21 13.98
N PHE B 307 -42.68 20.08 14.86
CA PHE B 307 -41.27 20.11 15.18
C PHE B 307 -40.88 18.91 16.02
N LEU B 308 -41.74 18.49 16.94
CA LEU B 308 -41.42 17.28 17.71
C LEU B 308 -41.40 16.05 16.83
N LYS B 309 -42.28 16.03 15.82
CA LYS B 309 -42.28 14.98 14.82
C LYS B 309 -40.98 14.94 14.06
N ALA B 310 -40.51 16.10 13.62
CA ALA B 310 -39.27 16.16 12.85
C ALA B 310 -38.07 15.80 13.70
N ILE B 311 -38.04 16.23 14.95
CA ILE B 311 -36.90 15.97 15.82
C ILE B 311 -36.84 14.51 16.22
N LYS B 312 -38.00 13.85 16.32
CA LYS B 312 -37.98 12.40 16.51
C LYS B 312 -37.41 11.69 15.28
N SER B 313 -37.73 12.18 14.08
CA SER B 313 -37.30 11.46 12.89
C SER B 313 -35.84 11.73 12.54
N THR B 314 -35.37 12.96 12.73
CA THR B 314 -34.04 13.34 12.30
C THR B 314 -33.04 13.11 13.42
N ARG B 315 -31.89 12.55 13.07
CA ARG B 315 -30.90 12.03 13.96
C ARG B 315 -29.55 12.72 13.68
N PRO B 316 -28.67 12.99 14.75
CA PRO B 316 -27.40 13.70 14.53
C PRO B 316 -26.49 13.23 13.41
N THR B 317 -25.55 14.06 13.02
CA THR B 317 -24.67 13.66 11.95
C THR B 317 -23.25 13.46 12.40
N VAL B 318 -22.80 14.11 13.47
CA VAL B 318 -21.43 13.96 13.93
C VAL B 318 -21.40 13.04 15.13
N ASN B 319 -20.41 12.19 15.17
CA ASN B 319 -20.18 11.19 16.21
C ASN B 319 -19.40 11.82 17.34
N GLU B 320 -18.80 11.04 18.24
CA GLU B 320 -18.14 11.66 19.38
C GLU B 320 -16.72 11.16 19.63
N ASP B 321 -15.99 10.74 18.60
CA ASP B 321 -14.54 10.65 18.68
C ASP B 321 -13.83 11.58 17.72
N ASP B 322 -14.52 11.95 16.63
CA ASP B 322 -14.11 13.06 15.79
C ASP B 322 -13.89 14.31 16.63
N LEU B 323 -14.78 14.55 17.60
CA LEU B 323 -14.61 15.66 18.51
C LEU B 323 -13.37 15.53 19.37
N LEU B 324 -12.91 14.31 19.65
CA LEU B 324 -11.71 14.19 20.45
C LEU B 324 -10.49 14.63 19.67
N LYS B 325 -10.44 14.31 18.38
CA LYS B 325 -9.27 14.77 17.65
C LYS B 325 -9.34 16.26 17.31
N GLN B 326 -10.55 16.82 17.18
CA GLN B 326 -10.68 18.26 17.04
C GLN B 326 -10.20 18.99 18.28
N GLU B 327 -10.61 18.49 19.45
CA GLU B 327 -10.18 19.13 20.69
C GLU B 327 -8.70 18.94 20.94
N GLN B 328 -8.15 17.83 20.47
CA GLN B 328 -6.71 17.62 20.46
C GLN B 328 -5.99 18.73 19.73
N PHE B 329 -6.38 18.98 18.48
CA PHE B 329 -5.70 20.01 17.70
C PHE B 329 -5.92 21.39 18.28
N THR B 330 -7.06 21.63 18.90
CA THR B 330 -7.30 22.95 19.48
C THR B 330 -6.43 23.17 20.69
N ARG B 331 -6.20 22.12 21.45
CA ARG B 331 -5.37 22.20 22.64
C ARG B 331 -3.90 22.25 22.31
N ASP B 332 -3.49 21.74 21.15
CA ASP B 332 -2.08 21.79 20.76
C ASP B 332 -1.70 22.99 19.91
N PHE B 333 -2.59 23.53 19.07
CA PHE B 333 -2.20 24.59 18.16
C PHE B 333 -3.20 25.71 17.98
N GLY B 334 -4.38 25.65 18.58
CA GLY B 334 -5.49 26.46 18.13
C GLY B 334 -6.08 27.50 19.05
N GLN B 335 -6.86 28.41 18.45
CA GLN B 335 -7.64 29.45 19.11
C GLN B 335 -8.94 28.82 19.59
N GLU B 336 -9.91 29.60 20.02
CA GLU B 336 -11.17 29.09 20.48
C GLU B 336 -12.26 30.02 19.98
N GLY B 337 -13.14 29.51 19.13
CA GLY B 337 -14.03 30.37 18.39
C GLY B 337 -15.25 30.83 19.09
N ASN B 338 -15.48 30.33 20.31
CA ASN B 338 -16.50 30.80 21.24
C ASN B 338 -17.90 30.62 20.68
N ASN C 13 -13.27 21.13 -21.74
CA ASN C 13 -14.67 21.51 -21.71
C ASN C 13 -15.53 20.52 -22.48
N LYS C 14 -15.54 20.72 -23.80
CA LYS C 14 -16.40 19.95 -24.67
C LYS C 14 -15.89 18.55 -24.92
N LYS C 15 -14.59 18.31 -24.73
CA LYS C 15 -14.10 16.95 -24.71
C LYS C 15 -14.71 16.18 -23.56
N LEU C 16 -14.84 16.84 -22.41
CA LEU C 16 -15.34 16.18 -21.23
C LEU C 16 -16.84 15.98 -21.32
N ARG C 17 -17.57 16.96 -21.86
CA ARG C 17 -19.00 16.75 -22.10
C ARG C 17 -19.24 15.74 -23.20
N GLY C 18 -18.30 15.60 -24.13
CA GLY C 18 -18.37 14.50 -25.07
C GLY C 18 -18.18 13.15 -24.40
N ALA C 19 -17.42 13.11 -23.31
CA ALA C 19 -17.34 11.86 -22.55
C ALA C 19 -18.62 11.60 -21.78
N LEU C 20 -19.11 12.59 -21.05
CA LEU C 20 -20.26 12.34 -20.18
C LEU C 20 -21.59 12.55 -20.85
N SER C 21 -21.63 12.67 -22.17
CA SER C 21 -22.93 12.65 -22.83
C SER C 21 -23.58 11.28 -22.79
N SER C 22 -22.81 10.22 -22.59
CA SER C 22 -23.33 8.88 -22.58
C SER C 22 -23.73 8.42 -21.20
N ALA C 23 -24.10 9.34 -20.33
CA ALA C 23 -24.57 8.98 -19.00
C ALA C 23 -26.00 9.42 -18.75
N ILE C 24 -26.46 10.44 -19.46
CA ILE C 24 -27.84 10.89 -19.37
C ILE C 24 -28.67 9.82 -20.03
N LEU C 25 -29.26 8.92 -19.24
CA LEU C 25 -29.96 7.82 -19.88
C LEU C 25 -31.28 8.30 -20.47
N SER C 26 -31.72 7.61 -21.52
CA SER C 26 -32.81 8.12 -22.32
C SER C 26 -33.79 7.03 -22.71
N GLU C 27 -33.60 5.82 -22.25
CA GLU C 27 -34.50 4.75 -22.63
C GLU C 27 -35.69 4.54 -21.70
N LYS C 28 -35.72 5.16 -20.52
CA LYS C 28 -36.85 5.15 -19.58
C LYS C 28 -37.34 3.75 -19.23
N PRO C 29 -36.64 3.05 -18.34
CA PRO C 29 -37.05 1.69 -17.97
C PRO C 29 -38.42 1.68 -17.34
N ASN C 30 -39.35 0.99 -17.98
CA ASN C 30 -40.77 1.13 -17.67
C ASN C 30 -41.13 0.36 -16.41
N VAL C 31 -40.73 0.92 -15.28
CA VAL C 31 -41.18 0.49 -13.97
C VAL C 31 -42.02 1.60 -13.38
N LYS C 32 -43.24 1.29 -12.97
CA LYS C 32 -44.11 2.31 -12.43
C LYS C 32 -44.28 2.10 -10.94
N TRP C 33 -44.88 3.08 -10.25
CA TRP C 33 -44.88 3.06 -8.79
C TRP C 33 -45.70 1.91 -8.23
N GLU C 34 -46.58 1.34 -9.03
CA GLU C 34 -47.29 0.12 -8.66
C GLU C 34 -46.33 -1.04 -8.46
N ASP C 35 -45.34 -1.15 -9.33
CA ASP C 35 -44.56 -2.37 -9.49
C ASP C 35 -43.58 -2.59 -8.37
N VAL C 36 -43.49 -1.71 -7.41
CA VAL C 36 -42.64 -1.92 -6.25
C VAL C 36 -43.55 -2.38 -5.11
N ALA C 37 -43.05 -3.25 -4.27
CA ALA C 37 -43.87 -3.90 -3.26
C ALA C 37 -43.29 -3.69 -1.87
N GLY C 38 -44.07 -3.12 -0.99
CA GLY C 38 -43.54 -2.66 0.25
C GLY C 38 -43.05 -1.27 0.05
N LEU C 39 -42.29 -0.77 1.02
CA LEU C 39 -41.53 0.49 0.94
C LEU C 39 -42.43 1.67 0.64
N GLU C 40 -43.44 1.85 1.50
CA GLU C 40 -44.29 3.02 1.36
C GLU C 40 -43.56 4.28 1.75
N GLY C 41 -42.66 4.17 2.71
CA GLY C 41 -41.96 5.36 3.17
C GLY C 41 -40.98 5.88 2.15
N ALA C 42 -40.26 4.99 1.47
CA ALA C 42 -39.27 5.43 0.51
C ALA C 42 -39.93 6.00 -0.73
N LYS C 43 -41.01 5.39 -1.19
CA LYS C 43 -41.78 5.99 -2.29
C LYS C 43 -42.36 7.32 -1.88
N GLU C 44 -42.76 7.45 -0.61
CA GLU C 44 -43.36 8.69 -0.15
C GLU C 44 -42.35 9.84 -0.16
N ALA C 45 -41.16 9.59 0.37
CA ALA C 45 -40.12 10.62 0.36
C ALA C 45 -39.68 10.95 -1.05
N LEU C 46 -39.55 9.94 -1.90
CA LEU C 46 -39.11 10.19 -3.27
C LEU C 46 -40.15 10.95 -4.08
N LYS C 47 -41.44 10.68 -3.83
CA LYS C 47 -42.48 11.44 -4.51
C LYS C 47 -42.48 12.88 -4.06
N GLU C 48 -42.38 13.13 -2.75
CA GLU C 48 -42.40 14.52 -2.32
C GLU C 48 -41.07 15.21 -2.49
N ALA C 49 -40.05 14.56 -3.04
CA ALA C 49 -38.85 15.27 -3.43
C ALA C 49 -38.64 15.37 -4.93
N VAL C 50 -39.38 14.60 -5.73
CA VAL C 50 -39.18 14.54 -7.18
C VAL C 50 -40.43 14.96 -7.94
N ILE C 51 -41.57 14.37 -7.60
CA ILE C 51 -42.77 14.57 -8.39
C ILE C 51 -43.43 15.90 -8.04
N LEU C 52 -43.55 16.17 -6.77
CA LEU C 52 -44.30 17.29 -6.23
C LEU C 52 -43.72 18.69 -6.49
N PRO C 53 -42.39 18.92 -6.47
CA PRO C 53 -41.91 20.24 -6.90
C PRO C 53 -42.25 20.60 -8.33
N VAL C 54 -42.29 19.65 -9.23
CA VAL C 54 -42.57 19.98 -10.62
C VAL C 54 -44.06 20.21 -10.82
N LYS C 55 -44.88 19.38 -10.20
CA LYS C 55 -46.31 19.42 -10.45
C LYS C 55 -46.99 20.61 -9.79
N PHE C 56 -46.46 21.11 -8.67
CA PHE C 56 -47.03 22.27 -7.99
C PHE C 56 -45.94 23.21 -7.54
N PRO C 57 -45.31 23.93 -8.48
CA PRO C 57 -44.12 24.72 -8.13
C PRO C 57 -44.44 25.98 -7.37
N HIS C 58 -45.71 26.39 -7.31
CA HIS C 58 -46.08 27.56 -6.55
C HIS C 58 -45.95 27.35 -5.05
N LEU C 59 -46.01 26.10 -4.59
CA LEU C 59 -45.96 25.83 -3.16
C LEU C 59 -44.60 26.14 -2.57
N PHE C 60 -43.61 25.64 -3.25
CA PHE C 60 -42.25 25.69 -2.73
C PHE C 60 -41.69 27.08 -2.95
N LYS C 61 -42.07 27.97 -2.05
CA LYS C 61 -41.70 29.38 -2.08
C LYS C 61 -41.52 29.87 -0.65
N GLY C 62 -40.49 30.66 -0.43
CA GLY C 62 -40.21 31.15 0.90
C GLY C 62 -39.17 30.30 1.58
N ASN C 63 -39.52 29.74 2.73
CA ASN C 63 -38.62 28.89 3.47
C ASN C 63 -38.74 27.42 3.08
N ARG C 64 -39.74 27.09 2.27
CA ARG C 64 -40.10 25.71 2.02
C ARG C 64 -39.36 25.26 0.77
N LYS C 65 -38.25 24.59 0.96
CA LYS C 65 -37.46 24.15 -0.18
C LYS C 65 -37.51 22.64 -0.35
N PRO C 66 -37.37 22.13 -1.57
CA PRO C 66 -37.36 20.68 -1.74
C PRO C 66 -36.04 20.07 -1.30
N THR C 67 -36.08 18.75 -1.15
CA THR C 67 -34.94 17.98 -0.66
C THR C 67 -33.91 17.85 -1.76
N SER C 68 -32.63 17.91 -1.39
CA SER C 68 -31.56 17.85 -2.38
C SER C 68 -30.53 16.81 -2.01
N GLY C 69 -30.98 15.62 -1.66
CA GLY C 69 -30.09 14.49 -1.52
C GLY C 69 -30.79 13.40 -0.77
N ILE C 70 -30.71 12.16 -1.22
CA ILE C 70 -31.39 11.04 -0.61
C ILE C 70 -30.51 9.83 -0.76
N LEU C 71 -30.13 9.19 0.32
CA LEU C 71 -29.31 7.99 0.27
C LEU C 71 -30.17 6.80 0.60
N LEU C 72 -30.08 5.87 -0.30
CA LEU C 72 -30.81 4.66 -0.02
C LEU C 72 -29.80 3.59 0.34
N TYR C 73 -30.01 2.88 1.43
CA TYR C 73 -29.09 1.82 1.75
C TYR C 73 -29.88 0.61 2.20
N GLY C 74 -29.20 -0.50 2.36
CA GLY C 74 -29.88 -1.72 2.73
C GLY C 74 -29.05 -2.94 2.46
N PRO C 75 -29.62 -4.13 2.62
CA PRO C 75 -28.92 -5.35 2.27
C PRO C 75 -28.98 -5.56 0.78
N PRO C 76 -28.23 -6.49 0.22
CA PRO C 76 -28.25 -6.68 -1.24
C PRO C 76 -29.54 -7.27 -1.73
N GLY C 77 -30.15 -6.62 -2.72
CA GLY C 77 -31.25 -7.19 -3.43
C GLY C 77 -32.62 -6.83 -2.97
N THR C 78 -32.79 -5.68 -2.36
CA THR C 78 -34.04 -5.36 -1.68
C THR C 78 -34.83 -4.26 -2.35
N GLY C 79 -34.31 -3.60 -3.35
CA GLY C 79 -35.15 -2.66 -4.07
C GLY C 79 -34.56 -1.33 -4.45
N LYS C 80 -33.28 -1.10 -4.18
CA LYS C 80 -32.69 0.22 -4.31
C LYS C 80 -32.58 0.67 -5.75
N SER C 81 -31.87 -0.07 -6.58
CA SER C 81 -31.73 0.26 -7.99
C SER C 81 -33.06 0.20 -8.71
N TYR C 82 -33.96 -0.66 -8.24
CA TYR C 82 -35.26 -0.80 -8.88
C TYR C 82 -36.13 0.42 -8.64
N LEU C 83 -36.11 0.92 -7.42
CA LEU C 83 -36.81 2.14 -7.07
C LEU C 83 -36.22 3.33 -7.81
N ALA C 84 -34.92 3.30 -8.08
CA ALA C 84 -34.32 4.30 -8.95
C ALA C 84 -34.83 4.19 -10.38
N LYS C 85 -35.14 2.98 -10.85
CA LYS C 85 -35.77 2.88 -12.17
C LYS C 85 -37.17 3.43 -12.15
N ALA C 86 -37.88 3.27 -11.03
CA ALA C 86 -39.23 3.82 -10.92
C ALA C 86 -39.21 5.34 -10.98
N VAL C 87 -38.23 5.96 -10.31
CA VAL C 87 -38.04 7.40 -10.42
C VAL C 87 -37.70 7.77 -11.86
N ALA C 88 -36.86 6.98 -12.52
CA ALA C 88 -36.49 7.27 -13.89
C ALA C 88 -37.65 7.19 -14.87
N THR C 89 -38.68 6.43 -14.55
CA THR C 89 -39.86 6.43 -15.40
C THR C 89 -40.80 7.56 -15.06
N GLU C 90 -41.06 7.78 -13.78
CA GLU C 90 -42.14 8.65 -13.36
C GLU C 90 -41.75 10.11 -13.18
N ALA C 91 -40.46 10.44 -13.28
CA ALA C 91 -40.01 11.75 -12.81
C ALA C 91 -40.38 12.88 -13.75
N ASN C 92 -40.22 12.66 -15.06
CA ASN C 92 -40.19 13.72 -16.07
C ASN C 92 -39.11 14.74 -15.74
N SER C 93 -37.88 14.26 -15.77
CA SER C 93 -36.70 15.08 -15.56
C SER C 93 -35.60 14.52 -16.43
N THR C 94 -34.45 15.17 -16.38
CA THR C 94 -33.30 14.74 -17.15
C THR C 94 -32.50 13.81 -16.25
N PHE C 95 -32.85 12.54 -16.24
CA PHE C 95 -32.25 11.59 -15.31
C PHE C 95 -30.87 11.24 -15.79
N PHE C 96 -29.84 11.63 -15.07
CA PHE C 96 -28.53 11.12 -15.41
C PHE C 96 -28.36 9.82 -14.66
N SER C 97 -27.33 9.07 -14.98
CA SER C 97 -27.04 7.90 -14.16
C SER C 97 -25.56 7.64 -14.32
N VAL C 98 -24.82 8.13 -13.39
CA VAL C 98 -23.38 8.13 -13.48
C VAL C 98 -22.81 7.12 -12.50
N SER C 99 -21.54 6.77 -12.69
CA SER C 99 -20.90 5.79 -11.83
C SER C 99 -19.41 6.03 -11.85
N SER C 100 -18.70 5.26 -11.04
CA SER C 100 -17.26 5.43 -10.86
C SER C 100 -16.45 5.10 -12.08
N SER C 101 -17.02 4.39 -13.05
CA SER C 101 -16.31 4.15 -14.28
C SER C 101 -16.21 5.40 -15.12
N ASP C 102 -17.08 6.36 -14.89
CA ASP C 102 -17.25 7.47 -15.82
C ASP C 102 -16.70 8.76 -15.25
N LEU C 103 -16.07 8.70 -14.09
CA LEU C 103 -15.52 9.90 -13.47
C LEU C 103 -14.03 9.84 -13.26
N VAL C 104 -13.45 8.66 -13.23
CA VAL C 104 -12.04 8.46 -13.00
C VAL C 104 -11.39 8.37 -14.36
N SER C 105 -10.29 9.10 -14.55
CA SER C 105 -9.58 9.14 -15.81
C SER C 105 -8.10 8.99 -15.56
N LYS C 106 -7.34 9.02 -16.64
CA LYS C 106 -5.93 8.63 -16.68
C LYS C 106 -4.97 9.82 -16.57
N TRP C 107 -5.34 10.97 -17.14
CA TRP C 107 -4.42 12.09 -17.32
C TRP C 107 -4.57 13.18 -16.25
N MET C 108 -4.27 12.87 -14.98
CA MET C 108 -3.87 13.90 -14.01
C MET C 108 -4.84 15.06 -13.79
N GLY C 109 -5.90 14.82 -13.04
CA GLY C 109 -6.82 15.91 -12.79
C GLY C 109 -7.79 16.09 -13.91
N GLU C 110 -7.96 15.08 -14.75
CA GLU C 110 -9.14 14.97 -15.56
C GLU C 110 -10.24 14.31 -14.80
N SER C 111 -9.92 13.63 -13.73
CA SER C 111 -10.94 12.94 -13.00
C SER C 111 -11.69 13.82 -12.08
N GLU C 112 -11.62 15.14 -12.23
CA GLU C 112 -12.43 16.05 -11.47
C GLU C 112 -12.95 17.22 -12.26
N LYS C 113 -12.42 17.49 -13.44
CA LYS C 113 -13.19 18.33 -14.32
C LYS C 113 -14.34 17.54 -14.92
N LEU C 114 -14.26 16.22 -14.85
CA LEU C 114 -15.44 15.40 -15.13
C LEU C 114 -16.51 15.61 -14.07
N VAL C 115 -16.13 15.61 -12.79
CA VAL C 115 -17.11 15.82 -11.73
C VAL C 115 -17.75 17.19 -11.87
N LYS C 116 -16.92 18.20 -12.11
CA LYS C 116 -17.41 19.56 -12.25
C LYS C 116 -18.30 19.73 -13.45
N GLN C 117 -17.96 19.13 -14.57
CA GLN C 117 -18.83 19.40 -15.70
C GLN C 117 -19.99 18.43 -15.79
N LEU C 118 -19.98 17.38 -14.99
CA LEU C 118 -21.21 16.65 -14.73
C LEU C 118 -22.22 17.54 -14.07
N PHE C 119 -21.82 18.20 -12.96
CA PHE C 119 -22.83 18.97 -12.25
C PHE C 119 -23.19 20.22 -13.00
N ALA C 120 -22.30 20.71 -13.86
CA ALA C 120 -22.67 21.83 -14.71
C ALA C 120 -23.62 21.43 -15.82
N MET C 121 -23.54 20.17 -16.29
CA MET C 121 -24.58 19.69 -17.18
C MET C 121 -25.92 19.63 -16.50
N ALA C 122 -25.96 19.15 -15.27
CA ALA C 122 -27.25 19.10 -14.59
C ALA C 122 -27.79 20.47 -14.27
N ARG C 123 -26.93 21.49 -14.16
CA ARG C 123 -27.47 22.83 -13.96
C ARG C 123 -27.97 23.44 -15.26
N GLU C 124 -27.39 23.09 -16.40
CA GLU C 124 -27.94 23.66 -17.63
C GLU C 124 -29.27 23.05 -18.02
N ASN C 125 -29.61 21.89 -17.49
CA ASN C 125 -30.83 21.21 -17.88
C ASN C 125 -31.69 20.91 -16.67
N LYS C 126 -31.88 21.88 -15.82
CA LYS C 126 -32.66 21.64 -14.63
C LYS C 126 -34.14 21.60 -14.99
N PRO C 127 -34.97 20.95 -14.19
CA PRO C 127 -34.79 20.10 -13.02
C PRO C 127 -34.24 18.73 -13.33
N SER C 128 -33.09 18.41 -12.73
CA SER C 128 -32.27 17.26 -13.09
C SER C 128 -32.20 16.31 -11.92
N ILE C 129 -31.81 15.08 -12.18
CA ILE C 129 -31.57 14.08 -11.16
C ILE C 129 -30.24 13.42 -11.46
N ILE C 130 -29.40 13.28 -10.46
CA ILE C 130 -28.13 12.62 -10.61
C ILE C 130 -28.14 11.38 -9.75
N PHE C 131 -28.00 10.22 -10.36
CA PHE C 131 -28.10 8.98 -9.61
C PHE C 131 -26.73 8.33 -9.57
N ILE C 132 -26.06 8.46 -8.44
CA ILE C 132 -24.72 7.91 -8.30
C ILE C 132 -24.88 6.53 -7.69
N ASP C 133 -24.78 5.50 -8.49
CA ASP C 133 -25.04 4.17 -7.97
C ASP C 133 -23.79 3.62 -7.34
N GLU C 134 -23.94 3.06 -6.14
CA GLU C 134 -22.87 2.59 -5.28
C GLU C 134 -21.86 3.71 -5.00
N VAL C 135 -22.15 4.68 -4.08
CA VAL C 135 -21.36 5.84 -3.73
C VAL C 135 -20.23 5.55 -2.76
N ASP C 136 -20.20 4.38 -2.15
CA ASP C 136 -19.11 4.11 -1.24
C ASP C 136 -17.80 3.78 -1.95
N ALA C 137 -17.82 3.64 -3.26
CA ALA C 137 -16.63 3.38 -4.02
C ALA C 137 -15.97 4.64 -4.55
N LEU C 138 -16.66 5.77 -4.51
CA LEU C 138 -16.04 7.05 -4.78
C LEU C 138 -15.51 7.73 -3.54
N THR C 139 -16.15 7.51 -2.39
CA THR C 139 -16.11 8.38 -1.22
C THR C 139 -15.72 7.57 0.01
N GLY C 140 -14.43 7.44 0.26
CA GLY C 140 -13.90 6.48 1.21
C GLY C 140 -13.14 7.00 2.41
N THR C 141 -13.69 8.00 3.09
CA THR C 141 -13.34 8.54 4.41
C THR C 141 -12.01 9.28 4.47
N ARG C 142 -11.21 9.24 3.39
CA ARG C 142 -9.94 9.92 3.15
C ARG C 142 -9.00 9.99 4.37
N GLY C 143 -8.59 8.83 4.86
CA GLY C 143 -7.56 8.74 5.87
C GLY C 143 -6.48 7.77 5.44
N GLU C 144 -6.78 6.97 4.42
CA GLU C 144 -5.85 5.97 3.90
C GLU C 144 -5.71 6.05 2.38
N GLY C 145 -6.53 6.86 1.71
CA GLY C 145 -6.58 6.82 0.27
C GLY C 145 -5.45 7.56 -0.39
N GLU C 146 -5.35 7.38 -1.70
CA GLU C 146 -4.33 8.02 -2.48
C GLU C 146 -4.71 9.45 -2.83
N SER C 147 -3.67 10.22 -3.18
CA SER C 147 -3.77 11.67 -3.32
C SER C 147 -4.77 12.08 -4.38
N GLU C 148 -4.59 11.59 -5.61
CA GLU C 148 -5.37 12.09 -6.72
C GLU C 148 -6.81 11.66 -6.60
N ALA C 149 -7.04 10.35 -6.65
CA ALA C 149 -8.39 9.81 -6.72
C ALA C 149 -9.18 10.19 -5.49
N SER C 150 -8.53 9.92 -4.35
CA SER C 150 -9.17 10.14 -3.07
C SER C 150 -9.45 11.61 -2.88
N ARG C 151 -8.43 12.42 -2.69
CA ARG C 151 -8.70 13.77 -2.23
C ARG C 151 -9.34 14.62 -3.30
N ARG C 152 -9.10 14.30 -4.55
CA ARG C 152 -9.53 15.23 -5.55
C ARG C 152 -10.88 14.87 -6.12
N ILE C 153 -11.21 13.59 -6.21
CA ILE C 153 -12.57 13.31 -6.66
C ILE C 153 -13.54 13.47 -5.51
N LYS C 154 -13.17 13.05 -4.30
CA LYS C 154 -14.06 13.25 -3.17
C LYS C 154 -14.23 14.73 -2.88
N THR C 155 -13.15 15.49 -2.95
CA THR C 155 -13.21 16.91 -2.64
C THR C 155 -14.01 17.68 -3.68
N GLU C 156 -13.89 17.33 -4.95
CA GLU C 156 -14.69 18.05 -5.93
C GLU C 156 -16.16 17.66 -5.86
N LEU C 157 -16.45 16.47 -5.37
CA LEU C 157 -17.84 16.11 -5.18
C LEU C 157 -18.45 16.87 -4.01
N LEU C 158 -17.69 17.05 -2.92
CA LEU C 158 -18.13 17.82 -1.76
C LEU C 158 -18.44 19.26 -2.12
N VAL C 159 -17.41 19.97 -2.59
CA VAL C 159 -17.52 21.38 -2.95
C VAL C 159 -18.56 21.59 -4.04
N GLN C 160 -18.73 20.60 -4.88
CA GLN C 160 -19.68 20.81 -5.96
C GLN C 160 -21.10 20.58 -5.47
N MET C 161 -21.31 19.77 -4.43
CA MET C 161 -22.67 19.54 -3.97
C MET C 161 -23.22 20.73 -3.20
N ASN C 162 -22.49 21.27 -2.22
CA ASN C 162 -23.04 22.53 -1.69
C ASN C 162 -22.14 23.74 -1.90
N GLY C 163 -20.88 23.73 -1.43
CA GLY C 163 -19.90 24.76 -1.73
C GLY C 163 -20.25 26.21 -1.47
N VAL C 164 -19.58 27.13 -2.15
CA VAL C 164 -19.84 28.56 -2.01
C VAL C 164 -20.53 29.13 -3.24
N GLY C 165 -19.87 29.10 -4.38
CA GLY C 165 -20.45 29.72 -5.55
C GLY C 165 -21.18 28.75 -6.46
N ASN C 166 -21.95 27.83 -5.89
CA ASN C 166 -22.33 26.67 -6.67
C ASN C 166 -23.82 26.49 -6.94
N ASP C 167 -24.72 26.84 -6.02
CA ASP C 167 -26.17 26.92 -6.29
C ASP C 167 -26.76 25.57 -6.70
N SER C 168 -26.89 24.67 -5.74
CA SER C 168 -27.63 23.42 -5.94
C SER C 168 -29.13 23.66 -5.83
N GLN C 169 -29.66 24.42 -6.79
CA GLN C 169 -31.10 24.62 -6.95
C GLN C 169 -31.62 23.66 -8.00
N GLY C 170 -32.64 22.89 -7.64
CA GLY C 170 -33.32 22.13 -8.65
C GLY C 170 -32.62 20.89 -9.13
N VAL C 171 -31.45 20.57 -8.60
CA VAL C 171 -30.83 19.29 -8.85
C VAL C 171 -31.06 18.43 -7.63
N LEU C 172 -31.18 17.14 -7.86
CA LEU C 172 -31.29 16.15 -6.82
C LEU C 172 -30.23 15.11 -7.08
N VAL C 173 -29.51 14.63 -6.04
CA VAL C 173 -28.43 13.69 -6.11
C VAL C 173 -28.88 12.45 -5.35
N LEU C 174 -29.23 11.39 -6.06
CA LEU C 174 -29.53 10.14 -5.38
C LEU C 174 -28.25 9.41 -5.01
N GLY C 175 -28.38 8.18 -4.59
CA GLY C 175 -27.19 7.41 -4.34
C GLY C 175 -27.58 6.18 -3.58
N ALA C 176 -27.01 5.04 -3.90
CA ALA C 176 -27.31 3.82 -3.19
C ALA C 176 -26.01 3.24 -2.67
N THR C 177 -26.08 2.45 -1.62
CA THR C 177 -24.88 1.80 -1.11
C THR C 177 -25.25 0.59 -0.28
N ASN C 178 -24.30 -0.34 -0.17
CA ASN C 178 -24.46 -1.47 0.73
C ASN C 178 -23.62 -1.37 1.97
N ILE C 179 -22.61 -0.52 1.97
CA ILE C 179 -21.75 -0.37 3.12
C ILE C 179 -21.91 1.05 3.60
N PRO C 180 -22.99 1.41 4.29
CA PRO C 180 -23.19 2.81 4.62
C PRO C 180 -22.33 3.30 5.76
N TRP C 181 -21.64 2.42 6.47
CA TRP C 181 -20.78 2.87 7.55
C TRP C 181 -19.37 3.21 7.08
N GLN C 182 -19.04 2.90 5.84
CA GLN C 182 -17.74 3.26 5.28
C GLN C 182 -17.81 4.51 4.46
N LEU C 183 -18.61 5.46 4.87
CA LEU C 183 -18.88 6.64 4.08
C LEU C 183 -18.34 7.82 4.87
N ASP C 184 -17.74 8.78 4.18
CA ASP C 184 -17.13 9.92 4.83
C ASP C 184 -18.18 10.81 5.46
N SER C 185 -17.87 11.36 6.64
CA SER C 185 -18.87 12.10 7.41
C SER C 185 -19.29 13.41 6.77
N ALA C 186 -18.46 14.00 5.92
CA ALA C 186 -18.91 15.17 5.17
C ALA C 186 -19.91 14.79 4.11
N ILE C 187 -19.82 13.58 3.60
CA ILE C 187 -20.74 13.14 2.57
C ILE C 187 -21.96 12.48 3.19
N ARG C 188 -21.82 11.96 4.39
CA ARG C 188 -23.00 11.65 5.18
C ARG C 188 -23.77 12.92 5.51
N ARG C 189 -23.08 14.03 5.66
CA ARG C 189 -23.77 15.28 5.89
C ARG C 189 -24.50 15.76 4.64
N ARG C 190 -23.90 15.61 3.46
CA ARG C 190 -24.52 16.17 2.25
C ARG C 190 -25.81 15.48 1.85
N PHE C 191 -25.90 14.18 2.09
CA PHE C 191 -27.09 13.38 1.83
C PHE C 191 -28.05 13.59 2.99
N GLU C 192 -29.07 14.36 2.79
CA GLU C 192 -29.77 14.85 3.95
C GLU C 192 -30.96 14.00 4.34
N ARG C 193 -31.28 12.92 3.63
CA ARG C 193 -32.30 11.98 4.08
C ARG C 193 -31.80 10.57 3.82
N ARG C 194 -31.12 9.98 4.79
CA ARG C 194 -30.64 8.61 4.65
C ARG C 194 -31.77 7.64 4.93
N ILE C 195 -32.41 7.11 3.89
CA ILE C 195 -33.53 6.18 4.06
C ILE C 195 -33.00 4.76 3.98
N TYR C 196 -33.58 3.85 4.74
CA TYR C 196 -33.13 2.46 4.86
C TYR C 196 -34.11 1.52 4.19
N ILE C 197 -33.64 0.73 3.23
CA ILE C 197 -34.49 -0.17 2.47
C ILE C 197 -34.30 -1.58 3.03
N PRO C 198 -35.26 -2.14 3.76
CA PRO C 198 -35.02 -3.40 4.45
C PRO C 198 -35.47 -4.64 3.70
N LEU C 199 -35.18 -5.82 4.25
CA LEU C 199 -35.72 -7.06 3.72
C LEU C 199 -37.24 -7.07 3.84
N PRO C 200 -37.98 -7.74 2.94
CA PRO C 200 -39.46 -7.57 2.92
C PRO C 200 -40.27 -8.13 4.09
N ASP C 201 -41.60 -7.96 4.09
CA ASP C 201 -42.51 -8.55 5.07
C ASP C 201 -43.71 -9.18 4.38
N LEU C 202 -44.78 -9.60 5.10
CA LEU C 202 -45.71 -10.57 4.55
C LEU C 202 -46.50 -10.03 3.37
N ALA C 203 -47.08 -8.84 3.53
CA ALA C 203 -47.89 -8.26 2.46
C ALA C 203 -47.07 -7.93 1.24
N ALA C 204 -45.82 -7.55 1.44
CA ALA C 204 -44.94 -7.24 0.32
C ALA C 204 -44.59 -8.50 -0.46
N ARG C 205 -44.29 -9.59 0.24
CA ARG C 205 -43.98 -10.84 -0.43
C ARG C 205 -45.16 -11.36 -1.23
N THR C 206 -46.36 -11.27 -0.66
CA THR C 206 -47.55 -11.68 -1.39
C THR C 206 -47.76 -10.82 -2.62
N THR C 207 -47.48 -9.52 -2.49
CA THR C 207 -47.57 -8.63 -3.63
C THR C 207 -46.55 -8.99 -4.70
N MET C 208 -45.35 -9.40 -4.30
CA MET C 208 -44.33 -9.70 -5.29
C MET C 208 -44.62 -10.98 -6.05
N PHE C 209 -45.23 -11.98 -5.39
CA PHE C 209 -45.66 -13.14 -6.15
C PHE C 209 -46.74 -12.79 -7.15
N GLU C 210 -47.73 -12.00 -6.72
CA GLU C 210 -48.81 -11.59 -7.61
C GLU C 210 -48.30 -10.77 -8.79
N ILE C 211 -47.25 -9.97 -8.59
CA ILE C 211 -46.69 -9.20 -9.70
C ILE C 211 -45.90 -10.11 -10.64
N ASN C 212 -45.00 -10.91 -10.07
CA ASN C 212 -44.07 -11.66 -10.91
C ASN C 212 -44.71 -12.80 -11.67
N VAL C 213 -45.89 -13.29 -11.26
CA VAL C 213 -46.52 -14.25 -12.16
C VAL C 213 -47.14 -13.56 -13.36
N GLY C 214 -47.38 -12.26 -13.29
CA GLY C 214 -47.79 -11.51 -14.47
C GLY C 214 -49.18 -11.87 -14.93
N ASP C 215 -49.31 -12.13 -16.22
CA ASP C 215 -50.56 -12.58 -16.81
C ASP C 215 -50.48 -14.03 -17.25
N THR C 216 -49.71 -14.82 -16.54
CA THR C 216 -49.56 -16.22 -16.88
C THR C 216 -50.74 -17.02 -16.33
N PRO C 217 -51.36 -17.90 -17.14
CA PRO C 217 -52.51 -18.68 -16.66
C PRO C 217 -52.17 -19.63 -15.52
N CYS C 218 -52.77 -19.36 -14.36
CA CYS C 218 -52.52 -20.16 -13.17
C CYS C 218 -53.82 -20.39 -12.43
N VAL C 219 -53.89 -21.53 -11.74
CA VAL C 219 -55.06 -21.93 -10.99
C VAL C 219 -55.04 -21.37 -9.57
N LEU C 220 -54.07 -20.51 -9.26
CA LEU C 220 -53.87 -20.06 -7.89
C LEU C 220 -54.91 -19.05 -7.47
N THR C 221 -55.19 -19.03 -6.17
CA THR C 221 -56.11 -18.09 -5.57
C THR C 221 -55.36 -17.12 -4.68
N LYS C 222 -56.10 -16.26 -4.01
CA LYS C 222 -55.50 -15.31 -3.08
C LYS C 222 -54.92 -16.03 -1.87
N GLU C 223 -55.56 -17.11 -1.44
CA GLU C 223 -55.02 -17.85 -0.31
C GLU C 223 -53.81 -18.68 -0.70
N ASP C 224 -53.62 -18.92 -1.99
CA ASP C 224 -52.41 -19.61 -2.43
C ASP C 224 -51.22 -18.67 -2.38
N TYR C 225 -51.36 -17.45 -2.92
CA TYR C 225 -50.28 -16.48 -2.82
C TYR C 225 -50.03 -16.12 -1.37
N ARG C 226 -51.10 -16.07 -0.59
CA ARG C 226 -50.99 -15.84 0.84
C ARG C 226 -50.23 -16.95 1.52
N THR C 227 -50.42 -18.18 1.06
CA THR C 227 -49.70 -19.33 1.60
C THR C 227 -48.22 -19.24 1.30
N LEU C 228 -47.87 -18.91 0.06
CA LEU C 228 -46.47 -18.83 -0.33
C LEU C 228 -45.77 -17.68 0.38
N GLY C 229 -46.43 -16.53 0.45
CA GLY C 229 -45.90 -15.41 1.22
C GLY C 229 -45.70 -15.75 2.68
N ALA C 230 -46.55 -16.59 3.24
CA ALA C 230 -46.29 -17.07 4.60
C ALA C 230 -45.12 -18.04 4.63
N MET C 231 -44.84 -18.70 3.51
CA MET C 231 -43.83 -19.75 3.50
C MET C 231 -42.41 -19.18 3.40
N THR C 232 -42.24 -18.00 2.81
CA THR C 232 -40.93 -17.52 2.39
C THR C 232 -40.30 -16.50 3.31
N GLU C 233 -40.33 -16.63 4.63
CA GLU C 233 -39.77 -15.58 5.46
C GLU C 233 -38.26 -15.64 5.48
N GLY C 234 -37.63 -14.53 5.11
CA GLY C 234 -36.20 -14.43 4.98
C GLY C 234 -35.73 -14.10 3.59
N TYR C 235 -36.63 -14.11 2.61
CA TYR C 235 -36.22 -13.93 1.23
C TYR C 235 -36.29 -12.47 0.87
N SER C 236 -35.37 -12.04 0.03
CA SER C 236 -35.41 -10.71 -0.53
C SER C 236 -36.16 -10.76 -1.84
N GLY C 237 -36.26 -9.63 -2.54
CA GLY C 237 -37.06 -9.59 -3.74
C GLY C 237 -36.43 -10.26 -4.92
N SER C 238 -35.10 -10.38 -4.91
CA SER C 238 -34.39 -11.15 -5.93
C SER C 238 -34.79 -12.60 -5.86
N ASP C 239 -34.80 -13.15 -4.65
CA ASP C 239 -35.07 -14.57 -4.47
C ASP C 239 -36.47 -14.93 -4.90
N ILE C 240 -37.41 -14.04 -4.65
CA ILE C 240 -38.76 -14.35 -5.08
C ILE C 240 -38.89 -14.15 -6.58
N ALA C 241 -38.10 -13.27 -7.17
CA ALA C 241 -38.08 -13.19 -8.62
C ALA C 241 -37.50 -14.45 -9.26
N VAL C 242 -36.57 -15.13 -8.59
CA VAL C 242 -36.05 -16.35 -9.18
C VAL C 242 -36.85 -17.60 -8.80
N VAL C 243 -37.62 -17.59 -7.70
CA VAL C 243 -38.50 -18.73 -7.54
C VAL C 243 -39.67 -18.62 -8.48
N VAL C 244 -40.05 -17.40 -8.88
CA VAL C 244 -41.08 -17.32 -9.91
C VAL C 244 -40.50 -17.66 -11.27
N LYS C 245 -39.23 -17.36 -11.49
CA LYS C 245 -38.58 -17.75 -12.74
C LYS C 245 -38.53 -19.28 -12.89
N ASP C 246 -38.10 -19.96 -11.83
CA ASP C 246 -37.98 -21.41 -11.87
C ASP C 246 -39.35 -22.09 -11.94
N ALA C 247 -40.30 -21.60 -11.17
CA ALA C 247 -41.64 -22.16 -11.21
C ALA C 247 -42.33 -21.93 -12.54
N LEU C 248 -41.99 -20.85 -13.23
CA LEU C 248 -42.48 -20.72 -14.59
C LEU C 248 -41.75 -21.61 -15.57
N MET C 249 -40.57 -22.10 -15.20
CA MET C 249 -39.87 -23.10 -16.00
C MET C 249 -40.05 -24.51 -15.48
N GLN C 250 -41.05 -24.75 -14.67
CA GLN C 250 -41.41 -26.13 -14.41
C GLN C 250 -42.24 -26.82 -15.48
N PRO C 251 -43.26 -26.22 -16.10
CA PRO C 251 -44.04 -26.99 -17.07
C PRO C 251 -43.31 -27.31 -18.35
N ILE C 252 -42.36 -26.48 -18.77
CA ILE C 252 -41.50 -26.78 -19.92
C ILE C 252 -40.67 -28.01 -19.64
N ARG C 253 -40.22 -28.14 -18.41
CA ARG C 253 -39.51 -29.33 -17.96
C ARG C 253 -40.42 -30.54 -17.90
N LYS C 254 -41.72 -30.37 -17.59
CA LYS C 254 -42.62 -31.52 -17.66
C LYS C 254 -42.98 -31.88 -19.09
N ILE C 255 -43.00 -30.91 -19.99
CA ILE C 255 -43.02 -31.20 -21.41
C ILE C 255 -41.82 -32.06 -21.78
N GLN C 256 -40.66 -31.77 -21.17
CA GLN C 256 -39.48 -32.57 -21.45
C GLN C 256 -39.54 -33.95 -20.81
N SER C 257 -40.20 -34.10 -19.68
CA SER C 257 -40.42 -35.43 -19.10
C SER C 257 -41.83 -35.93 -19.41
N ALA C 258 -42.15 -36.06 -20.70
CA ALA C 258 -43.50 -36.50 -21.06
C ALA C 258 -43.63 -37.57 -22.14
N THR C 259 -43.20 -38.79 -21.87
CA THR C 259 -43.41 -39.85 -22.83
C THR C 259 -44.92 -39.98 -22.75
N HIS C 260 -45.60 -39.51 -23.79
CA HIS C 260 -47.07 -39.43 -23.77
C HIS C 260 -47.71 -38.04 -23.66
N PHE C 261 -48.46 -37.67 -24.69
CA PHE C 261 -49.32 -36.47 -24.68
C PHE C 261 -50.77 -36.88 -25.00
N LYS C 262 -51.66 -35.90 -25.15
CA LYS C 262 -53.09 -36.17 -25.27
C LYS C 262 -53.83 -34.95 -25.80
N ASP C 263 -54.78 -35.18 -26.69
CA ASP C 263 -55.58 -34.08 -27.26
C ASP C 263 -56.68 -33.63 -26.29
N VAL C 264 -56.94 -32.32 -26.28
CA VAL C 264 -58.00 -31.71 -25.46
C VAL C 264 -58.73 -30.61 -26.26
N SER C 265 -59.79 -30.05 -25.67
CA SER C 265 -60.65 -29.00 -26.28
C SER C 265 -61.91 -29.57 -26.95
N GLU C 270 -59.84 -24.75 -31.63
CA GLU C 270 -59.26 -24.25 -32.88
C GLU C 270 -58.18 -25.17 -33.46
N THR C 271 -58.60 -26.40 -33.79
CA THR C 271 -57.79 -27.43 -34.49
C THR C 271 -56.59 -28.02 -33.71
N ARG C 272 -56.79 -29.21 -33.15
CA ARG C 272 -55.76 -30.00 -32.51
C ARG C 272 -55.01 -29.25 -31.42
N LYS C 273 -54.97 -29.84 -30.22
CA LYS C 273 -54.18 -29.26 -29.10
C LYS C 273 -53.80 -30.26 -28.01
N LEU C 274 -52.51 -30.59 -27.91
CA LEU C 274 -52.05 -31.67 -27.04
C LEU C 274 -51.12 -31.27 -25.90
N THR C 275 -51.30 -31.93 -24.75
CA THR C 275 -50.63 -31.62 -23.49
C THR C 275 -50.04 -32.89 -22.87
N PRO C 276 -49.01 -32.76 -22.01
CA PRO C 276 -48.44 -33.95 -21.37
C PRO C 276 -49.42 -34.62 -20.40
N CYS C 277 -49.47 -35.95 -20.47
CA CYS C 277 -50.29 -36.75 -19.55
C CYS C 277 -49.54 -38.04 -19.20
N SER C 278 -49.95 -38.67 -18.09
CA SER C 278 -49.31 -39.89 -17.60
C SER C 278 -49.39 -41.07 -18.60
N PRO C 279 -48.48 -42.07 -18.48
CA PRO C 279 -48.61 -43.27 -19.34
C PRO C 279 -49.95 -43.99 -19.16
N GLY C 280 -50.71 -44.07 -20.25
CA GLY C 280 -52.01 -44.75 -20.24
C GLY C 280 -53.10 -43.89 -19.65
N ASP C 281 -53.76 -43.12 -20.52
CA ASP C 281 -54.84 -42.18 -20.16
C ASP C 281 -55.81 -41.98 -21.35
N ASP C 282 -56.89 -41.26 -21.13
CA ASP C 282 -57.92 -40.98 -22.15
C ASP C 282 -57.37 -40.23 -23.38
N GLY C 283 -56.94 -41.01 -24.38
CA GLY C 283 -56.36 -40.45 -25.61
C GLY C 283 -54.84 -40.25 -25.54
N ALA C 284 -54.20 -40.99 -24.63
CA ALA C 284 -52.77 -40.91 -24.42
C ALA C 284 -51.95 -41.58 -25.54
N ILE C 285 -51.55 -40.78 -26.52
CA ILE C 285 -50.57 -41.20 -27.53
C ILE C 285 -49.17 -41.15 -26.90
N GLU C 286 -48.22 -41.94 -27.42
CA GLU C 286 -46.83 -41.91 -26.93
C GLU C 286 -45.93 -41.14 -27.88
N MET C 287 -45.34 -40.05 -27.37
CA MET C 287 -44.48 -39.19 -28.19
C MET C 287 -43.61 -38.27 -27.35
N SER C 288 -42.84 -37.43 -28.05
CA SER C 288 -42.03 -36.40 -27.44
C SER C 288 -42.44 -35.03 -27.97
N TRP C 289 -42.09 -33.96 -27.26
CA TRP C 289 -42.44 -32.59 -27.66
C TRP C 289 -41.98 -32.27 -29.07
N THR C 290 -40.85 -32.87 -29.43
CA THR C 290 -40.25 -32.76 -30.74
C THR C 290 -41.19 -33.24 -31.84
N ASP C 291 -41.98 -34.26 -31.51
CA ASP C 291 -42.93 -34.88 -32.44
C ASP C 291 -44.10 -33.97 -32.72
N ILE C 292 -44.30 -32.96 -31.88
CA ILE C 292 -45.55 -32.21 -31.93
C ILE C 292 -45.43 -30.89 -32.65
N GLU C 293 -46.50 -30.54 -33.36
CA GLU C 293 -46.49 -29.43 -34.31
C GLU C 293 -46.46 -28.06 -33.65
N ALA C 294 -45.81 -27.12 -34.34
CA ALA C 294 -45.75 -25.71 -33.93
C ALA C 294 -47.10 -25.26 -33.39
N ASP C 295 -47.05 -24.46 -32.32
CA ASP C 295 -48.22 -23.98 -31.58
C ASP C 295 -49.07 -25.07 -30.91
N GLU C 296 -49.56 -26.04 -31.70
CA GLU C 296 -50.56 -27.00 -31.26
C GLU C 296 -50.19 -27.80 -30.01
N LEU C 297 -49.33 -27.23 -29.20
CA LEU C 297 -48.96 -27.68 -27.86
C LEU C 297 -49.83 -26.98 -26.83
N LYS C 298 -50.25 -27.74 -25.83
CA LYS C 298 -51.07 -27.19 -24.74
C LYS C 298 -50.23 -27.24 -23.46
N GLU C 299 -49.66 -26.10 -23.09
CA GLU C 299 -48.83 -26.01 -21.89
C GLU C 299 -49.64 -26.18 -20.61
N PRO C 300 -49.13 -27.00 -19.68
CA PRO C 300 -49.78 -27.26 -18.39
C PRO C 300 -49.75 -26.00 -17.52
N ASP C 301 -50.73 -25.84 -16.64
CA ASP C 301 -50.75 -24.65 -15.81
C ASP C 301 -49.95 -24.91 -14.54
N LEU C 302 -50.08 -24.05 -13.55
CA LEU C 302 -49.20 -24.06 -12.41
C LEU C 302 -49.89 -24.62 -11.19
N THR C 303 -49.28 -25.61 -10.57
CA THR C 303 -49.65 -26.15 -9.27
C THR C 303 -48.93 -25.36 -8.21
N ILE C 304 -49.49 -25.30 -7.00
CA ILE C 304 -48.71 -24.82 -5.87
C ILE C 304 -47.52 -25.73 -5.53
N LYS C 305 -47.52 -26.98 -5.99
CA LYS C 305 -46.36 -27.83 -5.80
C LYS C 305 -45.19 -27.36 -6.64
N ASP C 306 -45.46 -26.62 -7.72
CA ASP C 306 -44.37 -26.03 -8.49
C ASP C 306 -43.62 -24.98 -7.68
N PHE C 307 -44.37 -24.14 -6.98
CA PHE C 307 -43.75 -23.12 -6.16
C PHE C 307 -43.09 -23.71 -4.93
N LEU C 308 -43.71 -24.73 -4.33
CA LEU C 308 -43.07 -25.37 -3.19
C LEU C 308 -41.80 -26.10 -3.60
N LYS C 309 -41.81 -26.65 -4.81
CA LYS C 309 -40.63 -27.26 -5.40
C LYS C 309 -39.51 -26.24 -5.57
N ALA C 310 -39.85 -25.07 -6.11
CA ALA C 310 -38.84 -24.03 -6.33
C ALA C 310 -38.31 -23.48 -5.02
N ILE C 311 -39.18 -23.30 -4.03
CA ILE C 311 -38.76 -22.72 -2.77
C ILE C 311 -37.91 -23.69 -1.98
N LYS C 312 -38.15 -25.00 -2.13
CA LYS C 312 -37.23 -25.98 -1.55
C LYS C 312 -35.86 -25.91 -2.20
N SER C 313 -35.81 -25.70 -3.52
CA SER C 313 -34.52 -25.75 -4.20
C SER C 313 -33.73 -24.44 -4.03
N THR C 314 -34.40 -23.30 -4.04
CA THR C 314 -33.72 -22.02 -4.02
C THR C 314 -33.52 -21.54 -2.59
N ARG C 315 -32.34 -21.04 -2.31
CA ARG C 315 -31.83 -20.74 -1.00
C ARG C 315 -31.43 -19.26 -0.93
N PRO C 316 -31.74 -18.56 0.15
CA PRO C 316 -31.59 -17.10 0.19
C PRO C 316 -30.17 -16.59 0.09
N THR C 317 -30.03 -15.29 -0.02
CA THR C 317 -28.73 -14.67 -0.15
C THR C 317 -28.16 -14.12 1.15
N VAL C 318 -28.98 -13.50 1.99
CA VAL C 318 -28.50 -12.81 3.18
C VAL C 318 -28.21 -13.75 4.31
N ASN C 319 -27.57 -13.22 5.34
CA ASN C 319 -27.08 -13.94 6.50
C ASN C 319 -27.51 -13.08 7.70
N GLU C 320 -26.98 -13.27 8.91
CA GLU C 320 -27.62 -12.53 9.99
C GLU C 320 -26.66 -11.82 10.93
N ASP C 321 -25.49 -11.40 10.46
CA ASP C 321 -24.73 -10.38 11.15
C ASP C 321 -24.55 -9.12 10.33
N ASP C 322 -24.64 -9.24 9.01
CA ASP C 322 -24.81 -8.10 8.12
C ASP C 322 -25.98 -7.25 8.56
N LEU C 323 -27.07 -7.90 8.97
CA LEU C 323 -28.22 -7.19 9.51
C LEU C 323 -27.90 -6.45 10.80
N LEU C 324 -26.94 -6.93 11.58
CA LEU C 324 -26.61 -6.22 12.81
C LEU C 324 -25.92 -4.90 12.50
N LYS C 325 -25.05 -4.89 11.50
CA LYS C 325 -24.42 -3.61 11.20
C LYS C 325 -25.36 -2.66 10.45
N GLN C 326 -26.30 -3.20 9.68
CA GLN C 326 -27.32 -2.34 9.08
C GLN C 326 -28.19 -1.70 10.14
N GLU C 327 -28.62 -2.47 11.13
CA GLU C 327 -29.44 -1.92 12.19
C GLU C 327 -28.68 -0.96 13.06
N GLN C 328 -27.37 -1.20 13.21
CA GLN C 328 -26.48 -0.25 13.85
C GLN C 328 -26.53 1.12 13.19
N PHE C 329 -26.31 1.16 11.88
CA PHE C 329 -26.31 2.43 11.17
C PHE C 329 -27.69 3.08 11.19
N THR C 330 -28.75 2.28 11.19
CA THR C 330 -30.08 2.87 11.21
C THR C 330 -30.38 3.49 12.55
N ARG C 331 -29.87 2.90 13.60
CA ARG C 331 -30.09 3.42 14.93
C ARG C 331 -29.20 4.60 15.25
N ASP C 332 -28.07 4.74 14.56
CA ASP C 332 -27.19 5.88 14.78
C ASP C 332 -27.43 7.06 13.86
N PHE C 333 -27.87 6.85 12.61
CA PHE C 333 -27.98 7.96 11.67
C PHE C 333 -29.20 7.95 10.77
N GLY C 334 -30.06 6.93 10.82
CA GLY C 334 -30.98 6.68 9.75
C GLY C 334 -32.47 6.78 10.01
N GLN C 335 -33.18 6.64 8.92
CA GLN C 335 -34.63 6.70 8.79
C GLN C 335 -35.14 5.26 8.82
N GLU C 336 -36.41 5.03 8.50
CA GLU C 336 -36.98 3.70 8.50
C GLU C 336 -37.89 3.61 7.29
N GLY C 337 -37.55 2.72 6.36
CA GLY C 337 -38.18 2.73 5.07
C GLY C 337 -39.51 2.06 4.98
N ASN C 338 -39.95 1.41 6.05
CA ASN C 338 -41.30 0.87 6.24
C ASN C 338 -41.60 -0.21 5.19
N ASN D 13 -11.23 3.69 -27.39
CA ASN D 13 -12.13 2.92 -28.22
C ASN D 13 -11.42 1.73 -28.86
N LYS D 14 -10.72 2.03 -29.94
CA LYS D 14 -10.09 1.00 -30.74
C LYS D 14 -8.82 0.46 -30.11
N LYS D 15 -8.21 1.21 -29.21
CA LYS D 15 -7.13 0.66 -28.40
C LYS D 15 -7.67 -0.46 -27.52
N LEU D 16 -8.86 -0.24 -26.97
CA LEU D 16 -9.43 -1.22 -26.07
C LEU D 16 -9.95 -2.43 -26.82
N ARG D 17 -10.55 -2.24 -27.99
CA ARG D 17 -10.93 -3.38 -28.82
C ARG D 17 -9.72 -4.10 -29.37
N GLY D 18 -8.60 -3.39 -29.55
CA GLY D 18 -7.36 -4.05 -29.86
C GLY D 18 -6.86 -4.90 -28.72
N ALA D 19 -7.17 -4.52 -27.48
CA ALA D 19 -6.84 -5.40 -26.36
C ALA D 19 -7.75 -6.62 -26.32
N LEU D 20 -9.05 -6.41 -26.41
CA LEU D 20 -9.98 -7.51 -26.22
C LEU D 20 -10.31 -8.27 -27.50
N SER D 21 -9.56 -8.04 -28.57
CA SER D 21 -9.74 -8.91 -29.73
C SER D 21 -9.20 -10.31 -29.48
N SER D 22 -8.31 -10.48 -28.51
CA SER D 22 -7.73 -11.77 -28.23
C SER D 22 -8.50 -12.55 -27.19
N ALA D 23 -9.80 -12.32 -27.08
CA ALA D 23 -10.63 -13.08 -26.16
C ALA D 23 -11.72 -13.85 -26.88
N ILE D 24 -12.13 -13.41 -28.06
CA ILE D 24 -13.10 -14.12 -28.87
C ILE D 24 -12.40 -15.36 -29.36
N LEU D 25 -12.62 -16.50 -28.70
CA LEU D 25 -11.84 -17.67 -29.10
C LEU D 25 -12.38 -18.22 -30.41
N SER D 26 -11.49 -18.87 -31.17
CA SER D 26 -11.81 -19.22 -32.54
C SER D 26 -11.34 -20.61 -32.89
N GLU D 27 -11.46 -21.54 -31.94
CA GLU D 27 -10.98 -22.87 -32.28
C GLU D 27 -11.88 -24.02 -31.87
N LYS D 28 -12.90 -23.80 -31.03
CA LYS D 28 -13.91 -24.78 -30.63
C LYS D 28 -13.33 -26.08 -30.10
N PRO D 29 -12.87 -26.10 -28.86
CA PRO D 29 -12.28 -27.32 -28.28
C PRO D 29 -13.28 -28.46 -28.26
N ASN D 30 -12.98 -29.53 -28.98
CA ASN D 30 -13.96 -30.56 -29.29
C ASN D 30 -14.18 -31.47 -28.09
N VAL D 31 -14.90 -30.95 -27.11
CA VAL D 31 -15.43 -31.73 -26.00
C VAL D 31 -16.94 -31.74 -26.14
N LYS D 32 -17.53 -32.91 -26.15
CA LYS D 32 -18.97 -33.01 -26.31
C LYS D 32 -19.60 -33.45 -25.00
N TRP D 33 -20.93 -33.36 -24.91
CA TRP D 33 -21.61 -33.56 -23.63
C TRP D 33 -21.47 -34.98 -23.12
N GLU D 34 -21.22 -35.92 -24.01
CA GLU D 34 -21.06 -37.33 -23.67
C GLU D 34 -19.75 -37.54 -22.94
N ASP D 35 -18.73 -36.76 -23.28
CA ASP D 35 -17.43 -36.91 -22.67
C ASP D 35 -17.47 -36.55 -21.21
N VAL D 36 -18.35 -35.63 -20.83
CA VAL D 36 -18.37 -35.16 -19.46
C VAL D 36 -19.21 -36.16 -18.68
N ALA D 37 -18.60 -36.83 -17.72
CA ALA D 37 -19.22 -37.96 -17.07
C ALA D 37 -19.87 -37.53 -15.77
N GLY D 38 -21.00 -38.13 -15.45
CA GLY D 38 -21.75 -37.78 -14.27
C GLY D 38 -22.45 -36.46 -14.48
N LEU D 39 -22.90 -35.88 -13.36
CA LEU D 39 -23.29 -34.48 -13.23
C LEU D 39 -24.45 -34.15 -14.16
N GLU D 40 -25.58 -34.80 -13.97
CA GLU D 40 -26.66 -34.51 -14.89
C GLU D 40 -27.39 -33.25 -14.50
N GLY D 41 -27.33 -32.84 -13.24
CA GLY D 41 -28.00 -31.60 -12.89
C GLY D 41 -27.33 -30.38 -13.48
N ALA D 42 -26.01 -30.37 -13.49
CA ALA D 42 -25.29 -29.21 -14.01
C ALA D 42 -25.41 -29.12 -15.52
N LYS D 43 -25.34 -30.26 -16.22
CA LYS D 43 -25.63 -30.25 -17.65
C LYS D 43 -27.05 -29.84 -17.92
N GLU D 44 -27.98 -30.22 -17.05
CA GLU D 44 -29.38 -29.89 -17.27
C GLU D 44 -29.62 -28.39 -17.17
N ALA D 45 -29.08 -27.77 -16.13
CA ALA D 45 -29.23 -26.33 -15.97
C ALA D 45 -28.52 -25.57 -17.08
N LEU D 46 -27.33 -26.03 -17.47
CA LEU D 46 -26.60 -25.34 -18.52
C LEU D 46 -27.26 -25.47 -19.87
N LYS D 47 -27.90 -26.61 -20.14
CA LYS D 47 -28.63 -26.76 -21.39
C LYS D 47 -29.84 -25.85 -21.41
N GLU D 48 -30.60 -25.81 -20.31
CA GLU D 48 -31.78 -24.96 -20.34
C GLU D 48 -31.47 -23.50 -20.11
N ALA D 49 -30.21 -23.11 -19.96
CA ALA D 49 -29.85 -21.71 -19.96
C ALA D 49 -29.07 -21.28 -21.19
N VAL D 50 -28.54 -22.21 -21.98
CA VAL D 50 -27.68 -21.90 -23.12
C VAL D 50 -28.26 -22.40 -24.43
N ILE D 51 -28.63 -23.67 -24.46
CA ILE D 51 -29.02 -24.29 -25.72
C ILE D 51 -30.44 -23.92 -26.07
N LEU D 52 -31.34 -24.03 -25.11
CA LEU D 52 -32.77 -23.90 -25.29
C LEU D 52 -33.29 -22.50 -25.65
N PRO D 53 -32.74 -21.38 -25.13
CA PRO D 53 -33.18 -20.08 -25.67
C PRO D 53 -32.90 -19.88 -27.13
N VAL D 54 -31.81 -20.41 -27.65
CA VAL D 54 -31.51 -20.19 -29.06
C VAL D 54 -32.36 -21.09 -29.93
N LYS D 55 -32.54 -22.34 -29.53
CA LYS D 55 -33.20 -23.31 -30.37
C LYS D 55 -34.71 -23.09 -30.44
N PHE D 56 -35.32 -22.55 -29.40
CA PHE D 56 -36.75 -22.27 -29.39
C PHE D 56 -37.04 -20.91 -28.79
N PRO D 57 -36.73 -19.84 -29.52
CA PRO D 57 -36.82 -18.50 -28.94
C PRO D 57 -38.23 -17.99 -28.78
N HIS D 58 -39.20 -18.64 -29.38
CA HIS D 58 -40.60 -18.23 -29.22
C HIS D 58 -41.12 -18.50 -27.82
N LEU D 59 -40.52 -19.46 -27.10
CA LEU D 59 -41.03 -19.81 -25.79
C LEU D 59 -40.80 -18.70 -24.78
N PHE D 60 -39.69 -18.00 -24.86
CA PHE D 60 -39.25 -17.06 -23.83
C PHE D 60 -39.78 -15.68 -24.17
N LYS D 61 -41.05 -15.48 -23.82
CA LYS D 61 -41.79 -14.26 -24.08
C LYS D 61 -42.74 -14.00 -22.92
N GLY D 62 -42.83 -12.75 -22.51
CA GLY D 62 -43.68 -12.42 -21.38
C GLY D 62 -42.88 -12.34 -20.10
N ASN D 63 -43.27 -13.14 -19.12
CA ASN D 63 -42.57 -13.18 -17.85
C ASN D 63 -41.46 -14.20 -17.82
N ARG D 64 -41.36 -15.02 -18.86
CA ARG D 64 -40.48 -16.19 -18.84
C ARG D 64 -39.15 -15.78 -19.46
N LYS D 65 -38.19 -15.46 -18.62
CA LYS D 65 -36.90 -15.02 -19.13
C LYS D 65 -35.82 -16.05 -18.86
N PRO D 66 -34.79 -16.12 -19.69
CA PRO D 66 -33.71 -17.06 -19.44
C PRO D 66 -32.81 -16.60 -18.31
N THR D 67 -32.01 -17.54 -17.83
CA THR D 67 -31.13 -17.31 -16.69
C THR D 67 -29.93 -16.50 -17.13
N SER D 68 -29.46 -15.59 -16.27
CA SER D 68 -28.37 -14.72 -16.64
C SER D 68 -27.29 -14.74 -15.58
N GLY D 69 -26.89 -15.92 -15.14
CA GLY D 69 -25.72 -16.05 -14.32
C GLY D 69 -25.73 -17.40 -13.67
N ILE D 70 -24.61 -18.11 -13.67
CA ILE D 70 -24.53 -19.47 -13.13
C ILE D 70 -23.15 -19.63 -12.53
N LEU D 71 -23.06 -19.94 -11.25
CA LEU D 71 -21.78 -20.16 -10.61
C LEU D 71 -21.60 -21.64 -10.37
N LEU D 72 -20.45 -22.21 -10.83
CA LEU D 72 -20.08 -23.58 -10.56
C LEU D 72 -19.00 -23.57 -9.51
N TYR D 73 -19.13 -24.36 -8.48
CA TYR D 73 -18.06 -24.41 -7.49
C TYR D 73 -17.82 -25.85 -7.12
N GLY D 74 -16.75 -26.09 -6.36
CA GLY D 74 -16.40 -27.44 -6.01
C GLY D 74 -14.98 -27.54 -5.52
N PRO D 75 -14.50 -28.75 -5.30
CA PRO D 75 -13.11 -28.95 -4.95
C PRO D 75 -12.25 -28.87 -6.19
N PRO D 76 -10.93 -28.81 -6.08
CA PRO D 76 -10.10 -28.69 -7.29
C PRO D 76 -10.07 -29.96 -8.10
N GLY D 77 -10.35 -29.83 -9.38
CA GLY D 77 -10.14 -30.90 -10.32
C GLY D 77 -11.31 -31.77 -10.63
N THR D 78 -12.52 -31.27 -10.50
CA THR D 78 -13.70 -32.12 -10.56
C THR D 78 -14.56 -31.90 -11.78
N GLY D 79 -14.28 -30.91 -12.60
CA GLY D 79 -15.02 -30.82 -13.84
C GLY D 79 -15.48 -29.46 -14.29
N LYS D 80 -15.14 -28.40 -13.57
CA LYS D 80 -15.74 -27.10 -13.79
C LYS D 80 -15.30 -26.48 -15.11
N SER D 81 -14.00 -26.28 -15.29
CA SER D 81 -13.49 -25.72 -16.53
C SER D 81 -13.74 -26.64 -17.70
N TYR D 82 -13.81 -27.94 -17.47
CA TYR D 82 -14.04 -28.89 -18.53
C TYR D 82 -15.46 -28.80 -19.05
N LEU D 83 -16.41 -28.68 -18.14
CA LEU D 83 -17.80 -28.49 -18.49
C LEU D 83 -17.99 -27.16 -19.20
N ALA D 84 -17.20 -26.15 -18.86
CA ALA D 84 -17.19 -24.91 -19.62
C ALA D 84 -16.66 -25.13 -21.03
N LYS D 85 -15.72 -26.06 -21.23
CA LYS D 85 -15.31 -26.35 -22.60
C LYS D 85 -16.42 -27.06 -23.35
N ALA D 86 -17.20 -27.88 -22.66
CA ALA D 86 -18.32 -28.56 -23.31
C ALA D 86 -19.37 -27.57 -23.78
N VAL D 87 -19.66 -26.57 -22.96
CA VAL D 87 -20.53 -25.47 -23.37
C VAL D 87 -19.93 -24.74 -24.56
N ALA D 88 -18.62 -24.51 -24.54
CA ALA D 88 -17.97 -23.80 -25.63
C ALA D 88 -18.01 -24.55 -26.95
N THR D 89 -18.14 -25.87 -26.91
CA THR D 89 -18.30 -26.60 -28.15
C THR D 89 -19.74 -26.65 -28.60
N GLU D 90 -20.66 -26.92 -27.67
CA GLU D 90 -22.02 -27.25 -28.03
C GLU D 90 -22.96 -26.05 -28.12
N ALA D 91 -22.52 -24.86 -27.74
CA ALA D 91 -23.45 -23.77 -27.51
C ALA D 91 -23.98 -23.16 -28.79
N ASN D 92 -23.11 -22.96 -29.78
CA ASN D 92 -23.35 -22.09 -30.93
C ASN D 92 -23.71 -20.68 -30.46
N SER D 93 -22.76 -20.03 -29.79
CA SER D 93 -22.86 -18.61 -29.46
C SER D 93 -21.47 -18.06 -29.19
N THR D 94 -21.35 -16.74 -29.23
CA THR D 94 -20.05 -16.11 -29.06
C THR D 94 -19.55 -16.24 -27.62
N PHE D 95 -18.34 -16.76 -27.45
CA PHE D 95 -17.85 -17.19 -26.14
C PHE D 95 -16.62 -16.37 -25.79
N PHE D 96 -16.63 -15.65 -24.69
CA PHE D 96 -15.45 -14.88 -24.28
C PHE D 96 -14.88 -15.54 -23.04
N SER D 97 -13.66 -16.07 -23.10
CA SER D 97 -13.09 -16.73 -21.94
C SER D 97 -12.11 -15.79 -21.23
N VAL D 98 -12.66 -14.79 -20.61
CA VAL D 98 -11.86 -13.71 -20.08
C VAL D 98 -11.20 -14.18 -18.79
N SER D 99 -10.17 -13.45 -18.35
CA SER D 99 -9.47 -13.81 -17.14
C SER D 99 -8.82 -12.56 -16.57
N SER D 100 -8.20 -12.73 -15.40
CA SER D 100 -7.62 -11.61 -14.66
C SER D 100 -6.46 -10.96 -15.35
N SER D 101 -5.84 -11.62 -16.31
CA SER D 101 -4.78 -10.99 -17.06
C SER D 101 -5.31 -9.93 -17.99
N ASP D 102 -6.59 -9.97 -18.32
CA ASP D 102 -7.12 -9.18 -19.41
C ASP D 102 -8.00 -8.06 -18.91
N LEU D 103 -8.09 -7.89 -17.59
CA LEU D 103 -8.93 -6.86 -17.02
C LEU D 103 -8.18 -5.85 -16.19
N VAL D 104 -7.00 -6.18 -15.65
CA VAL D 104 -6.27 -5.25 -14.79
C VAL D 104 -5.28 -4.46 -15.63
N SER D 105 -5.25 -3.13 -15.49
CA SER D 105 -4.18 -2.35 -16.08
C SER D 105 -3.68 -1.31 -15.09
N LYS D 106 -2.62 -0.63 -15.51
CA LYS D 106 -1.73 0.12 -14.63
C LYS D 106 -2.12 1.59 -14.48
N TRP D 107 -3.01 2.13 -15.32
CA TRP D 107 -3.09 3.57 -15.46
C TRP D 107 -4.31 4.20 -14.82
N MET D 108 -4.64 3.87 -13.57
CA MET D 108 -5.63 4.63 -12.76
C MET D 108 -7.02 4.66 -13.40
N GLY D 109 -7.69 3.53 -13.32
CA GLY D 109 -9.04 3.53 -13.79
C GLY D 109 -9.12 3.32 -15.28
N GLU D 110 -8.16 2.59 -15.84
CA GLU D 110 -8.31 1.98 -17.13
C GLU D 110 -8.59 0.50 -17.03
N SER D 111 -8.81 -0.02 -15.84
CA SER D 111 -9.29 -1.39 -15.76
C SER D 111 -10.79 -1.44 -15.95
N GLU D 112 -11.49 -0.49 -15.32
CA GLU D 112 -12.95 -0.37 -15.40
C GLU D 112 -13.46 -0.22 -16.81
N LYS D 113 -12.72 0.42 -17.66
CA LYS D 113 -13.19 0.58 -19.02
C LYS D 113 -13.01 -0.67 -19.83
N LEU D 114 -12.25 -1.63 -19.33
CA LEU D 114 -12.16 -2.92 -19.97
C LEU D 114 -13.30 -3.81 -19.56
N VAL D 115 -13.78 -3.68 -18.33
CA VAL D 115 -14.96 -4.39 -17.89
C VAL D 115 -16.18 -3.89 -18.61
N LYS D 116 -16.38 -2.58 -18.58
CA LYS D 116 -17.49 -1.96 -19.28
C LYS D 116 -17.40 -2.19 -20.78
N GLN D 117 -16.18 -2.19 -21.31
CA GLN D 117 -16.02 -2.42 -22.74
C GLN D 117 -16.25 -3.89 -23.08
N LEU D 118 -16.05 -4.79 -22.13
CA LEU D 118 -16.34 -6.20 -22.40
C LEU D 118 -17.82 -6.45 -22.49
N PHE D 119 -18.62 -5.86 -21.61
CA PHE D 119 -20.03 -6.19 -21.76
C PHE D 119 -20.64 -5.40 -22.91
N ALA D 120 -20.10 -4.21 -23.17
CA ALA D 120 -20.56 -3.42 -24.31
C ALA D 120 -20.12 -4.02 -25.63
N MET D 121 -19.11 -4.85 -25.63
CA MET D 121 -18.84 -5.65 -26.81
C MET D 121 -19.78 -6.84 -26.87
N ALA D 122 -20.06 -7.46 -25.73
CA ALA D 122 -20.88 -8.67 -25.71
C ALA D 122 -22.31 -8.42 -26.15
N ARG D 123 -22.83 -7.22 -26.00
CA ARG D 123 -24.17 -6.97 -26.52
C ARG D 123 -24.18 -6.58 -27.99
N GLU D 124 -23.03 -6.48 -28.66
CA GLU D 124 -23.01 -6.45 -30.10
C GLU D 124 -23.16 -7.82 -30.71
N ASN D 125 -22.79 -8.86 -29.97
CA ASN D 125 -22.66 -10.21 -30.48
C ASN D 125 -23.70 -11.13 -29.89
N LYS D 126 -24.85 -10.59 -29.49
CA LYS D 126 -25.84 -11.35 -28.72
C LYS D 126 -26.45 -12.47 -29.57
N PRO D 127 -26.67 -13.65 -29.00
CA PRO D 127 -26.36 -14.22 -27.70
C PRO D 127 -24.91 -14.46 -27.42
N SER D 128 -24.49 -14.33 -26.17
CA SER D 128 -23.09 -14.44 -25.81
C SER D 128 -22.97 -15.15 -24.49
N ILE D 129 -21.77 -15.65 -24.21
CA ILE D 129 -21.46 -16.27 -22.93
C ILE D 129 -20.14 -15.69 -22.46
N ILE D 130 -20.07 -15.29 -21.21
CA ILE D 130 -18.85 -14.77 -20.63
C ILE D 130 -18.42 -15.71 -19.54
N PHE D 131 -17.26 -16.30 -19.66
CA PHE D 131 -16.81 -17.30 -18.71
C PHE D 131 -15.66 -16.73 -17.92
N ILE D 132 -15.92 -16.28 -16.70
CA ILE D 132 -14.88 -15.68 -15.88
C ILE D 132 -14.32 -16.79 -15.02
N ASP D 133 -13.17 -17.31 -15.38
CA ASP D 133 -12.65 -18.45 -14.65
C ASP D 133 -11.89 -17.97 -13.43
N GLU D 134 -12.17 -18.59 -12.29
CA GLU D 134 -11.69 -18.21 -10.97
C GLU D 134 -12.05 -16.77 -10.64
N VAL D 135 -13.35 -16.63 -10.48
CA VAL D 135 -13.95 -15.40 -10.04
C VAL D 135 -13.59 -15.01 -8.61
N ASP D 136 -13.00 -15.89 -7.83
CA ASP D 136 -12.64 -15.51 -6.49
C ASP D 136 -11.41 -14.63 -6.42
N ALA D 137 -10.73 -14.41 -7.54
CA ALA D 137 -9.57 -13.54 -7.58
C ALA D 137 -9.91 -12.12 -7.98
N LEU D 138 -11.11 -11.88 -8.49
CA LEU D 138 -11.61 -10.54 -8.69
C LEU D 138 -12.38 -10.00 -7.51
N THR D 139 -13.06 -10.89 -6.77
CA THR D 139 -14.21 -10.56 -5.92
C THR D 139 -13.98 -11.11 -4.51
N GLY D 140 -13.32 -10.32 -3.67
CA GLY D 140 -12.77 -10.81 -2.41
C GLY D 140 -13.30 -10.20 -1.13
N THR D 141 -14.61 -10.11 -1.00
CA THR D 141 -15.42 -9.82 0.19
C THR D 141 -15.29 -8.39 0.73
N ARG D 142 -14.37 -7.60 0.17
CA ARG D 142 -14.09 -6.18 0.43
C ARG D 142 -14.20 -5.75 1.90
N GLY D 143 -13.37 -6.34 2.75
CA GLY D 143 -13.22 -5.89 4.11
C GLY D 143 -11.76 -5.66 4.46
N GLU D 144 -10.87 -6.15 3.59
CA GLU D 144 -9.44 -6.01 3.76
C GLU D 144 -8.74 -5.51 2.51
N GLY D 145 -9.46 -5.39 1.39
CA GLY D 145 -8.81 -5.12 0.13
C GLY D 145 -8.47 -3.67 -0.06
N GLU D 146 -7.69 -3.41 -1.09
CA GLU D 146 -7.28 -2.06 -1.42
C GLU D 146 -8.36 -1.32 -2.17
N SER D 147 -8.24 0.01 -2.14
CA SER D 147 -9.26 0.94 -2.61
C SER D 147 -9.61 0.73 -4.06
N GLU D 148 -8.60 0.84 -4.93
CA GLU D 148 -8.88 0.87 -6.36
C GLU D 148 -9.36 -0.47 -6.85
N ALA D 149 -8.50 -1.49 -6.73
CA ALA D 149 -8.79 -2.78 -7.32
C ALA D 149 -10.02 -3.40 -6.71
N SER D 150 -10.16 -3.20 -5.43
CA SER D 150 -11.31 -3.72 -4.71
C SER D 150 -12.55 -2.97 -5.11
N ARG D 151 -12.67 -1.71 -4.74
CA ARG D 151 -13.97 -1.08 -4.86
C ARG D 151 -14.32 -0.81 -6.31
N ARG D 152 -13.34 -0.65 -7.14
CA ARG D 152 -13.67 -0.18 -8.47
C ARG D 152 -13.83 -1.31 -9.45
N ILE D 153 -13.07 -2.39 -9.30
CA ILE D 153 -13.35 -3.49 -10.21
C ILE D 153 -14.57 -4.27 -9.74
N LYS D 154 -14.72 -4.48 -8.42
CA LYS D 154 -15.90 -5.16 -7.94
C LYS D 154 -17.14 -4.35 -8.21
N THR D 155 -17.07 -3.04 -8.00
CA THR D 155 -18.23 -2.19 -8.20
C THR D 155 -18.63 -2.09 -9.65
N GLU D 156 -17.65 -2.03 -10.57
CA GLU D 156 -18.07 -1.97 -11.96
C GLU D 156 -18.59 -3.31 -12.45
N LEU D 157 -18.18 -4.39 -11.82
CA LEU D 157 -18.75 -5.67 -12.19
C LEU D 157 -20.20 -5.79 -11.71
N LEU D 158 -20.49 -5.29 -10.51
CA LEU D 158 -21.84 -5.29 -9.96
C LEU D 158 -22.80 -4.48 -10.82
N VAL D 159 -22.51 -3.19 -10.96
CA VAL D 159 -23.33 -2.27 -11.73
C VAL D 159 -23.45 -2.71 -13.17
N GLN D 160 -22.42 -3.36 -13.68
CA GLN D 160 -22.50 -3.75 -15.06
C GLN D 160 -23.34 -5.01 -15.25
N MET D 161 -23.42 -5.87 -14.24
CA MET D 161 -24.22 -7.08 -14.39
C MET D 161 -25.70 -6.80 -14.34
N ASN D 162 -26.21 -6.06 -13.34
CA ASN D 162 -27.62 -5.70 -13.52
C ASN D 162 -27.87 -4.21 -13.65
N GLY D 163 -27.46 -3.37 -12.68
CA GLY D 163 -27.50 -1.93 -12.78
C GLY D 163 -28.80 -1.24 -13.15
N VAL D 164 -28.74 -0.04 -13.70
CA VAL D 164 -29.92 0.71 -14.11
C VAL D 164 -30.02 0.79 -15.63
N GLY D 165 -29.06 1.42 -16.28
CA GLY D 165 -29.18 1.60 -17.70
C GLY D 165 -28.43 0.57 -18.51
N ASN D 166 -28.50 -0.69 -18.12
CA ASN D 166 -27.49 -1.62 -18.61
C ASN D 166 -28.00 -2.78 -19.44
N ASP D 167 -29.18 -3.35 -19.19
CA ASP D 167 -29.85 -4.30 -20.11
C ASP D 167 -29.01 -5.58 -20.32
N SER D 168 -28.98 -6.42 -19.30
CA SER D 168 -28.39 -7.76 -19.45
C SER D 168 -29.39 -8.71 -20.10
N GLN D 169 -29.68 -8.44 -21.37
CA GLN D 169 -30.47 -9.32 -22.22
C GLN D 169 -29.55 -10.17 -23.06
N GLY D 170 -29.73 -11.48 -22.99
CA GLY D 170 -29.04 -12.33 -23.93
C GLY D 170 -27.59 -12.57 -23.64
N VAL D 171 -27.05 -12.03 -22.57
CA VAL D 171 -25.71 -12.39 -22.13
C VAL D 171 -25.88 -13.33 -20.95
N LEU D 172 -24.95 -14.25 -20.83
CA LEU D 172 -24.87 -15.16 -19.71
C LEU D 172 -23.49 -15.03 -19.12
N VAL D 173 -23.42 -15.08 -17.81
CA VAL D 173 -22.14 -14.91 -17.15
C VAL D 173 -21.88 -16.19 -16.37
N LEU D 174 -20.99 -17.04 -16.85
CA LEU D 174 -20.61 -18.20 -16.07
C LEU D 174 -19.59 -17.82 -15.00
N GLY D 175 -19.00 -18.80 -14.37
CA GLY D 175 -17.96 -18.49 -13.44
C GLY D 175 -17.68 -19.71 -12.62
N ALA D 176 -16.42 -20.01 -12.36
CA ALA D 176 -16.07 -21.15 -11.55
C ALA D 176 -15.24 -20.68 -10.38
N THR D 177 -15.23 -21.43 -9.30
CA THR D 177 -14.38 -21.07 -8.17
C THR D 177 -14.13 -22.28 -7.30
N ASN D 178 -13.03 -22.23 -6.54
CA ASN D 178 -12.76 -23.25 -5.55
C ASN D 178 -12.97 -22.77 -4.14
N ILE D 179 -13.03 -21.47 -3.92
CA ILE D 179 -13.23 -20.93 -2.59
C ILE D 179 -14.55 -20.17 -2.63
N PRO D 180 -15.70 -20.83 -2.60
CA PRO D 180 -16.94 -20.10 -2.77
C PRO D 180 -17.37 -19.33 -1.54
N TRP D 181 -16.74 -19.52 -0.40
CA TRP D 181 -17.10 -18.77 0.79
C TRP D 181 -16.37 -17.46 0.90
N GLN D 182 -15.38 -17.21 0.06
CA GLN D 182 -14.66 -15.94 0.05
C GLN D 182 -15.18 -15.02 -1.03
N LEU D 183 -16.46 -15.05 -1.27
CA LEU D 183 -17.05 -14.33 -2.37
C LEU D 183 -17.96 -13.27 -1.77
N ASP D 184 -17.98 -12.09 -2.37
CA ASP D 184 -18.77 -10.99 -1.83
C ASP D 184 -20.26 -11.26 -1.98
N SER D 185 -21.04 -10.85 -0.98
CA SER D 185 -22.45 -11.21 -0.94
C SER D 185 -23.28 -10.54 -2.02
N ALA D 186 -22.85 -9.40 -2.55
CA ALA D 186 -23.54 -8.82 -3.69
C ALA D 186 -23.30 -9.65 -4.94
N ILE D 187 -22.16 -10.30 -5.02
CA ILE D 187 -21.85 -11.09 -6.20
C ILE D 187 -22.34 -12.51 -6.03
N ARG D 188 -22.48 -12.97 -4.78
CA ARG D 188 -23.27 -14.14 -4.53
C ARG D 188 -24.72 -13.93 -4.91
N ARG D 189 -25.20 -12.71 -4.78
CA ARG D 189 -26.56 -12.41 -5.21
C ARG D 189 -26.67 -12.41 -6.73
N ARG D 190 -25.67 -11.89 -7.45
CA ARG D 190 -25.82 -11.77 -8.91
C ARG D 190 -25.82 -13.10 -9.62
N PHE D 191 -25.08 -14.08 -9.12
CA PHE D 191 -25.04 -15.43 -9.65
C PHE D 191 -26.23 -16.17 -9.13
N GLU D 192 -27.24 -16.37 -9.95
CA GLU D 192 -28.50 -16.75 -9.38
C GLU D 192 -28.74 -18.24 -9.33
N ARG D 193 -27.81 -19.08 -9.79
CA ARG D 193 -27.92 -20.52 -9.60
C ARG D 193 -26.54 -21.05 -9.23
N ARG D 194 -26.24 -21.10 -7.95
CA ARG D 194 -24.95 -21.65 -7.50
C ARG D 194 -25.02 -23.16 -7.51
N ILE D 195 -24.49 -23.82 -8.52
CA ILE D 195 -24.51 -25.27 -8.63
C ILE D 195 -23.20 -25.83 -8.09
N TYR D 196 -23.24 -26.98 -7.44
CA TYR D 196 -22.10 -27.60 -6.78
C TYR D 196 -21.65 -28.83 -7.53
N ILE D 197 -20.38 -28.86 -7.95
CA ILE D 197 -19.83 -29.96 -8.74
C ILE D 197 -19.02 -30.85 -7.80
N PRO D 198 -19.49 -32.04 -7.45
CA PRO D 198 -18.81 -32.82 -6.40
C PRO D 198 -17.83 -33.84 -6.92
N LEU D 199 -17.13 -34.52 -6.01
CA LEU D 199 -16.29 -35.65 -6.37
C LEU D 199 -17.15 -36.77 -6.93
N PRO D 200 -16.67 -37.49 -7.93
CA PRO D 200 -17.51 -38.45 -8.63
C PRO D 200 -17.79 -39.68 -7.79
N ASP D 201 -18.90 -40.31 -8.10
CA ASP D 201 -19.31 -41.54 -7.45
C ASP D 201 -18.83 -42.75 -8.26
N LEU D 202 -19.42 -43.91 -8.02
CA LEU D 202 -18.94 -45.16 -8.61
C LEU D 202 -19.17 -45.23 -10.11
N ALA D 203 -20.39 -44.92 -10.55
CA ALA D 203 -20.72 -45.00 -11.97
C ALA D 203 -19.95 -43.97 -12.78
N ALA D 204 -19.68 -42.82 -12.19
CA ALA D 204 -18.91 -41.80 -12.88
C ALA D 204 -17.46 -42.22 -13.07
N ARG D 205 -16.86 -42.81 -12.03
CA ARG D 205 -15.48 -43.28 -12.14
C ARG D 205 -15.35 -44.38 -13.18
N THR D 206 -16.30 -45.30 -13.20
CA THR D 206 -16.28 -46.35 -14.22
C THR D 206 -16.42 -45.77 -15.61
N THR D 207 -17.26 -44.75 -15.74
CA THR D 207 -17.40 -44.07 -17.02
C THR D 207 -16.12 -43.37 -17.43
N MET D 208 -15.39 -42.80 -16.47
CA MET D 208 -14.17 -42.07 -16.82
C MET D 208 -13.06 -43.00 -17.24
N PHE D 209 -12.98 -44.20 -16.64
CA PHE D 209 -12.00 -45.15 -17.15
C PHE D 209 -12.33 -45.60 -18.57
N GLU D 210 -13.62 -45.88 -18.81
CA GLU D 210 -14.04 -46.29 -20.15
C GLU D 210 -13.81 -45.22 -21.19
N ILE D 211 -13.93 -43.95 -20.81
CA ILE D 211 -13.66 -42.86 -21.75
C ILE D 211 -12.16 -42.71 -21.99
N ASN D 212 -11.39 -42.63 -20.91
CA ASN D 212 -9.98 -42.28 -21.03
C ASN D 212 -9.15 -43.39 -21.65
N VAL D 213 -9.60 -44.65 -21.64
CA VAL D 213 -8.81 -45.60 -22.41
C VAL D 213 -9.05 -45.45 -23.90
N GLY D 214 -10.13 -44.80 -24.30
CA GLY D 214 -10.32 -44.45 -25.70
C GLY D 214 -10.56 -45.65 -26.57
N ASP D 215 -9.83 -45.72 -27.68
CA ASP D 215 -9.88 -46.86 -28.58
C ASP D 215 -8.60 -47.67 -28.53
N THR D 216 -7.96 -47.71 -27.38
CA THR D 216 -6.72 -48.45 -27.21
C THR D 216 -7.03 -49.92 -27.00
N PRO D 217 -6.34 -50.83 -27.71
CA PRO D 217 -6.59 -52.28 -27.56
C PRO D 217 -6.30 -52.80 -26.17
N CYS D 218 -7.34 -53.25 -25.47
CA CYS D 218 -7.20 -53.76 -24.13
C CYS D 218 -8.07 -55.00 -23.95
N VAL D 219 -7.61 -55.88 -23.07
CA VAL D 219 -8.30 -57.13 -22.79
C VAL D 219 -9.36 -56.97 -21.70
N LEU D 220 -9.61 -55.74 -21.27
CA LEU D 220 -10.48 -55.51 -20.13
C LEU D 220 -11.94 -55.70 -20.48
N THR D 221 -12.71 -56.09 -19.47
CA THR D 221 -14.14 -56.28 -19.59
C THR D 221 -14.86 -55.22 -18.77
N LYS D 222 -16.19 -55.32 -18.75
CA LYS D 222 -16.99 -54.40 -17.95
C LYS D 222 -16.75 -54.61 -16.47
N GLU D 223 -16.52 -55.85 -16.05
CA GLU D 223 -16.25 -56.09 -14.64
C GLU D 223 -14.85 -55.66 -14.26
N ASP D 224 -13.96 -55.47 -15.23
CA ASP D 224 -12.65 -54.94 -14.92
C ASP D 224 -12.71 -53.45 -14.64
N TYR D 225 -13.40 -52.70 -15.51
CA TYR D 225 -13.59 -51.28 -15.25
C TYR D 225 -14.40 -51.08 -13.99
N ARG D 226 -15.35 -51.96 -13.76
CA ARG D 226 -16.15 -51.95 -12.55
C ARG D 226 -15.28 -52.19 -11.33
N THR D 227 -14.29 -53.06 -11.47
CA THR D 227 -13.36 -53.34 -10.39
C THR D 227 -12.51 -52.13 -10.05
N LEU D 228 -11.98 -51.46 -11.09
CA LEU D 228 -11.13 -50.30 -10.87
C LEU D 228 -11.92 -49.14 -10.27
N GLY D 229 -13.12 -48.91 -10.81
CA GLY D 229 -14.00 -47.92 -10.24
C GLY D 229 -14.35 -48.20 -8.79
N ALA D 230 -14.46 -49.46 -8.42
CA ALA D 230 -14.62 -49.78 -7.01
C ALA D 230 -13.35 -49.53 -6.23
N MET D 231 -12.20 -49.58 -6.90
CA MET D 231 -10.93 -49.49 -6.20
C MET D 231 -10.55 -48.05 -5.86
N THR D 232 -11.03 -47.07 -6.62
CA THR D 232 -10.49 -45.72 -6.58
C THR D 232 -11.34 -44.72 -5.80
N GLU D 233 -11.88 -45.04 -4.64
CA GLU D 233 -12.73 -44.06 -3.98
C GLU D 233 -11.92 -42.96 -3.32
N GLY D 234 -12.22 -41.73 -3.69
CA GLY D 234 -11.49 -40.56 -3.23
C GLY D 234 -10.81 -39.80 -4.34
N TYR D 235 -10.81 -40.32 -5.56
CA TYR D 235 -10.07 -39.69 -6.63
C TYR D 235 -10.98 -38.75 -7.38
N SER D 236 -10.42 -37.66 -7.85
CA SER D 236 -11.12 -36.75 -8.73
C SER D 236 -10.85 -37.15 -10.16
N GLY D 237 -11.38 -36.39 -11.12
CA GLY D 237 -11.25 -36.79 -12.51
C GLY D 237 -9.87 -36.56 -13.08
N SER D 238 -9.11 -35.64 -12.49
CA SER D 238 -7.72 -35.46 -12.86
C SER D 238 -6.92 -36.70 -12.56
N ASP D 239 -7.11 -37.24 -11.37
CA ASP D 239 -6.31 -38.38 -10.93
C ASP D 239 -6.58 -39.59 -11.77
N ILE D 240 -7.82 -39.77 -12.20
CA ILE D 240 -8.10 -40.91 -13.03
C ILE D 240 -7.59 -40.66 -14.44
N ALA D 241 -7.53 -39.40 -14.88
CA ALA D 241 -6.88 -39.13 -16.15
C ALA D 241 -5.38 -39.41 -16.12
N VAL D 242 -4.74 -39.26 -14.96
CA VAL D 242 -3.32 -39.56 -14.92
C VAL D 242 -3.03 -41.02 -14.58
N VAL D 243 -3.94 -41.74 -13.95
CA VAL D 243 -3.66 -43.17 -13.85
C VAL D 243 -3.91 -43.84 -15.19
N VAL D 244 -4.77 -43.27 -16.03
CA VAL D 244 -4.88 -43.84 -17.36
C VAL D 244 -3.69 -43.42 -18.21
N LYS D 245 -3.14 -42.24 -17.95
CA LYS D 245 -1.94 -41.82 -18.67
C LYS D 245 -0.75 -42.74 -18.35
N ASP D 246 -0.54 -43.02 -17.06
CA ASP D 246 0.58 -43.86 -16.64
C ASP D 246 0.38 -45.30 -17.08
N ALA D 247 -0.83 -45.81 -16.94
CA ALA D 247 -1.09 -47.18 -17.37
C ALA D 247 -0.98 -47.34 -18.87
N LEU D 248 -1.26 -46.29 -19.63
CA LEU D 248 -0.96 -46.37 -21.06
C LEU D 248 0.52 -46.26 -21.35
N MET D 249 1.31 -45.68 -20.44
CA MET D 249 2.76 -45.58 -20.67
C MET D 249 3.53 -46.77 -20.14
N GLN D 250 2.88 -47.75 -19.53
CA GLN D 250 3.57 -49.01 -19.25
C GLN D 250 4.15 -49.76 -20.47
N PRO D 251 3.47 -49.92 -21.63
CA PRO D 251 4.06 -50.78 -22.67
C PRO D 251 5.33 -50.24 -23.30
N ILE D 252 5.43 -48.93 -23.44
CA ILE D 252 6.66 -48.31 -23.94
C ILE D 252 7.81 -48.62 -23.01
N ARG D 253 7.54 -48.62 -21.70
CA ARG D 253 8.53 -49.07 -20.72
C ARG D 253 8.77 -50.56 -20.79
N LYS D 254 7.85 -51.34 -21.35
CA LYS D 254 8.17 -52.72 -21.67
C LYS D 254 8.82 -52.89 -23.04
N ILE D 255 9.01 -51.84 -23.82
CA ILE D 255 9.88 -51.95 -25.00
C ILE D 255 11.28 -51.47 -24.68
N GLN D 256 11.40 -50.34 -23.99
CA GLN D 256 12.70 -49.90 -23.49
C GLN D 256 13.27 -50.90 -22.52
N SER D 257 12.44 -51.41 -21.61
CA SER D 257 12.92 -52.38 -20.64
C SER D 257 12.91 -53.81 -21.20
N ALA D 258 13.45 -53.99 -22.39
CA ALA D 258 13.41 -55.31 -23.02
C ALA D 258 14.73 -55.90 -23.51
N THR D 259 15.31 -56.76 -22.69
CA THR D 259 16.52 -57.49 -23.04
C THR D 259 15.88 -58.71 -23.67
N HIS D 260 15.52 -58.61 -24.94
CA HIS D 260 14.74 -59.69 -25.57
C HIS D 260 13.41 -59.31 -26.22
N PHE D 261 13.32 -59.55 -27.53
CA PHE D 261 12.07 -59.46 -28.29
C PHE D 261 11.82 -60.79 -29.01
N LYS D 262 10.78 -60.85 -29.85
CA LYS D 262 10.33 -62.10 -30.45
C LYS D 262 9.39 -61.84 -31.61
N ASP D 263 9.55 -62.61 -32.69
CA ASP D 263 8.71 -62.47 -33.88
C ASP D 263 7.35 -63.15 -33.67
N VAL D 264 6.30 -62.53 -34.22
CA VAL D 264 4.93 -63.07 -34.17
C VAL D 264 4.23 -62.84 -35.53
N SER D 265 3.01 -63.39 -35.66
CA SER D 265 2.18 -63.31 -36.90
C SER D 265 2.32 -64.55 -37.80
N GLU D 270 2.40 -59.37 -42.55
CA GLU D 270 2.99 -58.46 -43.52
C GLU D 270 4.47 -58.14 -43.24
N THR D 271 5.29 -59.18 -43.27
CA THR D 271 6.78 -59.12 -43.17
C THR D 271 7.35 -58.66 -41.82
N ARG D 272 7.80 -59.63 -41.01
CA ARG D 272 8.51 -59.41 -39.77
C ARG D 272 7.79 -58.50 -38.81
N LYS D 273 7.59 -58.98 -37.58
CA LYS D 273 6.98 -58.14 -36.51
C LYS D 273 7.29 -58.62 -35.08
N LEU D 274 8.10 -57.84 -34.36
CA LEU D 274 8.61 -58.28 -33.05
C LEU D 274 8.19 -57.44 -31.85
N THR D 275 7.97 -58.13 -30.73
CA THR D 275 7.41 -57.58 -29.49
C THR D 275 8.26 -58.00 -28.29
N PRO D 276 8.22 -57.23 -27.19
CA PRO D 276 8.99 -57.62 -26.00
C PRO D 276 8.48 -58.89 -25.36
N CYS D 277 9.41 -59.77 -24.98
CA CYS D 277 9.10 -61.00 -24.27
C CYS D 277 10.17 -61.28 -23.23
N SER D 278 9.85 -62.11 -22.24
CA SER D 278 10.75 -62.46 -21.13
C SER D 278 12.06 -63.13 -21.60
N PRO D 279 13.14 -63.08 -20.78
CA PRO D 279 14.36 -63.81 -21.15
C PRO D 279 14.11 -65.32 -21.31
N GLY D 280 14.38 -65.83 -22.50
CA GLY D 280 14.22 -67.25 -22.80
C GLY D 280 12.77 -67.62 -23.06
N ASP D 281 12.39 -67.55 -24.33
CA ASP D 281 11.01 -67.83 -24.80
C ASP D 281 11.03 -68.30 -26.27
N ASP D 282 9.87 -68.73 -26.79
CA ASP D 282 9.72 -69.22 -28.15
C ASP D 282 10.11 -68.17 -29.22
N GLY D 283 11.38 -68.20 -29.63
CA GLY D 283 11.92 -67.25 -30.61
C GLY D 283 12.47 -65.97 -30.00
N ALA D 284 12.83 -66.06 -28.71
CA ALA D 284 13.36 -64.93 -27.96
C ALA D 284 14.80 -64.57 -28.33
N ILE D 285 14.96 -63.65 -29.28
CA ILE D 285 16.26 -63.03 -29.58
C ILE D 285 16.58 -62.00 -28.48
N GLU D 286 17.86 -61.69 -28.26
CA GLU D 286 18.26 -60.67 -27.28
C GLU D 286 18.65 -59.38 -27.96
N MET D 287 17.91 -58.31 -27.68
CA MET D 287 18.15 -57.01 -28.30
C MET D 287 17.49 -55.86 -27.55
N SER D 288 17.64 -54.66 -28.11
CA SER D 288 17.00 -53.46 -27.62
C SER D 288 16.12 -52.86 -28.71
N TRP D 289 15.17 -52.00 -28.33
CA TRP D 289 14.24 -51.36 -29.29
C TRP D 289 14.99 -50.64 -30.39
N THR D 290 16.15 -50.11 -30.02
CA THR D 290 17.05 -49.40 -30.92
C THR D 290 17.51 -50.30 -32.07
N ASP D 291 17.65 -51.59 -31.76
CA ASP D 291 18.13 -52.58 -32.73
C ASP D 291 17.06 -52.89 -33.77
N ILE D 292 15.82 -52.52 -33.49
CA ILE D 292 14.71 -53.01 -34.30
C ILE D 292 14.22 -51.99 -35.31
N GLU D 293 13.84 -52.51 -36.48
CA GLU D 293 13.56 -51.69 -37.66
C GLU D 293 12.27 -50.89 -37.55
N ALA D 294 12.28 -49.71 -38.19
CA ALA D 294 11.11 -48.84 -38.32
C ALA D 294 9.86 -49.67 -38.57
N ASP D 295 8.78 -49.26 -37.93
CA ASP D 295 7.47 -49.95 -37.94
C ASP D 295 7.48 -51.37 -37.36
N GLU D 296 8.33 -52.24 -37.89
CA GLU D 296 8.28 -53.67 -37.61
C GLU D 296 8.37 -54.05 -36.13
N LEU D 297 7.96 -53.13 -35.27
CA LEU D 297 7.76 -53.29 -33.85
C LEU D 297 6.31 -53.64 -33.58
N LYS D 298 6.09 -54.57 -32.65
CA LYS D 298 4.76 -54.97 -32.27
C LYS D 298 4.61 -54.79 -30.76
N GLU D 299 4.12 -53.61 -30.37
CA GLU D 299 3.95 -53.25 -28.96
C GLU D 299 3.04 -54.16 -28.17
N PRO D 300 3.25 -54.21 -26.84
CA PRO D 300 2.54 -54.97 -25.79
C PRO D 300 1.02 -54.78 -25.66
N ASP D 301 0.43 -55.46 -24.68
CA ASP D 301 -1.00 -55.40 -24.50
C ASP D 301 -1.34 -54.98 -23.08
N LEU D 302 -2.57 -54.47 -22.93
CA LEU D 302 -2.99 -53.84 -21.69
C LEU D 302 -3.76 -54.87 -20.88
N THR D 303 -3.25 -55.18 -19.70
CA THR D 303 -3.94 -56.01 -18.72
C THR D 303 -3.90 -55.31 -17.38
N ILE D 304 -4.87 -55.61 -16.53
CA ILE D 304 -5.27 -54.92 -15.30
C ILE D 304 -4.10 -54.69 -14.34
N LYS D 305 -3.00 -55.43 -14.49
CA LYS D 305 -1.83 -55.14 -13.68
C LYS D 305 -1.19 -53.82 -14.06
N ASP D 306 -1.43 -53.35 -15.29
CA ASP D 306 -0.94 -52.03 -15.67
C ASP D 306 -1.66 -50.94 -14.88
N PHE D 307 -2.97 -51.08 -14.73
CA PHE D 307 -3.72 -50.09 -13.97
C PHE D 307 -3.44 -50.20 -12.49
N LEU D 308 -3.28 -51.43 -11.97
CA LEU D 308 -2.93 -51.57 -10.56
C LEU D 308 -1.56 -51.03 -10.27
N LYS D 309 -0.65 -51.18 -11.24
CA LYS D 309 0.69 -50.59 -11.16
C LYS D 309 0.61 -49.08 -11.08
N ALA D 310 -0.20 -48.47 -11.95
CA ALA D 310 -0.33 -47.02 -11.97
C ALA D 310 -0.99 -46.49 -10.70
N ILE D 311 -2.00 -47.19 -10.21
CA ILE D 311 -2.72 -46.73 -9.03
C ILE D 311 -1.88 -46.87 -7.78
N LYS D 312 -0.99 -47.87 -7.73
CA LYS D 312 -0.02 -47.91 -6.65
C LYS D 312 0.94 -46.75 -6.70
N SER D 313 1.36 -46.34 -7.90
CA SER D 313 2.37 -45.29 -7.98
C SER D 313 1.78 -43.90 -7.81
N THR D 314 0.59 -43.64 -8.32
CA THR D 314 0.00 -42.32 -8.30
C THR D 314 -0.83 -42.12 -7.04
N ARG D 315 -0.67 -40.96 -6.43
CA ARG D 315 -1.16 -40.62 -5.12
C ARG D 315 -2.06 -39.38 -5.22
N PRO D 316 -3.18 -39.32 -4.47
CA PRO D 316 -4.20 -38.27 -4.68
C PRO D 316 -3.82 -36.83 -4.37
N THR D 317 -4.79 -35.93 -4.45
CA THR D 317 -4.60 -34.48 -4.41
C THR D 317 -5.38 -33.79 -3.29
N VAL D 318 -6.57 -34.27 -2.94
CA VAL D 318 -7.49 -33.52 -2.10
C VAL D 318 -7.46 -34.07 -0.68
N ASN D 319 -8.16 -33.37 0.20
CA ASN D 319 -7.99 -33.46 1.64
C ASN D 319 -9.33 -33.17 2.29
N GLU D 320 -9.67 -33.94 3.29
CA GLU D 320 -11.06 -34.16 3.71
C GLU D 320 -11.54 -33.19 4.78
N ASP D 321 -11.00 -31.97 4.81
CA ASP D 321 -11.68 -30.88 5.51
C ASP D 321 -12.08 -29.75 4.58
N ASP D 322 -11.39 -29.63 3.45
CA ASP D 322 -11.84 -28.81 2.34
C ASP D 322 -13.27 -29.19 1.95
N LEU D 323 -13.55 -30.50 1.95
CA LEU D 323 -14.90 -30.95 1.67
C LEU D 323 -15.89 -30.51 2.74
N LEU D 324 -15.45 -30.29 3.97
CA LEU D 324 -16.40 -29.83 4.98
C LEU D 324 -16.82 -28.40 4.72
N LYS D 325 -15.91 -27.57 4.28
CA LYS D 325 -16.35 -26.20 4.00
C LYS D 325 -17.11 -26.10 2.68
N GLN D 326 -16.84 -26.98 1.72
CA GLN D 326 -17.66 -27.03 0.52
C GLN D 326 -19.08 -27.43 0.85
N GLU D 327 -19.24 -28.46 1.67
CA GLU D 327 -20.57 -28.92 2.04
C GLU D 327 -21.28 -27.91 2.91
N GLN D 328 -20.53 -27.15 3.70
CA GLN D 328 -21.07 -26.01 4.42
C GLN D 328 -21.74 -25.02 3.49
N PHE D 329 -21.01 -24.56 2.49
CA PHE D 329 -21.57 -23.57 1.57
C PHE D 329 -22.73 -24.14 0.77
N THR D 330 -22.70 -25.42 0.46
CA THR D 330 -23.79 -26.00 -0.30
C THR D 330 -25.05 -26.08 0.55
N ARG D 331 -24.88 -26.34 1.82
CA ARG D 331 -26.01 -26.42 2.72
C ARG D 331 -26.56 -25.06 3.11
N ASP D 332 -25.75 -24.01 3.02
CA ASP D 332 -26.23 -22.67 3.34
C ASP D 332 -26.73 -21.88 2.15
N PHE D 333 -26.18 -22.06 0.94
CA PHE D 333 -26.56 -21.22 -0.19
C PHE D 333 -26.73 -21.93 -1.52
N GLY D 334 -26.48 -23.23 -1.62
CA GLY D 334 -26.23 -23.84 -2.91
C GLY D 334 -27.18 -24.90 -3.41
N GLN D 335 -27.13 -25.11 -4.70
CA GLN D 335 -27.85 -26.12 -5.47
C GLN D 335 -27.10 -27.44 -5.28
N GLU D 336 -27.44 -28.46 -6.05
CA GLU D 336 -26.78 -29.75 -5.96
C GLU D 336 -26.59 -30.27 -7.37
N GLY D 337 -25.34 -30.44 -7.77
CA GLY D 337 -25.05 -30.66 -9.17
C GLY D 337 -25.20 -32.05 -9.66
N ASN D 338 -25.49 -33.00 -8.76
CA ASN D 338 -25.87 -34.38 -9.05
C ASN D 338 -24.78 -35.12 -9.79
N GLU E 27 19.35 -23.02 -25.56
CA GLU E 27 20.71 -22.55 -25.35
C GLU E 27 21.61 -23.67 -24.88
N LYS E 28 22.51 -24.13 -25.75
CA LYS E 28 23.22 -25.36 -25.44
C LYS E 28 24.72 -25.23 -25.16
N PRO E 29 25.19 -24.75 -24.02
CA PRO E 29 26.55 -25.09 -23.60
C PRO E 29 26.54 -26.52 -23.07
N ASN E 30 27.73 -26.99 -22.66
CA ASN E 30 28.12 -28.42 -22.63
C ASN E 30 27.08 -29.37 -22.05
N VAL E 31 26.48 -29.00 -20.89
CA VAL E 31 25.96 -29.85 -19.81
C VAL E 31 25.21 -31.10 -20.28
N LYS E 32 25.56 -32.28 -19.75
CA LYS E 32 25.13 -33.54 -20.37
C LYS E 32 24.47 -34.50 -19.39
N TRP E 33 23.81 -35.52 -19.96
CA TRP E 33 23.35 -36.66 -19.17
C TRP E 33 24.52 -37.43 -18.60
N GLU E 34 25.66 -37.38 -19.27
CA GLU E 34 26.86 -37.98 -18.75
C GLU E 34 27.37 -37.22 -17.54
N ASP E 35 27.06 -35.93 -17.45
CA ASP E 35 27.72 -35.07 -16.47
C ASP E 35 27.20 -35.25 -15.05
N VAL E 36 26.11 -35.96 -14.83
CA VAL E 36 25.38 -35.89 -13.58
C VAL E 36 25.55 -37.21 -12.85
N ALA E 37 25.46 -37.15 -11.52
CA ALA E 37 25.85 -38.24 -10.63
C ALA E 37 24.67 -38.68 -9.77
N GLY E 38 24.17 -39.87 -10.02
CA GLY E 38 23.16 -40.48 -9.18
C GLY E 38 21.74 -40.13 -9.60
N LEU E 39 20.80 -40.94 -9.08
CA LEU E 39 19.35 -40.78 -9.16
C LEU E 39 18.74 -40.97 -10.55
N GLU E 40 18.96 -42.14 -11.16
CA GLU E 40 18.53 -42.41 -12.53
C GLU E 40 17.02 -42.45 -12.71
N GLY E 41 16.25 -42.46 -11.62
CA GLY E 41 14.81 -42.32 -11.74
C GLY E 41 14.42 -40.95 -12.28
N ALA E 42 15.05 -39.90 -11.75
CA ALA E 42 14.84 -38.56 -12.26
C ALA E 42 15.33 -38.47 -13.69
N LYS E 43 16.51 -39.05 -13.94
CA LYS E 43 17.15 -38.99 -15.25
C LYS E 43 16.32 -39.68 -16.31
N GLU E 44 15.67 -40.79 -15.94
CA GLU E 44 14.89 -41.59 -16.88
C GLU E 44 13.48 -41.01 -17.10
N ALA E 45 12.89 -40.44 -16.03
CA ALA E 45 11.63 -39.72 -16.18
C ALA E 45 11.77 -38.55 -17.13
N LEU E 46 12.88 -37.82 -17.03
CA LEU E 46 13.07 -36.67 -17.90
C LEU E 46 13.51 -37.06 -19.31
N LYS E 47 14.45 -38.00 -19.44
CA LYS E 47 14.86 -38.51 -20.76
C LYS E 47 13.67 -39.00 -21.53
N GLU E 48 12.75 -39.66 -20.82
CA GLU E 48 11.42 -39.99 -21.31
C GLU E 48 10.67 -38.74 -21.78
N ALA E 49 10.33 -37.83 -20.85
CA ALA E 49 9.40 -36.72 -21.09
C ALA E 49 9.90 -35.65 -22.04
N VAL E 50 11.16 -35.64 -22.43
CA VAL E 50 11.64 -34.70 -23.43
C VAL E 50 12.16 -35.42 -24.66
N ILE E 51 12.99 -36.44 -24.46
CA ILE E 51 13.66 -37.07 -25.59
C ILE E 51 12.72 -38.01 -26.30
N LEU E 52 11.97 -38.80 -25.54
CA LEU E 52 11.06 -39.77 -26.13
C LEU E 52 9.96 -39.17 -27.01
N PRO E 53 9.49 -37.88 -26.83
CA PRO E 53 8.73 -37.24 -27.91
C PRO E 53 9.59 -36.66 -29.01
N VAL E 54 10.78 -36.16 -28.68
CA VAL E 54 11.52 -35.40 -29.69
C VAL E 54 12.28 -36.34 -30.62
N LYS E 55 12.88 -37.38 -30.06
CA LYS E 55 13.52 -38.42 -30.88
C LYS E 55 12.48 -39.22 -31.65
N PHE E 56 11.27 -39.36 -31.12
CA PHE E 56 10.18 -40.08 -31.77
C PHE E 56 8.89 -39.31 -31.56
N PRO E 57 8.48 -38.51 -32.50
CA PRO E 57 7.16 -37.88 -32.41
C PRO E 57 6.02 -38.70 -33.00
N HIS E 58 6.26 -39.99 -33.24
CA HIS E 58 5.30 -40.84 -33.89
C HIS E 58 5.01 -42.09 -33.08
N LEU E 59 5.39 -42.10 -31.80
CA LEU E 59 4.93 -43.09 -30.87
C LEU E 59 3.78 -42.56 -30.00
N PHE E 60 3.54 -41.26 -30.06
CA PHE E 60 2.61 -40.49 -29.24
C PHE E 60 1.47 -40.00 -30.12
N LYS E 61 0.52 -40.91 -30.34
CA LYS E 61 -0.64 -40.69 -31.18
C LYS E 61 -1.82 -41.44 -30.59
N GLY E 62 -2.98 -40.80 -30.59
CA GLY E 62 -4.16 -41.40 -30.01
C GLY E 62 -4.38 -40.92 -28.60
N ASN E 63 -4.42 -41.85 -27.66
CA ASN E 63 -4.61 -41.52 -26.26
C ASN E 63 -3.29 -41.29 -25.54
N ARG E 64 -2.18 -41.57 -26.19
CA ARG E 64 -0.88 -41.61 -25.53
C ARG E 64 -0.23 -40.26 -25.68
N LYS E 65 -0.35 -39.43 -24.66
CA LYS E 65 0.19 -38.09 -24.74
C LYS E 65 1.39 -37.93 -23.81
N PRO E 66 2.34 -37.05 -24.14
CA PRO E 66 3.47 -36.83 -23.25
C PRO E 66 3.08 -36.00 -22.03
N THR E 67 3.95 -36.04 -21.04
CA THR E 67 3.73 -35.38 -19.77
C THR E 67 3.94 -33.89 -19.92
N SER E 68 3.12 -33.09 -19.24
CA SER E 68 3.21 -31.64 -19.37
C SER E 68 3.29 -30.97 -18.03
N GLY E 69 4.16 -31.46 -17.16
CA GLY E 69 4.50 -30.75 -15.96
C GLY E 69 5.19 -31.69 -15.03
N ILE E 70 6.29 -31.27 -14.41
CA ILE E 70 7.10 -32.11 -13.53
C ILE E 70 7.64 -31.23 -12.43
N LEU E 71 7.35 -31.53 -11.19
CA LEU E 71 7.87 -30.77 -10.07
C LEU E 71 8.95 -31.58 -9.39
N LEU E 72 10.16 -31.06 -9.45
CA LEU E 72 11.31 -31.54 -8.75
C LEU E 72 11.32 -30.80 -7.45
N TYR E 73 11.83 -31.44 -6.41
CA TYR E 73 12.02 -30.69 -5.19
C TYR E 73 13.21 -31.28 -4.45
N GLY E 74 13.30 -30.99 -3.17
CA GLY E 74 14.37 -31.52 -2.39
C GLY E 74 14.99 -30.47 -1.51
N PRO E 75 16.06 -30.83 -0.81
CA PRO E 75 16.79 -29.85 -0.05
C PRO E 75 17.73 -29.12 -0.99
N PRO E 76 18.35 -28.01 -0.58
CA PRO E 76 19.24 -27.30 -1.51
C PRO E 76 20.53 -28.06 -1.74
N GLY E 77 21.26 -27.62 -2.76
CA GLY E 77 22.53 -28.21 -3.07
C GLY E 77 22.48 -29.49 -3.88
N THR E 78 21.31 -30.09 -4.07
CA THR E 78 21.21 -31.43 -4.60
C THR E 78 21.13 -31.50 -6.11
N GLY E 79 21.44 -30.42 -6.81
CA GLY E 79 21.55 -30.50 -8.25
C GLY E 79 20.24 -30.51 -9.01
N LYS E 80 19.32 -29.61 -8.64
CA LYS E 80 18.05 -29.53 -9.35
C LYS E 80 18.18 -28.71 -10.62
N SER E 81 18.55 -27.44 -10.48
CA SER E 81 18.67 -26.53 -11.62
C SER E 81 19.76 -26.95 -12.60
N TYR E 82 20.78 -27.65 -12.11
CA TYR E 82 21.77 -28.20 -13.01
C TYR E 82 21.18 -29.30 -13.87
N LEU E 83 20.31 -30.12 -13.30
CA LEU E 83 19.59 -31.11 -14.08
C LEU E 83 18.64 -30.45 -15.06
N ALA E 84 18.08 -29.31 -14.68
CA ALA E 84 17.24 -28.54 -15.59
C ALA E 84 18.02 -28.06 -16.79
N LYS E 85 19.23 -27.53 -16.56
CA LYS E 85 20.01 -27.09 -17.69
C LYS E 85 20.64 -28.21 -18.46
N ALA E 86 20.76 -29.39 -17.85
CA ALA E 86 21.05 -30.58 -18.61
C ALA E 86 19.92 -30.88 -19.57
N VAL E 87 18.69 -30.59 -19.19
CA VAL E 87 17.62 -30.76 -20.15
C VAL E 87 17.64 -29.63 -21.19
N ALA E 88 18.15 -28.45 -20.82
CA ALA E 88 18.26 -27.34 -21.77
C ALA E 88 19.24 -27.65 -22.90
N THR E 89 20.45 -28.08 -22.56
CA THR E 89 21.37 -28.55 -23.58
C THR E 89 20.85 -29.81 -24.25
N GLU E 90 20.46 -30.79 -23.46
CA GLU E 90 20.16 -32.13 -23.92
C GLU E 90 18.73 -32.27 -24.37
N ALA E 91 18.13 -31.20 -24.88
CA ALA E 91 16.74 -31.18 -25.28
C ALA E 91 16.49 -31.07 -26.77
N ASN E 92 17.34 -30.34 -27.51
CA ASN E 92 16.99 -29.71 -28.79
C ASN E 92 15.71 -28.89 -28.65
N SER E 93 15.59 -28.19 -27.53
CA SER E 93 14.42 -27.39 -27.26
C SER E 93 14.84 -26.06 -26.69
N THR E 94 13.93 -25.11 -26.86
CA THR E 94 14.05 -23.78 -26.28
C THR E 94 13.96 -23.91 -24.77
N PHE E 95 14.55 -22.96 -24.07
CA PHE E 95 14.62 -23.05 -22.62
C PHE E 95 14.59 -21.65 -22.08
N PHE E 96 13.61 -21.36 -21.23
CA PHE E 96 13.39 -20.04 -20.65
C PHE E 96 13.63 -20.16 -19.15
N SER E 97 14.79 -19.76 -18.68
CA SER E 97 15.09 -19.94 -17.27
C SER E 97 14.75 -18.67 -16.48
N VAL E 98 13.48 -18.27 -16.59
CA VAL E 98 12.89 -17.28 -15.72
C VAL E 98 12.79 -17.85 -14.32
N SER E 99 12.59 -16.98 -13.34
CA SER E 99 12.48 -17.40 -11.95
C SER E 99 11.68 -16.38 -11.19
N SER E 100 11.42 -16.68 -9.92
CA SER E 100 10.58 -15.87 -9.07
C SER E 100 11.14 -14.50 -8.77
N SER E 101 12.43 -14.30 -8.96
CA SER E 101 12.99 -12.98 -8.80
C SER E 101 12.57 -12.04 -9.89
N ASP E 102 12.14 -12.57 -11.03
CA ASP E 102 11.99 -11.77 -12.22
C ASP E 102 10.53 -11.57 -12.57
N LEU E 103 9.62 -12.03 -11.72
CA LEU E 103 8.20 -11.91 -11.99
C LEU E 103 7.46 -11.12 -10.93
N VAL E 104 8.00 -10.98 -9.72
CA VAL E 104 7.58 -9.94 -8.82
C VAL E 104 7.66 -8.58 -9.51
N SER E 105 6.60 -7.80 -9.39
CA SER E 105 6.64 -6.38 -9.65
C SER E 105 5.89 -5.70 -8.54
N LYS E 106 5.65 -4.40 -8.70
CA LYS E 106 4.72 -3.70 -7.83
C LYS E 106 3.90 -2.71 -8.63
N TRP E 107 3.39 -3.12 -9.80
CA TRP E 107 2.63 -2.11 -10.51
C TRP E 107 1.29 -2.58 -11.03
N MET E 108 0.45 -3.23 -10.22
CA MET E 108 -0.97 -3.47 -10.52
C MET E 108 -1.16 -4.27 -11.82
N GLY E 109 -0.89 -5.56 -11.72
CA GLY E 109 -1.16 -6.38 -12.86
C GLY E 109 -0.05 -6.35 -13.86
N GLU E 110 1.17 -6.04 -13.45
CA GLU E 110 2.30 -6.28 -14.32
C GLU E 110 2.88 -7.65 -14.12
N SER E 111 2.66 -8.26 -12.98
CA SER E 111 3.22 -9.57 -12.73
C SER E 111 2.47 -10.70 -13.43
N GLU E 112 1.54 -10.38 -14.31
CA GLU E 112 0.67 -11.32 -15.00
C GLU E 112 0.90 -11.30 -16.49
N LYS E 113 1.13 -10.10 -17.01
CA LYS E 113 1.43 -9.94 -18.42
C LYS E 113 2.81 -10.47 -18.74
N LEU E 114 3.70 -10.47 -17.77
CA LEU E 114 4.96 -11.18 -17.89
C LEU E 114 4.74 -12.68 -18.07
N VAL E 115 3.87 -13.27 -17.23
CA VAL E 115 3.53 -14.68 -17.34
C VAL E 115 2.91 -14.99 -18.69
N LYS E 116 1.98 -14.13 -19.12
CA LYS E 116 1.20 -14.43 -20.30
C LYS E 116 2.05 -14.31 -21.55
N GLN E 117 2.94 -13.35 -21.59
CA GLN E 117 3.74 -13.22 -22.79
C GLN E 117 4.86 -14.24 -22.81
N LEU E 118 5.29 -14.70 -21.64
CA LEU E 118 6.14 -15.89 -21.56
C LEU E 118 5.50 -17.10 -22.22
N PHE E 119 4.25 -17.44 -21.82
CA PHE E 119 3.54 -18.52 -22.51
C PHE E 119 3.19 -18.19 -23.96
N ALA E 120 3.23 -16.93 -24.37
CA ALA E 120 3.00 -16.65 -25.78
C ALA E 120 4.22 -17.02 -26.62
N MET E 121 5.42 -16.69 -26.13
CA MET E 121 6.60 -17.12 -26.85
C MET E 121 6.86 -18.59 -26.68
N ALA E 122 6.25 -19.21 -25.69
CA ALA E 122 6.37 -20.66 -25.63
C ALA E 122 5.33 -21.36 -26.51
N ARG E 123 4.17 -20.75 -26.74
CA ARG E 123 3.26 -21.36 -27.70
C ARG E 123 3.77 -21.18 -29.12
N GLU E 124 4.35 -20.01 -29.42
CA GLU E 124 4.79 -19.76 -30.78
C GLU E 124 6.01 -20.56 -31.20
N ASN E 125 6.66 -21.28 -30.29
CA ASN E 125 7.98 -21.85 -30.53
C ASN E 125 8.05 -23.30 -30.08
N LYS E 126 7.12 -24.14 -30.54
CA LYS E 126 7.06 -25.52 -30.11
C LYS E 126 8.28 -26.31 -30.60
N PRO E 127 8.80 -27.26 -29.82
CA PRO E 127 8.59 -27.55 -28.41
C PRO E 127 9.31 -26.54 -27.54
N SER E 128 8.85 -26.39 -26.29
CA SER E 128 9.48 -25.44 -25.40
C SER E 128 9.54 -26.04 -24.01
N ILE E 129 10.38 -25.46 -23.17
CA ILE E 129 10.47 -25.83 -21.77
C ILE E 129 10.47 -24.55 -20.96
N ILE E 130 9.68 -24.50 -19.91
CA ILE E 130 9.63 -23.35 -19.03
C ILE E 130 10.10 -23.80 -17.67
N PHE E 131 11.18 -23.22 -17.19
CA PHE E 131 11.75 -23.65 -15.93
C PHE E 131 11.55 -22.57 -14.90
N ILE E 132 10.57 -22.74 -14.03
CA ILE E 132 10.26 -21.74 -13.03
C ILE E 132 11.03 -22.14 -11.77
N ASP E 133 12.14 -21.49 -11.51
CA ASP E 133 12.96 -21.91 -10.40
C ASP E 133 12.45 -21.26 -9.12
N GLU E 134 12.31 -22.08 -8.08
CA GLU E 134 11.71 -21.73 -6.80
C GLU E 134 10.29 -21.21 -6.98
N VAL E 135 9.49 -22.20 -7.39
CA VAL E 135 8.05 -22.00 -7.46
C VAL E 135 7.38 -21.78 -6.13
N ASP E 136 8.05 -22.01 -5.02
CA ASP E 136 7.40 -21.76 -3.75
C ASP E 136 7.30 -20.29 -3.39
N ALA E 137 7.91 -19.42 -4.17
CA ALA E 137 7.84 -17.99 -3.94
C ALA E 137 6.72 -17.33 -4.71
N LEU E 138 6.15 -18.01 -5.69
CA LEU E 138 4.94 -17.54 -6.34
C LEU E 138 3.67 -18.06 -5.69
N THR E 139 3.72 -19.27 -5.12
CA THR E 139 2.58 -20.13 -4.86
C THR E 139 2.56 -20.56 -3.40
N GLY E 140 1.94 -19.75 -2.55
CA GLY E 140 2.09 -19.86 -1.10
C GLY E 140 0.86 -20.16 -0.29
N THR E 141 0.09 -21.15 -0.70
CA THR E 141 -1.01 -21.84 0.00
C THR E 141 -2.26 -21.00 0.23
N ARG E 142 -2.19 -19.69 -0.08
CA ARG E 142 -3.26 -18.68 -0.02
C ARG E 142 -4.23 -18.80 1.16
N GLY E 143 -3.69 -18.68 2.37
CA GLY E 143 -4.50 -18.56 3.56
C GLY E 143 -4.08 -17.37 4.39
N GLU E 144 -2.92 -16.80 4.06
CA GLU E 144 -2.39 -15.63 4.76
C GLU E 144 -1.94 -14.54 3.80
N GLY E 145 -1.94 -14.80 2.49
CA GLY E 145 -1.33 -13.89 1.56
C GLY E 145 -2.21 -12.71 1.22
N GLU E 146 -1.62 -11.75 0.54
CA GLU E 146 -2.33 -10.56 0.13
C GLU E 146 -3.15 -10.80 -1.13
N SER E 147 -4.12 -9.91 -1.32
CA SER E 147 -5.16 -10.06 -2.32
C SER E 147 -4.61 -10.15 -3.73
N GLU E 148 -3.85 -9.14 -4.14
CA GLU E 148 -3.44 -9.05 -5.53
C GLU E 148 -2.45 -10.13 -5.89
N ALA E 149 -1.29 -10.10 -5.25
CA ALA E 149 -0.20 -10.98 -5.60
C ALA E 149 -0.57 -12.43 -5.42
N SER E 150 -1.09 -12.89 -4.27
CA SER E 150 -1.63 -14.21 -4.05
C SER E 150 -2.62 -14.55 -5.14
N ARG E 151 -3.77 -13.89 -5.17
CA ARG E 151 -4.83 -14.42 -6.02
C ARG E 151 -4.53 -14.19 -7.49
N ARG E 152 -3.74 -13.21 -7.80
CA ARG E 152 -3.63 -12.87 -9.19
C ARG E 152 -2.43 -13.53 -9.84
N ILE E 153 -1.34 -13.70 -9.10
CA ILE E 153 -0.27 -14.45 -9.75
C ILE E 153 -0.54 -15.93 -9.72
N LYS E 154 -1.09 -16.44 -8.60
CA LYS E 154 -1.43 -17.85 -8.56
C LYS E 154 -2.52 -18.17 -9.55
N THR E 155 -3.53 -17.31 -9.64
CA THR E 155 -4.65 -17.56 -10.54
C THR E 155 -4.23 -17.49 -12.00
N GLU E 156 -3.35 -16.56 -12.36
CA GLU E 156 -2.94 -16.54 -13.75
C GLU E 156 -2.03 -17.70 -14.10
N LEU E 157 -1.32 -18.23 -13.11
CA LEU E 157 -0.52 -19.40 -13.38
C LEU E 157 -1.40 -20.63 -13.59
N LEU E 158 -2.47 -20.77 -12.81
CA LEU E 158 -3.43 -21.86 -12.96
C LEU E 158 -4.09 -21.86 -14.31
N VAL E 159 -4.81 -20.78 -14.61
CA VAL E 159 -5.53 -20.63 -15.87
C VAL E 159 -4.60 -20.71 -17.05
N GLN E 160 -3.37 -20.28 -16.87
CA GLN E 160 -2.48 -20.30 -18.00
C GLN E 160 -1.91 -21.69 -18.24
N MET E 161 -1.82 -22.53 -17.20
CA MET E 161 -1.27 -23.87 -17.40
C MET E 161 -2.26 -24.78 -18.10
N ASN E 162 -3.51 -24.87 -17.65
CA ASN E 162 -4.41 -25.63 -18.53
C ASN E 162 -5.56 -24.81 -19.11
N GLY E 163 -6.40 -24.17 -18.30
CA GLY E 163 -7.42 -23.23 -18.74
C GLY E 163 -8.39 -23.67 -19.81
N VAL E 164 -8.98 -22.72 -20.53
CA VAL E 164 -9.92 -23.01 -21.61
C VAL E 164 -9.32 -22.73 -22.98
N GLY E 165 -8.98 -21.48 -23.25
CA GLY E 165 -8.50 -21.16 -24.57
C GLY E 165 -6.99 -21.12 -24.68
N ASN E 166 -6.30 -22.06 -24.07
CA ASN E 166 -4.89 -21.84 -23.82
C ASN E 166 -3.92 -22.80 -24.49
N ASP E 167 -4.24 -24.08 -24.67
CA ASP E 167 -3.46 -25.00 -25.53
C ASP E 167 -2.02 -25.18 -25.04
N SER E 168 -1.87 -25.91 -23.94
CA SER E 168 -0.55 -26.33 -23.48
C SER E 168 -0.05 -27.54 -24.27
N GLN E 169 0.19 -27.32 -25.56
CA GLN E 169 0.82 -28.29 -26.43
C GLN E 169 2.30 -28.01 -26.53
N GLY E 170 3.12 -29.01 -26.24
CA GLY E 170 4.52 -28.87 -26.53
C GLY E 170 5.30 -28.02 -25.57
N VAL E 171 4.69 -27.48 -24.54
CA VAL E 171 5.43 -26.84 -23.46
C VAL E 171 5.46 -27.82 -22.30
N LEU E 172 6.54 -27.75 -21.55
CA LEU E 172 6.71 -28.52 -20.33
C LEU E 172 7.05 -27.55 -19.25
N VAL E 173 6.30 -27.59 -18.16
CA VAL E 173 6.52 -26.63 -17.11
C VAL E 173 7.30 -27.34 -16.02
N LEU E 174 8.59 -27.06 -15.90
CA LEU E 174 9.33 -27.61 -14.78
C LEU E 174 9.10 -26.80 -13.52
N GLY E 175 9.87 -27.05 -12.50
CA GLY E 175 9.76 -26.25 -11.33
C GLY E 175 10.50 -26.91 -10.21
N ALA E 176 11.24 -26.16 -9.41
CA ALA E 176 11.94 -26.73 -8.30
C ALA E 176 11.50 -26.02 -7.04
N THR E 177 11.63 -26.67 -5.89
CA THR E 177 11.30 -26.01 -4.64
C THR E 177 11.99 -26.72 -3.48
N ASN E 178 12.18 -25.98 -2.39
CA ASN E 178 12.68 -26.57 -1.17
C ASN E 178 11.62 -26.72 -0.11
N ILE E 179 10.50 -26.02 -0.24
CA ILE E 179 9.43 -26.10 0.74
C ILE E 179 8.23 -26.66 0.02
N PRO E 180 8.15 -27.96 -0.26
CA PRO E 180 7.05 -28.44 -1.07
C PRO E 180 5.74 -28.55 -0.33
N TRP E 181 5.72 -28.40 0.98
CA TRP E 181 4.48 -28.45 1.72
C TRP E 181 3.79 -27.11 1.81
N GLN E 182 4.43 -26.04 1.40
CA GLN E 182 3.82 -24.72 1.38
C GLN E 182 3.31 -24.36 0.01
N LEU E 183 2.79 -25.32 -0.71
CA LEU E 183 2.41 -25.14 -2.08
C LEU E 183 0.91 -25.32 -2.16
N ASP E 184 0.24 -24.51 -2.96
CA ASP E 184 -1.21 -24.55 -3.05
C ASP E 184 -1.67 -25.85 -3.71
N SER E 185 -2.78 -26.40 -3.22
CA SER E 185 -3.21 -27.72 -3.67
C SER E 185 -3.69 -27.75 -5.11
N ALA E 186 -4.12 -26.63 -5.67
CA ALA E 186 -4.43 -26.61 -7.09
C ALA E 186 -3.16 -26.67 -7.93
N ILE E 187 -2.07 -26.17 -7.39
CA ILE E 187 -0.83 -26.18 -8.12
C ILE E 187 -0.05 -27.45 -7.84
N ARG E 188 -0.29 -28.06 -6.70
CA ARG E 188 0.13 -29.44 -6.51
C ARG E 188 -0.60 -30.36 -7.47
N ARG E 189 -1.83 -30.02 -7.83
CA ARG E 189 -2.54 -30.80 -8.82
C ARG E 189 -1.95 -30.62 -10.21
N ARG E 190 -1.56 -29.39 -10.58
CA ARG E 190 -1.13 -29.15 -11.96
C ARG E 190 0.19 -29.83 -12.29
N PHE E 191 1.08 -29.93 -11.33
CA PHE E 191 2.37 -30.61 -11.47
C PHE E 191 2.12 -32.09 -11.30
N GLU E 192 2.14 -32.83 -12.38
CA GLU E 192 1.57 -34.14 -12.30
C GLU E 192 2.57 -35.23 -12.00
N ARG E 193 3.85 -34.92 -11.85
CA ARG E 193 4.82 -35.92 -11.39
C ARG E 193 5.76 -35.24 -10.40
N ARG E 194 5.42 -35.27 -9.14
CA ARG E 194 6.26 -34.70 -8.10
C ARG E 194 7.40 -35.65 -7.77
N ILE E 195 8.58 -35.44 -8.33
CA ILE E 195 9.73 -36.31 -8.10
C ILE E 195 10.57 -35.73 -6.96
N TYR E 196 11.17 -36.59 -6.14
CA TYR E 196 11.93 -36.19 -4.96
C TYR E 196 13.41 -36.45 -5.17
N ILE E 197 14.22 -35.41 -5.03
CA ILE E 197 15.66 -35.49 -5.26
C ILE E 197 16.35 -35.58 -3.90
N PRO E 198 16.89 -36.72 -3.50
CA PRO E 198 17.37 -36.86 -2.12
C PRO E 198 18.86 -36.61 -1.96
N LEU E 199 19.34 -36.65 -0.72
CA LEU E 199 20.76 -36.62 -0.44
C LEU E 199 21.43 -37.85 -1.03
N PRO E 200 22.59 -37.67 -1.66
CA PRO E 200 23.14 -38.69 -2.55
C PRO E 200 23.97 -39.73 -1.82
N ASP E 201 24.29 -40.77 -2.58
CA ASP E 201 25.05 -41.92 -2.12
C ASP E 201 26.55 -41.75 -2.44
N LEU E 202 27.22 -42.88 -2.43
CA LEU E 202 28.68 -43.06 -2.42
C LEU E 202 29.29 -42.95 -3.82
N ALA E 203 28.71 -43.65 -4.78
CA ALA E 203 29.26 -43.63 -6.14
C ALA E 203 29.15 -42.27 -6.77
N ALA E 204 28.09 -41.53 -6.45
CA ALA E 204 27.92 -40.19 -6.98
C ALA E 204 28.95 -39.23 -6.42
N ARG E 205 29.22 -39.31 -5.12
CA ARG E 205 30.22 -38.45 -4.51
C ARG E 205 31.60 -38.73 -5.07
N THR E 206 31.94 -40.00 -5.25
CA THR E 206 33.23 -40.33 -5.85
C THR E 206 33.32 -39.81 -7.27
N THR E 207 32.21 -39.87 -8.00
CA THR E 207 32.17 -39.32 -9.35
C THR E 207 32.36 -37.81 -9.34
N MET E 208 31.79 -37.13 -8.34
CA MET E 208 31.89 -35.67 -8.32
C MET E 208 33.28 -35.21 -7.97
N PHE E 209 34.01 -35.93 -7.11
CA PHE E 209 35.40 -35.58 -6.89
C PHE E 209 36.22 -35.78 -8.15
N GLU E 210 36.02 -36.91 -8.84
CA GLU E 210 36.76 -37.16 -10.06
C GLU E 210 36.47 -36.14 -11.15
N ILE E 211 35.23 -35.62 -11.19
CA ILE E 211 34.92 -34.58 -12.18
C ILE E 211 35.53 -33.25 -11.78
N ASN E 212 35.32 -32.83 -10.54
CA ASN E 212 35.71 -31.49 -10.13
C ASN E 212 37.21 -31.30 -10.02
N VAL E 213 38.01 -32.36 -9.89
CA VAL E 213 39.44 -32.09 -9.98
C VAL E 213 39.87 -31.85 -11.42
N GLY E 214 39.07 -32.27 -12.40
CA GLY E 214 39.33 -31.91 -13.78
C GLY E 214 40.57 -32.58 -14.32
N ASP E 215 41.43 -31.78 -14.96
CA ASP E 215 42.70 -32.25 -15.47
C ASP E 215 43.87 -31.69 -14.67
N THR E 216 43.65 -31.47 -13.39
CA THR E 216 44.69 -30.92 -12.54
C THR E 216 45.63 -32.04 -12.10
N PRO E 217 46.96 -31.83 -12.19
CA PRO E 217 47.91 -32.88 -11.79
C PRO E 217 47.85 -33.25 -10.33
N CYS E 218 47.46 -34.49 -10.06
CA CYS E 218 47.31 -34.96 -8.69
C CYS E 218 47.85 -36.38 -8.59
N VAL E 219 48.35 -36.72 -7.40
CA VAL E 219 48.93 -38.03 -7.13
C VAL E 219 47.86 -39.02 -6.69
N LEU E 220 46.59 -38.64 -6.74
CA LEU E 220 45.53 -39.46 -6.17
C LEU E 220 45.21 -40.65 -7.04
N THR E 221 44.76 -41.72 -6.39
CA THR E 221 44.34 -42.93 -7.06
C THR E 221 42.84 -43.12 -6.93
N LYS E 222 42.35 -44.23 -7.45
CA LYS E 222 40.93 -44.54 -7.33
C LYS E 222 40.54 -44.80 -5.89
N GLU E 223 41.42 -45.40 -5.11
CA GLU E 223 41.12 -45.63 -3.72
C GLU E 223 41.20 -44.36 -2.89
N ASP E 224 41.86 -43.33 -3.41
CA ASP E 224 41.86 -42.05 -2.72
C ASP E 224 40.54 -41.35 -2.89
N TYR E 225 40.03 -41.28 -4.12
CA TYR E 225 38.71 -40.70 -4.34
C TYR E 225 37.65 -41.51 -3.64
N ARG E 226 37.85 -42.83 -3.62
CA ARG E 226 36.96 -43.73 -2.92
C ARG E 226 36.97 -43.45 -1.42
N THR E 227 38.15 -43.11 -0.90
CA THR E 227 38.30 -42.76 0.51
C THR E 227 37.55 -41.49 0.84
N LEU E 228 37.71 -40.45 0.01
CA LEU E 228 37.05 -39.18 0.26
C LEU E 228 35.54 -39.30 0.14
N GLY E 229 35.08 -40.01 -0.89
CA GLY E 229 33.66 -40.28 -1.03
C GLY E 229 33.10 -41.05 0.14
N ALA E 230 33.89 -41.93 0.75
CA ALA E 230 33.45 -42.55 1.99
C ALA E 230 33.44 -41.57 3.14
N MET E 231 34.27 -40.53 3.06
CA MET E 231 34.43 -39.62 4.19
C MET E 231 33.31 -38.60 4.27
N THR E 232 32.67 -38.26 3.16
CA THR E 232 31.81 -37.08 3.07
C THR E 232 30.32 -37.38 3.13
N GLU E 233 29.82 -38.25 3.99
CA GLU E 233 28.39 -38.54 3.94
C GLU E 233 27.59 -37.43 4.59
N GLY E 234 26.65 -36.89 3.82
CA GLY E 234 25.84 -35.76 4.23
C GLY E 234 26.01 -34.55 3.37
N TYR E 235 26.96 -34.57 2.43
CA TYR E 235 27.26 -33.38 1.66
C TYR E 235 26.45 -33.41 0.37
N SER E 236 26.03 -32.24 -0.07
CA SER E 236 25.40 -32.10 -1.36
C SER E 236 26.47 -31.78 -2.39
N GLY E 237 26.07 -31.56 -3.64
CA GLY E 237 27.05 -31.36 -4.68
C GLY E 237 27.72 -30.02 -4.65
N SER E 238 27.05 -29.02 -4.05
CA SER E 238 27.67 -27.73 -3.84
C SER E 238 28.85 -27.85 -2.92
N ASP E 239 28.68 -28.57 -1.81
CA ASP E 239 29.71 -28.67 -0.81
C ASP E 239 30.94 -29.37 -1.35
N ILE E 240 30.74 -30.36 -2.20
CA ILE E 240 31.88 -31.03 -2.75
C ILE E 240 32.53 -30.17 -3.82
N ALA E 241 31.75 -29.32 -4.50
CA ALA E 241 32.38 -28.37 -5.40
C ALA E 241 33.22 -27.33 -4.65
N VAL E 242 32.85 -26.99 -3.42
CA VAL E 242 33.69 -26.04 -2.69
C VAL E 242 34.81 -26.69 -1.90
N VAL E 243 34.72 -27.97 -1.56
CA VAL E 243 35.92 -28.56 -0.99
C VAL E 243 36.94 -28.82 -2.08
N VAL E 244 36.49 -29.02 -3.32
CA VAL E 244 37.48 -29.11 -4.38
C VAL E 244 38.03 -27.75 -4.72
N LYS E 245 37.22 -26.70 -4.57
CA LYS E 245 37.72 -25.34 -4.78
C LYS E 245 38.80 -24.98 -3.77
N ASP E 246 38.55 -25.25 -2.49
CA ASP E 246 39.50 -24.93 -1.43
C ASP E 246 40.76 -25.78 -1.52
N ALA E 247 40.58 -27.08 -1.79
CA ALA E 247 41.74 -27.95 -1.93
C ALA E 247 42.58 -27.61 -3.14
N LEU E 248 41.97 -27.07 -4.19
CA LEU E 248 42.79 -26.55 -5.27
C LEU E 248 43.45 -25.24 -4.92
N MET E 249 43.00 -24.52 -3.89
CA MET E 249 43.71 -23.29 -3.53
C MET E 249 44.62 -23.42 -2.31
N GLN E 250 44.79 -24.62 -1.76
CA GLN E 250 45.85 -24.84 -0.76
C GLN E 250 47.29 -24.61 -1.26
N PRO E 251 47.74 -25.16 -2.42
CA PRO E 251 49.19 -25.02 -2.74
C PRO E 251 49.61 -23.62 -3.12
N ILE E 252 48.76 -22.87 -3.81
CA ILE E 252 49.06 -21.47 -4.10
C ILE E 252 49.13 -20.68 -2.80
N ARG E 253 48.31 -21.06 -1.82
CA ARG E 253 48.35 -20.42 -0.51
C ARG E 253 49.66 -20.71 0.21
N LYS E 254 50.19 -21.92 0.07
CA LYS E 254 51.53 -22.17 0.59
C LYS E 254 52.63 -21.61 -0.30
N ILE E 255 52.32 -21.15 -1.52
CA ILE E 255 53.33 -20.43 -2.29
C ILE E 255 53.50 -19.02 -1.75
N GLN E 256 52.45 -18.21 -1.85
CA GLN E 256 52.70 -16.78 -1.78
C GLN E 256 52.77 -16.25 -0.36
N SER E 257 52.16 -16.92 0.60
CA SER E 257 52.40 -16.61 2.01
C SER E 257 53.50 -17.50 2.59
N ALA E 258 54.60 -17.60 1.85
CA ALA E 258 55.72 -18.44 2.27
C ALA E 258 56.95 -17.63 2.70
N THR E 259 57.41 -17.89 3.91
CA THR E 259 58.80 -17.68 4.27
C THR E 259 59.58 -18.97 4.11
N HIS E 260 60.74 -18.91 3.47
CA HIS E 260 61.57 -20.11 3.24
C HIS E 260 61.14 -21.05 2.10
N PHE E 261 62.05 -21.20 1.13
CA PHE E 261 61.94 -22.20 0.07
C PHE E 261 63.20 -23.07 0.05
N LYS E 262 63.31 -23.96 -0.94
CA LYS E 262 64.38 -24.95 -0.95
C LYS E 262 64.51 -25.60 -2.33
N ASP E 263 65.74 -25.80 -2.77
CA ASP E 263 66.01 -26.44 -4.08
C ASP E 263 65.83 -27.95 -4.02
N VAL E 264 65.29 -28.52 -5.10
CA VAL E 264 65.11 -29.98 -5.24
C VAL E 264 65.47 -30.41 -6.67
N SER E 265 65.44 -31.73 -6.91
CA SER E 265 65.78 -32.37 -8.21
C SER E 265 67.25 -32.85 -8.29
N GLU E 270 66.37 -29.97 -14.64
CA GLU E 270 66.54 -28.98 -15.70
C GLU E 270 66.72 -27.55 -15.16
N THR E 271 67.81 -27.36 -14.40
CA THR E 271 68.29 -26.06 -13.87
C THR E 271 67.40 -25.38 -12.81
N ARG E 272 67.80 -25.53 -11.55
CA ARG E 272 67.20 -24.83 -10.42
C ARG E 272 65.71 -25.03 -10.31
N LYS E 273 65.25 -25.49 -9.15
CA LYS E 273 63.79 -25.62 -8.89
C LYS E 273 63.42 -25.65 -7.39
N LEU E 274 62.77 -24.58 -6.92
CA LEU E 274 62.51 -24.40 -5.49
C LEU E 274 61.04 -24.39 -5.05
N THR E 275 60.80 -24.97 -3.89
CA THR E 275 59.45 -25.22 -3.33
C THR E 275 59.39 -24.73 -1.87
N PRO E 276 58.19 -24.42 -1.37
CA PRO E 276 58.07 -23.99 0.03
C PRO E 276 58.41 -25.10 1.01
N CYS E 277 59.16 -24.75 2.04
CA CYS E 277 59.51 -25.68 3.13
C CYS E 277 59.53 -24.93 4.46
N SER E 278 59.41 -25.67 5.55
CA SER E 278 59.35 -25.10 6.90
C SER E 278 60.63 -24.30 7.27
N PRO E 279 60.54 -23.38 8.26
CA PRO E 279 61.75 -22.69 8.72
C PRO E 279 62.82 -23.66 9.25
N GLY E 280 63.99 -23.65 8.61
CA GLY E 280 65.10 -24.50 9.02
C GLY E 280 64.94 -25.92 8.52
N ASP E 281 65.49 -26.18 7.33
CA ASP E 281 65.42 -27.49 6.65
C ASP E 281 66.61 -27.66 5.70
N ASP E 282 66.75 -28.85 5.10
CA ASP E 282 67.85 -29.18 4.18
C ASP E 282 67.88 -28.28 2.93
N GLY E 283 68.64 -27.19 3.03
CA GLY E 283 68.75 -26.21 1.93
C GLY E 283 67.71 -25.11 1.99
N ALA E 284 67.16 -24.88 3.19
CA ALA E 284 66.13 -23.87 3.41
C ALA E 284 66.67 -22.45 3.41
N ILE E 285 66.63 -21.81 2.25
CA ILE E 285 66.88 -20.37 2.11
C ILE E 285 65.63 -19.60 2.60
N GLU E 286 65.79 -18.36 3.04
CA GLU E 286 64.65 -17.53 3.47
C GLU E 286 64.29 -16.50 2.40
N MET E 287 63.07 -16.60 1.87
CA MET E 287 62.61 -15.72 0.81
C MET E 287 61.10 -15.73 0.64
N SER E 288 60.63 -14.97 -0.35
CA SER E 288 59.23 -14.93 -0.74
C SER E 288 59.10 -15.34 -2.21
N TRP E 289 57.89 -15.75 -2.62
CA TRP E 289 57.64 -16.18 -4.00
C TRP E 289 58.06 -15.13 -5.02
N THR E 290 57.93 -13.88 -4.61
CA THR E 290 58.30 -12.71 -5.39
C THR E 290 59.80 -12.73 -5.72
N ASP E 291 60.59 -13.27 -4.80
CA ASP E 291 62.05 -13.34 -4.95
C ASP E 291 62.45 -14.37 -5.99
N ILE E 292 61.53 -15.26 -6.34
CA ILE E 292 61.91 -16.43 -7.12
C ILE E 292 61.59 -16.31 -8.60
N GLU E 293 62.49 -16.86 -9.41
CA GLU E 293 62.48 -16.64 -10.85
C GLU E 293 61.34 -17.35 -11.58
N ALA E 294 60.89 -16.72 -12.66
CA ALA E 294 59.89 -17.27 -13.57
C ALA E 294 60.13 -18.77 -13.78
N ASP E 295 59.02 -19.51 -13.80
CA ASP E 295 59.01 -20.99 -13.89
C ASP E 295 59.68 -21.72 -12.72
N GLU E 296 60.95 -21.41 -12.45
CA GLU E 296 61.78 -22.20 -11.54
C GLU E 296 61.21 -22.36 -10.13
N LEU E 297 59.90 -22.27 -10.02
CA LEU E 297 59.11 -22.58 -8.85
C LEU E 297 58.62 -24.02 -8.92
N LYS E 298 58.66 -24.69 -7.77
CA LYS E 298 58.22 -26.07 -7.64
C LYS E 298 56.95 -26.09 -6.79
N GLU E 299 55.84 -25.62 -7.36
CA GLU E 299 54.54 -25.57 -6.68
C GLU E 299 54.18 -26.86 -5.95
N PRO E 300 53.66 -26.73 -4.72
CA PRO E 300 53.24 -27.87 -3.89
C PRO E 300 52.19 -28.72 -4.59
N ASP E 301 52.25 -30.03 -4.40
CA ASP E 301 51.30 -30.93 -5.05
C ASP E 301 49.95 -31.00 -4.35
N LEU E 302 49.07 -31.81 -4.94
CA LEU E 302 47.72 -32.05 -4.44
C LEU E 302 47.67 -33.39 -3.71
N THR E 303 47.52 -33.33 -2.40
CA THR E 303 47.60 -34.48 -1.51
C THR E 303 46.19 -34.87 -1.07
N ILE E 304 45.99 -36.08 -0.52
CA ILE E 304 44.69 -36.31 0.09
C ILE E 304 44.50 -35.58 1.43
N LYS E 305 45.59 -35.16 2.07
CA LYS E 305 45.45 -34.36 3.27
C LYS E 305 44.93 -32.96 2.95
N ASP E 306 45.10 -32.51 1.71
CA ASP E 306 44.50 -31.24 1.31
C ASP E 306 42.99 -31.34 1.30
N PHE E 307 42.47 -32.43 0.76
CA PHE E 307 41.03 -32.60 0.73
C PHE E 307 40.46 -32.90 2.10
N LEU E 308 41.19 -33.67 2.92
CA LEU E 308 40.71 -33.90 4.28
C LEU E 308 40.73 -32.62 5.11
N LYS E 309 41.71 -31.77 4.84
CA LYS E 309 41.79 -30.44 5.43
C LYS E 309 40.58 -29.60 5.07
N ALA E 310 40.23 -29.59 3.78
CA ALA E 310 39.10 -28.80 3.32
C ALA E 310 37.79 -29.33 3.87
N ILE E 311 37.62 -30.65 3.92
CA ILE E 311 36.38 -31.24 4.37
C ILE E 311 36.20 -31.05 5.86
N LYS E 312 37.29 -31.02 6.62
CA LYS E 312 37.18 -30.64 8.03
C LYS E 312 36.72 -29.20 8.18
N SER E 313 37.22 -28.30 7.33
CA SER E 313 36.88 -26.89 7.52
C SER E 313 35.50 -26.53 6.99
N THR E 314 35.08 -27.13 5.88
CA THR E 314 33.83 -26.75 5.25
C THR E 314 32.69 -27.61 5.76
N ARG E 315 31.57 -26.96 6.05
CA ARG E 315 30.44 -27.50 6.76
C ARG E 315 29.19 -27.38 5.88
N PRO E 316 28.25 -28.36 5.92
CA PRO E 316 27.00 -28.20 5.15
C PRO E 316 25.90 -27.41 5.85
N THR E 317 24.74 -27.41 5.21
CA THR E 317 23.60 -26.54 5.53
C THR E 317 22.53 -27.24 6.38
N VAL E 318 22.37 -28.53 6.22
CA VAL E 318 21.10 -29.17 6.47
C VAL E 318 20.93 -29.57 7.94
N ASN E 319 19.65 -29.79 8.28
CA ASN E 319 19.16 -30.22 9.58
C ASN E 319 18.31 -31.47 9.38
N GLU E 320 18.39 -32.40 10.32
CA GLU E 320 17.67 -33.67 10.18
C GLU E 320 16.24 -33.65 10.72
N ASP E 321 15.57 -32.50 10.69
CA ASP E 321 14.11 -32.48 10.78
C ASP E 321 13.46 -31.90 9.54
N ASP E 322 14.19 -31.08 8.78
CA ASP E 322 13.82 -30.71 7.44
C ASP E 322 13.57 -31.95 6.60
N LEU E 323 14.39 -32.97 6.77
CA LEU E 323 14.18 -34.23 6.09
C LEU E 323 12.90 -34.92 6.52
N LEU E 324 12.43 -34.68 7.74
CA LEU E 324 11.19 -35.33 8.14
C LEU E 324 10.01 -34.71 7.42
N LYS E 325 10.02 -33.41 7.21
CA LYS E 325 8.89 -32.86 6.48
C LYS E 325 8.98 -33.12 4.99
N GLN E 326 10.19 -33.26 4.45
CA GLN E 326 10.32 -33.69 3.06
C GLN E 326 9.78 -35.09 2.85
N GLU E 327 10.13 -36.00 3.76
CA GLU E 327 9.65 -37.37 3.64
C GLU E 327 8.16 -37.47 3.89
N GLN E 328 7.63 -36.58 4.73
CA GLN E 328 6.19 -36.41 4.90
C GLN E 328 5.50 -36.14 3.58
N PHE E 329 5.95 -35.10 2.88
CA PHE E 329 5.31 -34.74 1.61
C PHE E 329 5.50 -35.82 0.57
N THR E 330 6.62 -36.54 0.59
CA THR E 330 6.82 -37.59 -0.40
C THR E 330 5.90 -38.76 -0.15
N ARG E 331 5.63 -39.03 1.10
CA ARG E 331 4.75 -40.12 1.47
C ARG E 331 3.28 -39.77 1.28
N ASP E 332 2.93 -38.49 1.29
CA ASP E 332 1.55 -38.09 1.08
C ASP E 332 1.20 -37.75 -0.37
N PHE E 333 2.13 -37.22 -1.17
CA PHE E 333 1.78 -36.77 -2.51
C PHE E 333 2.79 -37.07 -3.60
N GLY E 334 3.95 -37.66 -3.29
CA GLY E 334 5.08 -37.60 -4.18
C GLY E 334 5.61 -38.89 -4.78
C ACE F 1 4.84 18.72 -27.95
O ACE F 1 5.89 19.28 -27.72
CH3 ACE F 1 4.34 18.54 -29.38
N ASP F 2 4.07 18.22 -26.98
CA ASP F 2 4.31 18.52 -25.57
C ASP F 2 4.23 17.25 -24.73
N GLU F 3 5.08 17.18 -23.70
CA GLU F 3 5.23 15.95 -22.91
C GLU F 3 4.29 16.03 -21.72
N ILE F 4 3.18 15.31 -21.84
CA ILE F 4 2.08 15.39 -20.90
C ILE F 4 2.30 14.31 -19.86
N VAL F 5 1.68 14.48 -18.71
CA VAL F 5 1.84 13.53 -17.61
C VAL F 5 0.63 12.62 -17.58
N ASN F 6 0.87 11.34 -17.40
CA ASN F 6 -0.16 10.38 -17.11
C ASN F 6 -0.08 10.07 -15.64
N LYS F 7 -0.84 9.09 -15.20
CA LYS F 7 -0.81 8.80 -13.78
C LYS F 7 -1.11 7.34 -13.54
N VAL F 8 -0.38 6.75 -12.62
CA VAL F 8 -0.30 5.31 -12.47
C VAL F 8 -0.93 4.89 -11.16
N LEU F 9 -0.94 3.59 -10.91
CA LEU F 9 -1.52 2.97 -9.71
C LEU F 9 -0.51 2.49 -8.69
N NH2 F 10 -0.59 3.03 -7.49
N ALA G 23 29.09 8.35 -16.35
CA ALA G 23 28.62 7.52 -15.23
C ALA G 23 29.67 6.47 -14.89
N ILE G 24 30.46 6.09 -15.89
CA ILE G 24 31.54 5.13 -15.71
C ILE G 24 32.84 5.89 -15.91
N LEU G 25 33.68 5.86 -14.89
CA LEU G 25 34.99 6.48 -15.00
C LEU G 25 35.96 5.44 -15.48
N SER G 26 36.94 5.88 -16.27
CA SER G 26 38.02 4.99 -16.65
C SER G 26 39.36 5.70 -16.55
N GLU G 27 40.38 5.01 -16.06
CA GLU G 27 41.71 5.57 -16.09
C GLU G 27 42.84 4.60 -15.89
N LYS G 28 44.00 4.96 -16.37
CA LYS G 28 45.16 4.19 -16.10
C LYS G 28 45.84 4.96 -14.98
N PRO G 29 45.57 4.62 -13.73
CA PRO G 29 45.97 5.48 -12.62
C PRO G 29 47.46 5.37 -12.34
N ASN G 30 48.00 6.34 -11.61
CA ASN G 30 49.40 6.24 -11.31
C ASN G 30 49.77 6.28 -9.83
N VAL G 31 49.13 5.42 -9.06
CA VAL G 31 49.24 5.42 -7.65
C VAL G 31 50.07 4.21 -7.28
N LYS G 32 51.25 4.46 -6.73
CA LYS G 32 52.10 3.39 -6.25
C LYS G 32 51.65 2.94 -4.87
N TRP G 33 52.08 1.75 -4.45
CA TRP G 33 51.79 1.26 -3.10
C TRP G 33 52.22 2.29 -2.03
N GLU G 34 53.42 2.85 -2.20
CA GLU G 34 53.96 3.82 -1.26
C GLU G 34 53.12 5.10 -1.17
N ASP G 35 52.20 5.34 -2.11
CA ASP G 35 51.41 6.58 -2.05
C ASP G 35 50.21 6.42 -1.14
N VAL G 36 49.97 5.17 -0.73
CA VAL G 36 48.85 4.83 0.10
C VAL G 36 49.38 4.63 1.53
N ALA G 37 48.98 5.54 2.42
CA ALA G 37 49.45 5.54 3.78
C ALA G 37 49.08 4.25 4.48
N GLY G 38 50.07 3.52 5.00
CA GLY G 38 49.82 2.32 5.80
C GLY G 38 49.16 1.15 5.06
N LEU G 39 48.18 0.55 5.69
CA LEU G 39 47.45 -0.55 5.11
C LEU G 39 48.32 -1.67 4.65
N GLU G 40 49.51 -1.81 5.19
CA GLU G 40 50.41 -2.79 4.65
C GLU G 40 49.85 -4.19 4.59
N GLY G 41 48.90 -4.50 5.45
CA GLY G 41 48.36 -5.84 5.49
C GLY G 41 47.43 -6.15 4.35
N ALA G 42 46.52 -5.24 4.09
CA ALA G 42 45.74 -5.30 2.91
C ALA G 42 46.65 -5.30 1.75
N LYS G 43 47.72 -4.55 1.83
CA LYS G 43 48.48 -4.38 0.64
C LYS G 43 49.06 -5.72 0.31
N GLU G 44 49.41 -6.46 1.33
CA GLU G 44 50.16 -7.66 1.11
C GLU G 44 49.20 -8.73 0.69
N ALA G 45 47.98 -8.64 1.18
CA ALA G 45 46.94 -9.52 0.71
C ALA G 45 46.61 -9.36 -0.76
N LEU G 46 46.51 -8.12 -1.20
CA LEU G 46 46.23 -7.76 -2.58
C LEU G 46 47.39 -8.13 -3.50
N LYS G 47 48.60 -8.00 -2.99
CA LYS G 47 49.76 -8.43 -3.77
C LYS G 47 49.65 -9.91 -4.13
N GLU G 48 49.35 -10.77 -3.18
CA GLU G 48 49.28 -12.16 -3.53
C GLU G 48 47.99 -12.59 -4.15
N ALA G 49 46.92 -11.89 -3.84
CA ALA G 49 45.61 -12.11 -4.47
C ALA G 49 45.51 -11.67 -5.94
N VAL G 50 46.20 -10.58 -6.30
CA VAL G 50 46.02 -9.95 -7.60
C VAL G 50 47.31 -9.86 -8.36
N ILE G 51 48.37 -9.41 -7.72
CA ILE G 51 49.62 -9.13 -8.41
C ILE G 51 50.38 -10.40 -8.78
N LEU G 52 50.45 -11.34 -7.84
CA LEU G 52 51.07 -12.62 -8.16
C LEU G 52 50.47 -13.28 -9.43
N PRO G 53 49.12 -13.35 -9.53
CA PRO G 53 48.55 -13.91 -10.76
C PRO G 53 49.01 -13.20 -12.02
N VAL G 54 49.08 -11.88 -11.94
CA VAL G 54 49.45 -11.04 -13.06
C VAL G 54 50.93 -11.12 -13.36
N LYS G 55 51.74 -11.24 -12.33
CA LYS G 55 53.19 -11.27 -12.50
C LYS G 55 53.64 -12.58 -13.14
N PHE G 56 53.08 -13.68 -12.65
CA PHE G 56 53.44 -15.00 -13.11
C PHE G 56 52.18 -15.74 -13.60
N PRO G 57 51.67 -15.40 -14.80
CA PRO G 57 50.44 -16.06 -15.22
C PRO G 57 50.56 -17.58 -15.42
N HIS G 58 51.75 -18.07 -15.76
CA HIS G 58 51.93 -19.51 -16.01
C HIS G 58 51.61 -20.39 -14.79
N LEU G 59 51.46 -19.76 -13.63
CA LEU G 59 51.10 -20.44 -12.40
C LEU G 59 49.66 -20.89 -12.40
N PHE G 60 48.88 -20.35 -13.34
CA PHE G 60 47.44 -20.52 -13.30
C PHE G 60 46.94 -21.17 -14.58
N LYS G 61 47.51 -22.33 -14.90
CA LYS G 61 47.03 -23.21 -15.96
C LYS G 61 46.03 -24.20 -15.33
N GLY G 62 45.12 -24.75 -16.15
CA GLY G 62 44.24 -25.82 -15.69
C GLY G 62 43.11 -25.34 -14.79
N ASN G 63 42.89 -26.05 -13.69
CA ASN G 63 41.79 -25.73 -12.77
C ASN G 63 42.21 -24.84 -11.62
N ARG G 64 43.35 -24.19 -11.76
CA ARG G 64 43.85 -23.28 -10.74
C ARG G 64 43.55 -21.90 -11.32
N LYS G 65 42.68 -21.14 -10.67
CA LYS G 65 42.28 -19.87 -11.24
C LYS G 65 42.38 -18.69 -10.28
N PRO G 66 42.90 -17.54 -10.76
CA PRO G 66 43.07 -16.36 -9.89
C PRO G 66 41.75 -15.86 -9.37
N THR G 67 41.75 -15.28 -8.18
CA THR G 67 40.57 -14.61 -7.61
C THR G 67 40.02 -13.64 -8.65
N SER G 68 38.71 -13.44 -8.72
CA SER G 68 38.17 -12.42 -9.64
C SER G 68 37.12 -11.51 -8.98
N GLY G 69 36.86 -11.75 -7.70
CA GLY G 69 36.05 -10.86 -6.88
C GLY G 69 36.79 -10.60 -5.59
N ILE G 70 36.94 -9.33 -5.21
CA ILE G 70 37.48 -9.03 -3.89
C ILE G 70 36.64 -7.95 -3.28
N LEU G 71 36.19 -8.18 -2.05
CA LEU G 71 35.48 -7.16 -1.33
C LEU G 71 36.43 -6.39 -0.40
N LEU G 72 36.44 -5.08 -0.49
CA LEU G 72 37.15 -4.26 0.46
C LEU G 72 36.12 -3.68 1.43
N TYR G 73 36.27 -3.96 2.71
CA TYR G 73 35.33 -3.48 3.73
C TYR G 73 36.04 -2.84 4.92
N GLY G 74 35.40 -1.83 5.49
CA GLY G 74 35.92 -1.14 6.65
C GLY G 74 35.20 0.20 6.81
N PRO G 75 35.48 0.92 7.90
CA PRO G 75 34.83 2.22 8.11
C PRO G 75 35.15 3.20 6.97
N PRO G 76 34.31 4.26 6.80
CA PRO G 76 34.56 5.28 5.76
C PRO G 76 35.81 6.08 6.05
N GLY G 77 36.38 6.67 5.00
CA GLY G 77 37.49 7.61 5.15
C GLY G 77 38.87 6.98 5.12
N THR G 78 38.93 5.74 4.64
CA THR G 78 40.19 5.01 4.51
C THR G 78 40.73 5.03 3.06
N GLY G 79 40.02 5.73 2.17
CA GLY G 79 40.38 5.78 0.74
C GLY G 79 40.43 4.40 0.07
N LYS G 80 39.46 3.52 0.38
CA LYS G 80 39.38 2.21 -0.27
C LYS G 80 39.56 2.39 -1.79
N SER G 81 38.94 3.43 -2.35
CA SER G 81 39.18 3.81 -3.73
C SER G 81 40.66 4.02 -4.10
N TYR G 82 41.36 4.83 -3.32
CA TYR G 82 42.77 5.09 -3.57
C TYR G 82 43.57 3.79 -3.57
N LEU G 83 43.37 2.94 -2.57
CA LEU G 83 44.03 1.64 -2.53
C LEU G 83 43.74 0.81 -3.79
N ALA G 84 42.49 0.86 -4.22
CA ALA G 84 42.05 0.15 -5.41
C ALA G 84 42.83 0.61 -6.66
N LYS G 85 43.00 1.92 -6.81
CA LYS G 85 43.83 2.46 -7.89
C LYS G 85 45.27 1.97 -7.76
N ALA G 86 45.75 1.79 -6.55
CA ALA G 86 47.15 1.36 -6.42
C ALA G 86 47.28 -0.06 -6.97
N VAL G 87 46.27 -0.88 -6.74
CA VAL G 87 46.29 -2.25 -7.18
C VAL G 87 46.34 -2.24 -8.71
N ALA G 88 45.44 -1.46 -9.32
CA ALA G 88 45.43 -1.27 -10.74
C ALA G 88 46.77 -0.81 -11.25
N THR G 89 47.38 0.19 -10.61
CA THR G 89 48.67 0.70 -11.06
C THR G 89 49.71 -0.40 -11.02
N GLU G 90 49.65 -1.18 -9.96
CA GLU G 90 50.66 -2.20 -9.73
C GLU G 90 50.42 -3.47 -10.56
N ALA G 91 49.16 -3.70 -10.94
CA ALA G 91 48.78 -4.78 -11.86
C ALA G 91 48.89 -4.31 -13.32
N ASN G 92 49.14 -3.01 -13.47
CA ASN G 92 49.32 -2.41 -14.79
C ASN G 92 48.05 -2.56 -15.64
N SER G 93 46.93 -2.26 -15.01
CA SER G 93 45.63 -2.46 -15.58
C SER G 93 44.82 -1.17 -15.62
N THR G 94 43.82 -1.12 -16.49
CA THR G 94 42.93 0.01 -16.56
C THR G 94 41.99 -0.09 -15.37
N PHE G 95 41.70 1.05 -14.76
CA PHE G 95 40.81 1.13 -13.63
C PHE G 95 39.46 1.64 -14.15
N PHE G 96 38.43 0.80 -14.05
CA PHE G 96 37.08 1.21 -14.43
C PHE G 96 36.30 1.31 -13.16
N SER G 97 35.45 2.33 -13.01
CA SER G 97 34.78 2.48 -11.71
C SER G 97 33.43 3.12 -11.78
N VAL G 98 32.62 2.75 -10.80
CA VAL G 98 31.22 3.11 -10.73
C VAL G 98 30.79 3.25 -9.26
N SER G 99 29.92 4.22 -9.01
CA SER G 99 29.27 4.35 -7.71
C SER G 99 27.86 3.72 -7.72
N SER G 100 27.64 2.79 -6.80
CA SER G 100 26.36 2.11 -6.69
C SER G 100 25.26 3.05 -6.22
N SER G 101 25.61 4.02 -5.40
CA SER G 101 24.58 4.97 -4.99
C SER G 101 24.08 5.71 -6.23
N ASP G 102 25.00 6.21 -7.06
CA ASP G 102 24.62 6.86 -8.31
C ASP G 102 23.81 5.94 -9.20
N LEU G 103 24.24 4.68 -9.34
CA LEU G 103 23.49 3.71 -10.14
C LEU G 103 22.04 3.61 -9.67
N VAL G 104 21.85 3.49 -8.35
CA VAL G 104 20.53 3.24 -7.79
C VAL G 104 19.63 4.47 -7.85
N SER G 105 20.19 5.67 -7.73
CA SER G 105 19.35 6.86 -7.64
C SER G 105 19.40 7.73 -8.90
N LYS G 106 20.57 8.25 -9.22
CA LYS G 106 20.77 9.19 -10.34
C LYS G 106 20.34 8.62 -11.70
N TRP G 107 20.85 7.43 -12.05
CA TRP G 107 20.68 6.87 -13.42
C TRP G 107 19.48 5.93 -13.55
N MET G 108 19.22 5.17 -12.49
CA MET G 108 18.04 4.33 -12.38
C MET G 108 17.69 3.58 -13.63
N GLY G 109 16.88 4.21 -14.47
CA GLY G 109 16.38 3.62 -15.72
C GLY G 109 17.42 2.93 -16.59
N GLU G 110 18.62 3.49 -16.61
CA GLU G 110 19.62 3.10 -17.57
C GLU G 110 20.71 2.30 -16.89
N SER G 111 20.46 1.92 -15.67
CA SER G 111 21.44 1.23 -14.83
C SER G 111 21.82 -0.17 -15.29
N GLU G 112 20.85 -0.92 -15.78
CA GLU G 112 21.11 -2.22 -16.38
C GLU G 112 22.09 -2.07 -17.55
N LYS G 113 21.76 -1.16 -18.46
CA LYS G 113 22.63 -0.80 -19.57
C LYS G 113 24.03 -0.45 -19.02
N LEU G 114 24.10 0.39 -17.98
CA LEU G 114 25.39 0.82 -17.43
C LEU G 114 26.22 -0.33 -16.89
N VAL G 115 25.63 -1.20 -16.08
CA VAL G 115 26.35 -2.36 -15.54
C VAL G 115 26.83 -3.26 -16.68
N LYS G 116 26.03 -3.40 -17.71
CA LYS G 116 26.47 -4.07 -18.92
C LYS G 116 27.67 -3.43 -19.57
N GLN G 117 27.54 -2.19 -19.96
CA GLN G 117 28.61 -1.48 -20.65
C GLN G 117 29.92 -1.54 -19.85
N LEU G 118 29.79 -1.42 -18.53
CA LEU G 118 30.93 -1.44 -17.63
C LEU G 118 31.71 -2.74 -17.77
N PHE G 119 31.02 -3.87 -17.66
CA PHE G 119 31.69 -5.14 -17.84
C PHE G 119 32.21 -5.29 -19.27
N ALA G 120 31.49 -4.70 -20.22
CA ALA G 120 31.88 -4.80 -21.62
C ALA G 120 33.18 -4.06 -21.91
N MET G 121 33.31 -2.82 -21.41
CA MET G 121 34.55 -2.03 -21.52
C MET G 121 35.71 -2.80 -20.91
N ALA G 122 35.50 -3.33 -19.72
CA ALA G 122 36.55 -4.02 -18.99
C ALA G 122 37.04 -5.26 -19.74
N ARG G 123 36.11 -6.01 -20.36
CA ARG G 123 36.49 -7.14 -21.22
C ARG G 123 37.35 -6.72 -22.42
N GLU G 124 36.93 -5.62 -23.06
CA GLU G 124 37.64 -5.08 -24.22
C GLU G 124 39.00 -4.53 -23.85
N ASN G 125 39.26 -4.35 -22.56
CA ASN G 125 40.48 -3.65 -22.13
C ASN G 125 41.36 -4.40 -21.14
N LYS G 126 41.38 -5.72 -21.19
CA LYS G 126 42.28 -6.49 -20.32
C LYS G 126 43.76 -6.14 -20.56
N PRO G 127 44.58 -6.13 -19.50
CA PRO G 127 44.19 -6.37 -18.12
C PRO G 127 43.46 -5.14 -17.57
N SER G 128 42.37 -5.36 -16.82
CA SER G 128 41.61 -4.27 -16.29
C SER G 128 40.95 -4.61 -14.94
N ILE G 129 40.53 -3.57 -14.21
CA ILE G 129 39.88 -3.73 -12.90
C ILE G 129 38.57 -2.95 -12.82
N ILE G 130 37.48 -3.60 -12.39
CA ILE G 130 36.22 -2.90 -12.13
C ILE G 130 36.10 -2.58 -10.64
N PHE G 131 35.85 -1.30 -10.33
CA PHE G 131 35.63 -0.86 -8.96
C PHE G 131 34.19 -0.43 -8.78
N ILE G 132 33.50 -1.17 -7.91
CA ILE G 132 32.12 -0.87 -7.55
C ILE G 132 32.10 -0.34 -6.12
N ASP G 133 31.79 0.92 -5.96
CA ASP G 133 31.82 1.52 -4.66
C ASP G 133 30.49 1.34 -4.00
N GLU G 134 30.48 1.07 -2.71
CA GLU G 134 29.27 1.10 -1.95
C GLU G 134 28.37 0.02 -2.45
N VAL G 135 28.91 -1.19 -2.52
CA VAL G 135 28.15 -2.35 -2.98
C VAL G 135 26.93 -2.60 -2.10
N ASP G 136 26.85 -1.87 -1.00
CA ASP G 136 25.73 -2.02 -0.06
C ASP G 136 24.55 -1.15 -0.48
N ALA G 137 24.83 -0.08 -1.21
CA ALA G 137 23.78 0.83 -1.67
C ALA G 137 23.11 0.29 -2.93
N LEU G 138 23.52 -0.91 -3.35
CA LEU G 138 22.95 -1.54 -4.52
C LEU G 138 22.23 -2.82 -4.23
N THR G 139 22.69 -3.59 -3.24
CA THR G 139 22.43 -5.02 -3.11
C THR G 139 21.77 -5.33 -1.76
N GLY G 140 20.46 -5.21 -1.70
CA GLY G 140 19.72 -5.17 -0.45
C GLY G 140 18.73 -6.29 -0.22
N THR G 141 19.17 -7.52 -0.44
CA THR G 141 18.58 -8.81 -0.02
C THR G 141 17.32 -9.19 -0.78
N ARG G 142 16.80 -8.30 -1.62
CA ARG G 142 15.67 -8.49 -2.53
C ARG G 142 14.49 -9.25 -1.89
N GLY G 143 13.88 -8.59 -0.93
CA GLY G 143 12.61 -9.05 -0.39
C GLY G 143 11.55 -7.96 -0.43
N GLU G 144 11.98 -6.70 -0.42
CA GLU G 144 11.09 -5.55 -0.31
C GLU G 144 11.44 -4.42 -1.26
N GLY G 145 12.43 -4.61 -2.15
CA GLY G 145 12.83 -3.54 -3.04
C GLY G 145 11.93 -3.41 -4.24
N GLU G 146 11.97 -2.22 -4.86
CA GLU G 146 11.21 -1.97 -6.06
C GLU G 146 11.73 -2.78 -7.22
N SER G 147 10.88 -2.91 -8.24
CA SER G 147 11.09 -3.91 -9.29
C SER G 147 12.29 -3.59 -10.15
N GLU G 148 12.35 -2.38 -10.70
CA GLU G 148 13.36 -2.09 -11.70
C GLU G 148 14.74 -1.96 -11.08
N ALA G 149 14.87 -1.10 -10.08
CA ALA G 149 16.17 -0.90 -9.47
C ALA G 149 16.64 -2.15 -8.75
N SER G 150 15.75 -2.72 -7.92
CA SER G 150 16.09 -3.89 -7.15
C SER G 150 16.42 -5.06 -8.03
N ARG G 151 15.43 -5.61 -8.73
CA ARG G 151 15.70 -6.86 -9.41
C ARG G 151 16.59 -6.67 -10.62
N ARG G 152 16.52 -5.50 -11.22
CA ARG G 152 17.23 -5.36 -12.48
C ARG G 152 18.69 -5.03 -12.24
N ILE G 153 19.01 -4.21 -11.24
CA ILE G 153 20.42 -3.92 -11.05
C ILE G 153 21.12 -5.02 -10.29
N LYS G 154 20.45 -5.56 -9.27
CA LYS G 154 21.02 -6.63 -8.46
C LYS G 154 20.99 -7.97 -9.19
N THR G 155 20.31 -8.01 -10.32
CA THR G 155 20.21 -9.24 -11.11
C THR G 155 21.18 -9.23 -12.29
N GLU G 156 21.65 -8.03 -12.65
CA GLU G 156 22.58 -7.88 -13.75
C GLU G 156 24.03 -8.02 -13.28
N LEU G 157 24.33 -7.41 -12.14
CA LEU G 157 25.65 -7.53 -11.54
C LEU G 157 25.98 -9.01 -11.38
N LEU G 158 25.06 -9.78 -10.83
CA LEU G 158 25.32 -11.18 -10.55
C LEU G 158 25.60 -11.94 -11.85
N VAL G 159 24.79 -11.71 -12.88
CA VAL G 159 25.03 -12.35 -14.16
C VAL G 159 26.43 -11.99 -14.67
N GLN G 160 26.82 -10.73 -14.52
CA GLN G 160 28.13 -10.27 -15.03
C GLN G 160 29.30 -10.87 -14.29
N MET G 161 29.15 -11.06 -12.98
CA MET G 161 30.23 -11.62 -12.16
C MET G 161 30.37 -13.12 -12.34
N ASN G 162 29.36 -13.73 -12.95
CA ASN G 162 29.46 -15.04 -13.56
C ASN G 162 30.24 -14.99 -14.87
N GLY G 163 30.60 -13.78 -15.31
CA GLY G 163 31.44 -13.55 -16.49
C GLY G 163 32.89 -13.98 -16.37
N VAL G 164 33.30 -14.45 -15.21
CA VAL G 164 34.65 -14.96 -15.10
C VAL G 164 34.74 -16.16 -16.04
N GLY G 165 33.70 -17.00 -16.03
CA GLY G 165 33.65 -18.19 -16.87
C GLY G 165 33.57 -18.07 -18.38
N ASN G 166 32.70 -17.19 -18.88
CA ASN G 166 32.60 -16.99 -20.33
C ASN G 166 33.94 -16.43 -20.75
N ASP G 167 34.40 -15.52 -19.90
CA ASP G 167 35.68 -14.85 -19.98
C ASP G 167 36.27 -14.73 -18.58
N SER G 168 36.66 -15.85 -17.99
CA SER G 168 37.21 -15.83 -16.63
C SER G 168 38.50 -15.02 -16.54
N GLN G 169 39.39 -15.20 -17.50
CA GLN G 169 40.66 -14.48 -17.51
C GLN G 169 40.62 -12.99 -17.90
N GLY G 170 41.54 -12.22 -17.33
CA GLY G 170 41.70 -10.80 -17.64
C GLY G 170 40.94 -9.65 -16.98
N VAL G 171 40.05 -9.93 -16.04
CA VAL G 171 39.30 -8.84 -15.38
C VAL G 171 39.12 -9.11 -13.89
N LEU G 172 39.00 -8.06 -13.07
CA LEU G 172 38.79 -8.32 -11.66
C LEU G 172 37.86 -7.27 -11.09
N VAL G 173 36.92 -7.73 -10.28
CA VAL G 173 35.95 -6.87 -9.67
C VAL G 173 36.37 -6.67 -8.22
N LEU G 174 36.51 -5.41 -7.80
CA LEU G 174 36.79 -5.04 -6.42
C LEU G 174 35.62 -4.25 -5.92
N GLY G 175 34.91 -4.80 -4.95
CA GLY G 175 33.79 -4.09 -4.33
C GLY G 175 34.21 -3.31 -3.09
N ALA G 176 33.56 -2.20 -2.83
CA ALA G 176 33.88 -1.45 -1.65
C ALA G 176 32.61 -1.21 -0.85
N THR G 177 32.70 -1.46 0.46
CA THR G 177 31.59 -1.17 1.34
C THR G 177 32.05 -0.62 2.70
N ASN G 178 31.28 0.32 3.24
CA ASN G 178 31.43 0.76 4.65
C ASN G 178 30.63 -0.09 5.63
N ILE G 179 29.52 -0.66 5.15
CA ILE G 179 28.53 -1.34 5.97
C ILE G 179 28.42 -2.77 5.44
N PRO G 180 29.47 -3.60 5.60
CA PRO G 180 29.37 -4.91 4.97
C PRO G 180 28.17 -5.73 5.47
N TRP G 181 27.74 -5.50 6.72
CA TRP G 181 26.60 -6.20 7.30
C TRP G 181 25.29 -5.87 6.57
N GLN G 182 25.26 -4.78 5.80
CA GLN G 182 24.08 -4.45 4.97
C GLN G 182 24.23 -4.85 3.49
N LEU G 183 25.20 -5.72 3.21
CA LEU G 183 25.46 -6.13 1.86
C LEU G 183 24.73 -7.43 1.54
N ASP G 184 23.89 -7.38 0.50
CA ASP G 184 23.16 -8.55 -0.01
C ASP G 184 24.02 -9.81 -0.01
N SER G 185 23.56 -10.83 0.70
CA SER G 185 24.30 -12.09 0.83
C SER G 185 24.63 -12.75 -0.52
N ALA G 186 23.74 -12.58 -1.51
CA ALA G 186 24.00 -13.09 -2.86
C ALA G 186 25.20 -12.37 -3.51
N ILE G 187 25.24 -11.05 -3.37
CA ILE G 187 26.35 -10.27 -3.86
C ILE G 187 27.57 -10.65 -3.03
N ARG G 188 27.41 -10.62 -1.71
CA ARG G 188 28.47 -11.03 -0.79
C ARG G 188 29.13 -12.33 -1.28
N ARG G 189 28.33 -13.32 -1.66
CA ARG G 189 28.91 -14.61 -2.02
C ARG G 189 29.77 -14.58 -3.31
N ARG G 190 29.59 -13.57 -4.16
CA ARG G 190 30.36 -13.44 -5.41
C ARG G 190 31.75 -12.88 -5.16
N PHE G 191 31.96 -12.36 -3.95
CA PHE G 191 33.26 -11.80 -3.58
C PHE G 191 34.08 -12.79 -2.77
N GLU G 192 34.63 -13.82 -3.51
CA GLU G 192 35.42 -14.83 -2.83
C GLU G 192 36.26 -14.20 -1.71
N ARG G 193 37.22 -13.37 -2.10
CA ARG G 193 38.17 -12.82 -1.16
C ARG G 193 37.62 -11.54 -0.53
N ARG G 194 37.77 -11.42 0.78
CA ARG G 194 37.35 -10.24 1.54
C ARG G 194 38.52 -9.69 2.34
N ILE G 195 38.75 -8.38 2.25
CA ILE G 195 39.87 -7.75 2.92
C ILE G 195 39.42 -6.52 3.68
N TYR G 196 39.72 -6.53 4.96
CA TYR G 196 39.42 -5.44 5.87
C TYR G 196 40.38 -4.27 5.71
N ILE G 197 39.82 -3.08 5.52
CA ILE G 197 40.64 -1.87 5.42
C ILE G 197 40.47 -1.08 6.70
N PRO G 198 41.43 -1.24 7.64
CA PRO G 198 41.34 -0.63 8.98
C PRO G 198 41.56 0.88 8.99
N LEU G 199 41.11 1.53 10.04
CA LEU G 199 41.50 2.91 10.31
C LEU G 199 42.99 2.94 10.49
N PRO G 200 43.64 4.03 10.04
CA PRO G 200 45.09 4.33 10.01
C PRO G 200 45.88 4.24 11.32
N ASP G 201 46.91 5.08 11.45
CA ASP G 201 48.01 4.88 12.40
C ASP G 201 48.92 6.11 12.58
N LEU G 202 49.66 6.18 13.69
CA LEU G 202 50.54 7.33 13.92
C LEU G 202 51.32 7.84 12.70
N ALA G 203 52.16 6.97 12.10
CA ALA G 203 53.00 7.35 10.95
C ALA G 203 52.15 7.85 9.79
N ALA G 204 51.09 7.12 9.48
CA ALA G 204 50.20 7.50 8.37
C ALA G 204 49.48 8.84 8.62
N ARG G 205 48.97 9.05 9.83
CA ARG G 205 48.34 10.31 10.16
C ARG G 205 49.36 11.43 10.06
N THR G 206 50.59 11.14 10.44
CA THR G 206 51.62 12.15 10.31
C THR G 206 51.82 12.53 8.86
N THR G 207 51.97 11.51 8.01
CA THR G 207 52.05 11.75 6.57
C THR G 207 50.82 12.53 6.03
N MET G 208 49.62 12.11 6.43
CA MET G 208 48.42 12.82 5.99
C MET G 208 48.44 14.32 6.35
N PHE G 209 48.93 14.67 7.54
CA PHE G 209 48.98 16.10 7.89
C PHE G 209 49.91 16.83 6.91
N GLU G 210 51.08 16.23 6.66
CA GLU G 210 52.08 16.83 5.79
C GLU G 210 51.51 17.02 4.40
N ILE G 211 50.99 15.93 3.82
CA ILE G 211 50.36 16.01 2.51
C ILE G 211 49.25 17.06 2.45
N ASN G 212 48.37 17.07 3.45
CA ASN G 212 47.25 18.00 3.44
C ASN G 212 47.65 19.45 3.57
N VAL G 213 48.79 19.76 4.20
CA VAL G 213 49.26 21.16 4.20
C VAL G 213 50.14 21.41 2.99
N GLY G 214 50.81 20.36 2.53
CA GLY G 214 51.82 20.46 1.48
C GLY G 214 52.66 21.72 1.61
N ASP G 215 52.55 22.58 0.59
CA ASP G 215 53.35 23.80 0.47
C ASP G 215 52.90 25.00 1.28
N THR G 216 51.73 24.92 1.89
CA THR G 216 51.19 26.08 2.59
C THR G 216 52.23 26.69 3.56
N PRO G 217 52.39 28.02 3.52
CA PRO G 217 53.26 28.65 4.51
C PRO G 217 52.81 28.34 5.93
N CYS G 218 53.69 27.71 6.71
CA CYS G 218 53.50 27.50 8.14
C CYS G 218 54.81 27.20 8.84
N VAL G 219 54.79 27.25 10.16
CA VAL G 219 56.01 27.16 10.93
C VAL G 219 56.10 25.83 11.74
N LEU G 220 55.33 24.83 11.31
CA LEU G 220 55.34 23.47 11.88
C LEU G 220 56.66 22.72 11.68
N THR G 221 57.13 22.07 12.75
CA THR G 221 58.37 21.31 12.73
C THR G 221 58.04 19.86 12.44
N LYS G 222 59.07 19.05 12.23
CA LYS G 222 58.87 17.60 12.09
C LYS G 222 58.15 17.07 13.33
N GLU G 223 58.57 17.53 14.51
CA GLU G 223 57.95 17.11 15.77
C GLU G 223 56.46 17.50 15.91
N ASP G 224 56.12 18.70 15.43
CA ASP G 224 54.72 19.13 15.44
C ASP G 224 53.84 18.21 14.64
N TYR G 225 54.34 17.79 13.47
CA TYR G 225 53.60 16.86 12.63
C TYR G 225 53.36 15.56 13.39
N ARG G 226 54.39 15.08 14.04
CA ARG G 226 54.23 13.91 14.85
C ARG G 226 53.26 14.11 15.97
N THR G 227 53.26 15.29 16.53
CA THR G 227 52.34 15.61 17.61
C THR G 227 50.92 15.54 17.07
N LEU G 228 50.65 16.30 16.03
CA LEU G 228 49.37 16.23 15.30
C LEU G 228 48.95 14.80 14.95
N GLY G 229 49.92 14.00 14.52
CA GLY G 229 49.71 12.58 14.32
C GLY G 229 49.23 11.93 15.59
N ALA G 230 50.04 12.00 16.64
CA ALA G 230 49.74 11.35 17.91
C ALA G 230 48.40 11.79 18.48
N MET G 231 48.03 13.05 18.21
CA MET G 231 46.84 13.65 18.81
C MET G 231 45.56 13.38 18.04
N THR G 232 45.64 12.61 16.96
CA THR G 232 44.44 12.26 16.18
C THR G 232 44.20 10.76 16.04
N GLU G 233 44.45 10.01 17.10
CA GLU G 233 44.05 8.60 17.16
C GLU G 233 42.58 8.44 16.82
N GLY G 234 42.28 7.49 15.93
CA GLY G 234 40.90 7.22 15.50
C GLY G 234 40.35 8.11 14.40
N TYR G 235 41.15 9.05 13.90
CA TYR G 235 40.74 9.90 12.80
C TYR G 235 41.01 9.14 11.49
N SER G 236 40.28 9.52 10.44
CA SER G 236 40.52 8.98 9.10
C SER G 236 41.23 10.02 8.25
N GLY G 237 41.66 9.61 7.06
CA GLY G 237 42.24 10.55 6.12
C GLY G 237 41.26 11.68 5.88
N SER G 238 39.99 11.32 5.69
CA SER G 238 38.95 12.30 5.46
C SER G 238 38.89 13.27 6.61
N ASP G 239 38.70 12.73 7.82
CA ASP G 239 38.71 13.53 9.05
C ASP G 239 39.90 14.47 9.07
N ILE G 240 41.09 13.93 8.82
CA ILE G 240 42.29 14.74 8.86
C ILE G 240 42.24 15.82 7.79
N ALA G 241 41.77 15.44 6.60
CA ALA G 241 41.59 16.40 5.52
C ALA G 241 40.70 17.57 5.97
N VAL G 242 39.60 17.29 6.68
CA VAL G 242 38.75 18.40 7.06
C VAL G 242 39.39 19.25 8.13
N VAL G 243 40.07 18.60 9.09
CA VAL G 243 40.74 19.39 10.11
C VAL G 243 41.77 20.28 9.46
N VAL G 244 42.52 19.76 8.49
CA VAL G 244 43.61 20.55 7.93
C VAL G 244 43.06 21.72 7.12
N LYS G 245 42.00 21.47 6.37
CA LYS G 245 41.32 22.52 5.60
C LYS G 245 40.84 23.66 6.51
N ASP G 246 40.37 23.28 7.69
CA ASP G 246 39.95 24.20 8.73
C ASP G 246 41.14 25.02 9.26
N ALA G 247 42.20 24.33 9.66
CA ALA G 247 43.34 25.00 10.26
C ALA G 247 44.01 26.02 9.37
N LEU G 248 44.14 25.73 8.07
CA LEU G 248 44.90 26.60 7.17
C LEU G 248 44.25 27.96 7.01
N MET G 249 43.00 28.04 7.37
CA MET G 249 42.27 29.25 7.15
C MET G 249 42.38 30.18 8.33
N GLN G 250 42.90 29.65 9.40
CA GLN G 250 42.99 30.39 10.66
C GLN G 250 43.67 31.76 10.58
N PRO G 251 44.79 31.87 9.82
CA PRO G 251 45.42 33.18 9.72
C PRO G 251 44.57 34.16 8.93
N ILE G 252 43.85 33.65 7.93
CA ILE G 252 42.90 34.46 7.20
C ILE G 252 41.77 34.84 8.16
N ARG G 253 41.30 33.88 8.93
CA ARG G 253 40.30 34.13 9.95
C ARG G 253 40.72 35.21 10.93
N LYS G 254 41.98 35.23 11.33
CA LYS G 254 42.43 36.22 12.28
C LYS G 254 42.47 37.59 11.63
N ILE G 255 43.03 37.67 10.43
CA ILE G 255 43.15 38.95 9.74
C ILE G 255 41.79 39.57 9.44
N GLN G 256 40.83 38.76 9.03
CA GLN G 256 39.49 39.26 8.73
C GLN G 256 38.83 39.85 9.98
N SER G 257 38.93 39.18 11.11
CA SER G 257 38.21 39.70 12.29
C SER G 257 39.00 39.95 13.57
N ALA G 258 39.24 41.23 13.86
CA ALA G 258 39.96 41.67 15.06
C ALA G 258 39.82 43.18 15.27
N THR G 259 39.92 43.62 16.52
CA THR G 259 39.89 45.04 16.88
C THR G 259 41.37 45.33 17.02
N HIS G 260 41.86 45.61 18.23
CA HIS G 260 43.33 45.73 18.31
C HIS G 260 44.15 45.00 17.23
N PHE G 261 44.91 45.79 16.48
CA PHE G 261 45.92 45.29 15.53
C PHE G 261 47.28 45.94 15.87
N LYS G 262 48.29 45.68 15.03
CA LYS G 262 49.66 46.08 15.34
C LYS G 262 50.55 46.00 14.11
N ASP G 263 51.41 47.00 13.93
CA ASP G 263 52.33 47.03 12.78
C ASP G 263 53.53 46.10 13.00
N VAL G 264 53.97 45.46 11.91
CA VAL G 264 55.14 44.58 11.90
C VAL G 264 55.98 44.80 10.63
N SER G 265 57.14 44.13 10.57
CA SER G 265 58.10 44.23 9.43
C SER G 265 59.24 45.24 9.70
N GLU G 270 57.65 46.63 2.99
CA GLU G 270 57.09 47.38 1.87
C GLU G 270 55.85 48.21 2.27
N THR G 271 56.08 49.16 3.18
CA THR G 271 55.10 50.19 3.63
C THR G 271 53.87 49.66 4.41
N ARG G 272 53.92 49.80 5.73
CA ARG G 272 52.82 49.51 6.65
C ARG G 272 52.25 48.14 6.49
N LYS G 273 52.18 47.39 7.58
CA LYS G 273 51.53 46.05 7.59
C LYS G 273 51.07 45.56 8.97
N LEU G 274 49.76 45.51 9.17
CA LEU G 274 49.19 45.23 10.50
C LEU G 274 48.38 43.94 10.64
N THR G 275 48.52 43.31 11.81
CA THR G 275 47.97 41.99 12.12
C THR G 275 47.24 42.03 13.47
N PRO G 276 46.28 41.11 13.70
CA PRO G 276 45.58 41.08 14.98
C PRO G 276 46.50 40.70 16.13
N CYS G 277 46.35 41.42 17.24
CA CYS G 277 47.10 41.13 18.48
C CYS G 277 46.19 41.39 19.68
N SER G 278 46.55 40.80 20.83
CA SER G 278 45.77 40.90 22.07
C SER G 278 45.64 42.37 22.56
N PRO G 279 44.61 42.65 23.40
CA PRO G 279 44.51 44.00 23.99
C PRO G 279 45.76 44.36 24.83
N GLY G 280 46.44 45.42 24.43
CA GLY G 280 47.62 45.90 25.14
C GLY G 280 48.85 45.09 24.80
N ASP G 281 49.58 45.54 23.77
CA ASP G 281 50.79 44.88 23.25
C ASP G 281 51.72 45.92 22.57
N ASP G 282 52.91 45.48 22.17
CA ASP G 282 53.91 46.35 21.52
C ASP G 282 53.41 46.96 20.20
N GLY G 283 52.83 48.16 20.30
CA GLY G 283 52.28 48.87 19.14
C GLY G 283 50.81 48.53 18.87
N ALA G 284 50.12 48.06 19.89
CA ALA G 284 48.71 47.67 19.80
C ALA G 284 47.76 48.86 19.72
N ILE G 285 47.43 49.27 18.50
CA ILE G 285 46.35 50.24 18.25
C ILE G 285 45.00 49.51 18.39
N GLU G 286 43.93 50.25 18.70
CA GLU G 286 42.58 49.65 18.80
C GLU G 286 41.75 49.97 17.57
N MET G 287 41.35 48.93 16.83
CA MET G 287 40.59 49.11 15.60
C MET G 287 39.89 47.83 15.15
N SER G 288 39.23 47.92 14.01
CA SER G 288 38.58 46.78 13.35
C SER G 288 39.17 46.61 11.95
N TRP G 289 39.01 45.42 11.37
CA TRP G 289 39.53 45.13 10.02
C TRP G 289 39.04 46.13 8.99
N THR G 290 37.83 46.61 9.22
CA THR G 290 37.18 47.61 8.38
C THR G 290 37.99 48.91 8.33
N ASP G 291 38.65 49.21 9.45
CA ASP G 291 39.45 50.44 9.60
C ASP G 291 40.73 50.37 8.79
N ILE G 292 41.11 49.15 8.38
CA ILE G 292 42.45 48.96 7.84
C ILE G 292 42.48 48.91 6.32
N GLU G 293 43.55 49.47 5.76
CA GLU G 293 43.65 49.73 4.33
C GLU G 293 43.85 48.47 3.50
N ALA G 294 43.31 48.51 2.28
CA ALA G 294 43.48 47.47 1.27
C ALA G 294 44.90 46.93 1.29
N ASP G 295 45.01 45.61 1.15
CA ASP G 295 46.27 44.86 1.24
C ASP G 295 46.99 44.94 2.59
N GLU G 296 47.29 46.15 3.05
CA GLU G 296 48.17 46.36 4.20
C GLU G 296 47.75 45.65 5.49
N LEU G 297 46.95 44.60 5.32
CA LEU G 297 46.45 43.80 6.43
C LEU G 297 47.25 42.51 6.54
N LYS G 298 47.82 42.27 7.71
CA LYS G 298 48.65 41.10 7.93
C LYS G 298 47.88 39.87 8.43
N GLU G 299 47.80 38.84 7.59
CA GLU G 299 47.14 37.61 7.97
C GLU G 299 48.09 36.85 8.89
N PRO G 300 47.54 36.23 9.95
CA PRO G 300 48.34 35.48 10.92
C PRO G 300 49.16 34.35 10.30
N ASP G 301 50.33 34.08 10.87
CA ASP G 301 51.18 33.01 10.37
C ASP G 301 50.64 31.65 10.80
N LEU G 302 51.05 30.57 10.15
CA LEU G 302 50.49 29.27 10.48
C LEU G 302 51.23 28.65 11.66
N THR G 303 50.49 27.97 12.53
CA THR G 303 51.08 27.35 13.71
C THR G 303 50.62 25.90 13.87
N ILE G 304 51.46 25.07 14.47
CA ILE G 304 51.08 23.73 14.89
C ILE G 304 49.97 23.75 15.94
N LYS G 305 50.04 24.73 16.85
CA LYS G 305 49.05 24.91 17.90
C LYS G 305 47.65 25.18 17.34
N ASP G 306 47.59 25.93 16.25
CA ASP G 306 46.31 26.27 15.63
C ASP G 306 45.57 25.02 15.16
N PHE G 307 46.29 24.05 14.62
CA PHE G 307 45.65 22.82 14.16
C PHE G 307 45.00 22.14 15.36
N LEU G 308 45.70 22.15 16.49
CA LEU G 308 45.18 21.58 17.73
C LEU G 308 43.76 22.07 18.00
N LYS G 309 43.52 23.32 17.64
CA LYS G 309 42.21 23.94 17.69
C LYS G 309 41.29 23.16 16.76
N ALA G 310 41.72 23.03 15.51
CA ALA G 310 40.95 22.34 14.51
C ALA G 310 40.66 20.90 14.90
N ILE G 311 41.59 20.25 15.60
CA ILE G 311 41.34 18.89 16.07
C ILE G 311 40.18 18.84 17.06
N LYS G 312 40.11 19.84 17.94
CA LYS G 312 39.01 19.85 18.92
C LYS G 312 37.63 20.03 18.25
N SER G 313 37.56 20.85 17.20
CA SER G 313 36.28 21.14 16.54
C SER G 313 35.84 20.15 15.43
N THR G 314 36.65 19.12 15.16
CA THR G 314 36.25 18.04 14.26
C THR G 314 36.45 16.70 14.93
N ARG G 315 35.37 16.13 15.38
CA ARG G 315 35.31 14.79 15.97
C ARG G 315 35.60 13.73 14.90
N PRO G 316 36.17 12.59 15.27
CA PRO G 316 36.30 11.54 14.24
C PRO G 316 34.95 11.05 13.73
N THR G 317 34.94 10.52 12.49
CA THR G 317 33.72 10.13 11.76
C THR G 317 33.24 8.72 12.11
N VAL G 318 34.18 7.89 12.50
CA VAL G 318 33.99 6.47 12.52
C VAL G 318 33.81 5.95 13.93
N ASN G 319 32.71 5.24 14.16
CA ASN G 319 32.41 4.63 15.46
C ASN G 319 33.43 3.56 15.88
N GLU G 320 33.74 3.49 17.17
CA GLU G 320 34.76 2.59 17.71
C GLU G 320 34.38 1.11 17.71
N ASP G 321 33.09 0.82 17.53
CA ASP G 321 32.64 -0.58 17.48
C ASP G 321 32.87 -1.22 16.11
N ASP G 322 33.28 -0.37 15.16
CA ASP G 322 33.64 -0.78 13.81
C ASP G 322 34.88 -1.65 13.67
N LEU G 323 35.94 -1.32 14.41
CA LEU G 323 37.09 -2.21 14.66
C LEU G 323 36.66 -3.70 14.77
N LEU G 324 35.84 -4.01 15.78
CA LEU G 324 35.27 -5.36 15.98
C LEU G 324 34.42 -5.84 14.80
N LYS G 325 33.40 -5.06 14.40
CA LYS G 325 32.56 -5.37 13.23
C LYS G 325 33.37 -5.70 11.96
N GLN G 326 34.45 -4.94 11.72
CA GLN G 326 35.37 -5.18 10.62
C GLN G 326 36.26 -6.39 10.92
N GLU G 327 36.68 -6.51 12.18
CA GLU G 327 37.54 -7.63 12.59
C GLU G 327 36.78 -8.96 12.69
N GLN G 328 35.47 -8.88 12.95
CA GLN G 328 34.59 -10.03 12.89
C GLN G 328 34.61 -10.57 11.47
N PHE G 329 34.59 -9.65 10.50
CA PHE G 329 34.67 -10.00 9.08
C PHE G 329 36.05 -10.54 8.69
N THR G 330 37.11 -10.05 9.32
CA THR G 330 38.48 -10.52 9.04
C THR G 330 38.67 -11.92 9.61
N ARG G 331 38.00 -12.18 10.73
CA ARG G 331 38.01 -13.47 11.39
C ARG G 331 37.24 -14.48 10.54
N ASP G 332 36.11 -14.05 9.96
CA ASP G 332 35.16 -14.95 9.31
C ASP G 332 35.41 -15.14 7.81
N PHE G 333 35.62 -14.03 7.10
CA PHE G 333 35.78 -14.10 5.65
C PHE G 333 37.11 -13.52 5.16
N GLY G 334 38.07 -13.34 6.07
CA GLY G 334 39.32 -12.61 5.78
C GLY G 334 40.11 -13.13 4.59
N ASP H 289 -41.96 51.22 31.87
CA ASP H 289 -40.94 50.62 32.79
C ASP H 289 -41.01 49.10 32.81
N ARG H 290 -39.95 48.48 33.35
CA ARG H 290 -39.78 47.03 33.43
C ARG H 290 -39.11 46.54 32.15
N ALA H 291 -39.77 46.80 31.04
CA ALA H 291 -39.23 46.42 29.76
C ALA H 291 -37.96 47.24 29.66
N SER H 292 -37.91 48.36 30.36
CA SER H 292 -36.75 49.24 30.37
C SER H 292 -35.87 48.95 31.57
N LYS H 293 -36.49 48.74 32.72
CA LYS H 293 -35.70 48.38 33.90
C LYS H 293 -34.80 47.18 33.52
N ILE H 294 -35.38 46.21 32.83
CA ILE H 294 -34.64 45.03 32.41
C ILE H 294 -33.58 45.46 31.41
N GLU H 295 -33.80 46.57 30.74
CA GLU H 295 -32.82 47.02 29.76
C GLU H 295 -31.70 47.84 30.39
N GLN H 296 -31.99 48.46 31.53
CA GLN H 296 -31.01 49.30 32.22
C GLN H 296 -30.04 48.51 33.09
N ILE H 297 -30.42 47.29 33.44
CA ILE H 297 -29.55 46.45 34.23
C ILE H 297 -28.39 46.11 33.31
N GLN H 298 -28.75 45.70 32.10
CA GLN H 298 -27.75 45.35 31.10
C GLN H 298 -26.89 46.54 30.85
N LYS H 299 -27.49 47.72 30.75
CA LYS H 299 -26.73 48.95 30.52
C LYS H 299 -25.70 49.09 31.62
N LEU H 300 -26.12 48.79 32.86
CA LEU H 300 -25.22 48.86 34.03
C LEU H 300 -24.12 47.81 33.94
N ALA H 301 -24.55 46.55 33.96
CA ALA H 301 -23.64 45.42 33.85
C ALA H 301 -22.67 45.54 32.68
N LYS H 302 -22.95 46.41 31.70
CA LYS H 302 -22.00 46.58 30.63
C LYS H 302 -20.94 47.52 31.18
N TYR H 303 -21.37 48.73 31.59
CA TYR H 303 -20.46 49.73 32.15
C TYR H 303 -19.56 49.05 33.15
N ALA H 304 -20.13 48.24 34.03
CA ALA H 304 -19.33 47.53 35.00
C ALA H 304 -18.22 46.77 34.28
N ILE H 305 -18.59 45.95 33.29
CA ILE H 305 -17.56 45.19 32.54
C ILE H 305 -16.51 46.19 32.01
N SER H 306 -16.95 47.16 31.22
CA SER H 306 -16.09 48.20 30.65
C SER H 306 -15.18 48.81 31.69
N ALA H 307 -15.66 48.92 32.93
CA ALA H 307 -14.88 49.49 34.02
C ALA H 307 -13.72 48.60 34.46
N LEU H 308 -13.97 47.28 34.58
CA LEU H 308 -12.93 46.32 34.97
C LEU H 308 -11.82 46.27 33.93
N ASN H 309 -12.02 46.90 32.78
CA ASN H 309 -11.00 46.91 31.75
C ASN H 309 -9.91 47.96 32.09
N TYR H 310 -9.99 48.53 33.30
CA TYR H 310 -9.04 49.52 33.79
C TYR H 310 -8.84 49.18 35.24
N GLU H 311 -9.23 47.96 35.57
CA GLU H 311 -9.17 47.42 36.92
C GLU H 311 -9.93 48.24 38.00
N ASP H 312 -10.69 49.24 37.52
CA ASP H 312 -11.47 50.11 38.40
C ASP H 312 -12.50 49.32 39.19
N LEU H 313 -12.08 48.72 40.30
CA LEU H 313 -13.01 47.95 41.10
C LEU H 313 -14.15 48.84 41.66
N PRO H 314 -13.82 50.07 42.11
CA PRO H 314 -14.82 51.01 42.67
C PRO H 314 -16.09 51.10 41.83
N THR H 315 -15.97 51.64 40.63
CA THR H 315 -17.09 51.77 39.70
C THR H 315 -17.84 50.45 39.58
N ALA H 316 -17.08 49.40 39.29
CA ALA H 316 -17.61 48.06 39.13
C ALA H 316 -18.50 47.62 40.25
N LYS H 317 -17.93 47.50 41.44
CA LYS H 317 -18.67 47.05 42.61
C LYS H 317 -19.95 47.87 42.84
N ASP H 318 -20.00 49.05 42.22
CA ASP H 318 -21.14 49.93 42.35
C ASP H 318 -22.21 49.67 41.28
N GLU H 319 -21.85 49.75 40.00
CA GLU H 319 -22.77 49.50 38.88
C GLU H 319 -23.29 48.07 38.92
N LEU H 320 -22.42 47.12 39.18
CA LEU H 320 -22.83 45.73 39.31
C LEU H 320 -23.79 45.59 40.50
N THR H 321 -23.90 46.64 41.30
CA THR H 321 -24.79 46.64 42.46
C THR H 321 -26.06 47.42 42.13
N LYS H 322 -25.92 48.66 41.68
CA LYS H 322 -27.10 49.45 41.30
C LYS H 322 -27.97 48.56 40.41
N ALA H 323 -27.31 47.70 39.61
CA ALA H 323 -27.98 46.76 38.70
C ALA H 323 -28.73 45.66 39.47
N LEU H 324 -28.01 44.90 40.28
CA LEU H 324 -28.60 43.84 41.07
C LEU H 324 -29.83 44.28 41.89
N ASP H 325 -29.69 45.37 42.64
CA ASP H 325 -30.78 45.90 43.47
C ASP H 325 -32.01 46.07 42.57
N LEU H 326 -31.78 46.65 41.40
CA LEU H 326 -32.85 46.88 40.42
C LEU H 326 -33.50 45.60 39.86
N LEU H 327 -32.76 44.49 39.83
CA LEU H 327 -33.29 43.20 39.34
C LEU H 327 -34.18 42.62 40.44
N ASN H 328 -34.08 43.19 41.63
CA ASN H 328 -34.88 42.75 42.75
C ASN H 328 -36.06 43.70 42.80
N SER H 329 -35.88 44.89 42.24
CA SER H 329 -36.94 45.88 42.18
C SER H 329 -37.97 45.41 41.16
N ILE H 330 -37.54 44.53 40.25
CA ILE H 330 -38.42 43.94 39.22
C ILE H 330 -39.52 43.14 39.92
N ASP I 289 -3.28 36.03 38.97
CA ASP I 289 -4.47 35.46 39.60
C ASP I 289 -5.63 36.45 39.69
N ARG I 290 -5.34 37.69 40.04
CA ARG I 290 -6.35 38.74 40.14
C ARG I 290 -6.94 39.04 38.76
N ALA I 291 -6.07 39.04 37.75
CA ALA I 291 -6.46 39.24 36.35
C ALA I 291 -7.43 38.14 35.93
N SER I 292 -7.15 36.91 36.37
CA SER I 292 -8.05 35.78 36.12
C SER I 292 -9.41 35.97 36.78
N LYS I 293 -9.42 36.42 38.04
CA LYS I 293 -10.70 36.66 38.74
C LYS I 293 -11.50 37.74 38.04
N ILE I 294 -10.84 38.83 37.65
CA ILE I 294 -11.53 39.91 36.92
C ILE I 294 -12.17 39.40 35.63
N GLU I 295 -11.43 38.58 34.86
CA GLU I 295 -11.97 37.95 33.65
C GLU I 295 -13.23 37.14 33.97
N GLN I 296 -13.21 36.40 35.08
CA GLN I 296 -14.36 35.58 35.47
C GLN I 296 -15.57 36.41 35.86
N ILE I 297 -15.34 37.52 36.57
CA ILE I 297 -16.39 38.45 36.94
C ILE I 297 -17.05 39.03 35.69
N GLN I 298 -16.24 39.46 34.73
CA GLN I 298 -16.75 39.99 33.47
C GLN I 298 -17.53 38.93 32.67
N LYS I 299 -17.04 37.68 32.68
CA LYS I 299 -17.72 36.57 32.02
C LYS I 299 -19.11 36.37 32.63
N LEU I 300 -19.19 36.35 33.95
CA LEU I 300 -20.44 36.14 34.66
C LEU I 300 -21.41 37.25 34.35
N ALA I 301 -20.93 38.50 34.29
CA ALA I 301 -21.78 39.62 33.90
C ALA I 301 -22.34 39.51 32.46
N LYS I 302 -21.48 39.08 31.53
CA LYS I 302 -21.87 38.86 30.15
C LYS I 302 -22.93 37.76 30.07
N TYR I 303 -22.72 36.69 30.82
CA TYR I 303 -23.67 35.59 30.84
C TYR I 303 -25.02 36.07 31.41
N ALA I 304 -25.06 36.87 32.54
CA ALA I 304 -26.20 37.52 33.15
C ALA I 304 -26.92 38.35 32.09
N ILE I 305 -26.21 39.23 31.40
CA ILE I 305 -26.84 40.05 30.35
C ILE I 305 -27.58 39.11 29.37
N SER I 306 -26.83 38.19 28.75
CA SER I 306 -27.37 37.21 27.81
C SER I 306 -28.61 36.54 28.33
N ALA I 307 -28.68 36.34 29.64
CA ALA I 307 -29.83 35.70 30.29
C ALA I 307 -31.07 36.58 30.27
N LEU I 308 -30.92 37.88 30.57
CA LEU I 308 -32.05 38.82 30.58
C LEU I 308 -32.63 38.97 29.18
N ASN I 309 -31.97 38.42 28.17
CA ASN I 309 -32.48 38.50 26.82
C ASN I 309 -33.59 37.45 26.60
N TYR I 310 -34.00 36.80 27.69
CA TYR I 310 -35.05 35.77 27.67
C TYR I 310 -35.84 36.01 28.94
N GLU I 311 -35.64 37.20 29.49
CA GLU I 311 -36.26 37.65 30.72
C GLU I 311 -35.99 36.74 31.95
N ASP I 312 -35.09 35.77 31.77
CA ASP I 312 -34.71 34.82 32.81
C ASP I 312 -34.13 35.54 34.02
N LEU I 313 -34.97 36.05 34.89
CA LEU I 313 -34.46 36.75 36.07
C LEU I 313 -33.65 35.81 36.97
N PRO I 314 -34.10 34.56 37.17
CA PRO I 314 -33.40 33.57 38.00
C PRO I 314 -31.91 33.51 37.77
N THR I 315 -31.52 33.06 36.57
CA THR I 315 -30.10 32.98 36.19
C THR I 315 -29.40 34.30 36.48
N ALA I 316 -29.99 35.38 35.99
CA ALA I 316 -29.45 36.71 36.15
C ALA I 316 -29.12 37.06 37.57
N LYS I 317 -30.13 37.10 38.42
CA LYS I 317 -29.94 37.46 39.83
C LYS I 317 -28.85 36.60 40.49
N ASP I 318 -28.54 35.47 39.87
CA ASP I 318 -27.53 34.57 40.39
C ASP I 318 -26.12 34.89 39.88
N GLU I 319 -25.92 34.90 38.56
CA GLU I 319 -24.63 35.22 37.93
C GLU I 319 -24.20 36.63 38.30
N LEU I 320 -25.11 37.58 38.24
CA LEU I 320 -24.80 38.95 38.63
C LEU I 320 -24.43 38.99 40.12
N THR I 321 -24.64 37.88 40.81
CA THR I 321 -24.30 37.77 42.23
C THR I 321 -23.00 37.00 42.39
N LYS I 322 -22.91 35.80 41.83
CA LYS I 322 -21.68 35.03 41.92
C LYS I 322 -20.53 35.96 41.53
N ALA I 323 -20.81 36.88 40.60
CA ALA I 323 -19.85 37.87 40.11
C ALA I 323 -19.49 38.91 41.20
N LEU I 324 -20.50 39.60 41.69
CA LEU I 324 -20.30 40.62 42.74
C LEU I 324 -19.51 40.09 43.95
N ASP I 325 -19.94 38.96 44.50
CA ASP I 325 -19.26 38.34 45.66
C ASP I 325 -17.77 38.22 45.34
N LEU I 326 -17.49 37.74 44.13
CA LEU I 326 -16.12 37.56 43.65
C LEU I 326 -15.31 38.87 43.52
N LEU I 327 -15.99 39.99 43.26
CA LEU I 327 -15.32 41.30 43.13
C LEU I 327 -14.97 41.79 44.54
N ASN I 328 -15.55 41.13 45.53
CA ASN I 328 -15.28 41.48 46.91
C ASN I 328 -14.20 40.51 47.38
N SER I 329 -14.13 39.36 46.71
CA SER I 329 -13.12 38.37 47.02
C SER I 329 -11.77 38.89 46.54
N ILE I 330 -11.80 39.85 45.61
CA ILE I 330 -10.59 40.49 45.06
C ILE I 330 -9.88 41.22 46.22
N ASP J 289 -74.22 -5.96 -1.93
CA ASP J 289 -73.71 -5.79 -0.53
C ASP J 289 -72.72 -6.87 -0.13
N ARG J 290 -72.01 -6.61 0.97
CA ARG J 290 -70.96 -7.48 1.50
C ARG J 290 -69.64 -7.11 0.85
N ALA J 291 -69.61 -7.21 -0.46
CA ALA J 291 -68.42 -6.85 -1.20
C ALA J 291 -68.26 -5.36 -0.91
N SER J 292 -69.37 -4.70 -0.59
CA SER J 292 -69.39 -3.27 -0.28
C SER J 292 -69.31 -3.05 1.22
N LYS J 293 -70.06 -3.84 1.97
CA LYS J 293 -70.00 -3.74 3.41
C LYS J 293 -68.52 -3.84 3.83
N ILE J 294 -67.79 -4.78 3.24
CA ILE J 294 -66.38 -4.97 3.52
C ILE J 294 -65.61 -3.73 3.06
N GLU J 295 -66.16 -3.02 2.10
CA GLU J 295 -65.47 -1.84 1.60
C GLU J 295 -65.78 -0.61 2.43
N GLN J 296 -66.93 -0.59 3.11
CA GLN J 296 -67.34 0.55 3.91
C GLN J 296 -66.71 0.56 5.31
N ILE J 297 -66.26 -0.59 5.75
CA ILE J 297 -65.61 -0.69 7.05
C ILE J 297 -64.31 0.08 6.89
N GLN J 298 -63.61 -0.23 5.80
CA GLN J 298 -62.34 0.42 5.51
C GLN J 298 -62.59 1.90 5.38
N LYS J 299 -63.67 2.28 4.72
CA LYS J 299 -64.00 3.69 4.54
C LYS J 299 -64.11 4.32 5.92
N LEU J 300 -64.74 3.60 6.85
CA LEU J 300 -64.90 4.06 8.23
C LEU J 300 -63.56 4.17 8.95
N ALA J 301 -62.92 3.02 9.09
CA ALA J 301 -61.62 2.93 9.71
C ALA J 301 -60.60 3.92 9.14
N LYS J 302 -60.87 4.48 7.96
CA LYS J 302 -59.94 5.46 7.43
C LYS J 302 -60.33 6.76 8.15
N TYR J 303 -61.59 7.19 7.98
CA TYR J 303 -62.08 8.41 8.61
C TYR J 303 -61.65 8.43 10.05
N ALA J 304 -61.82 7.31 10.74
CA ALA J 304 -61.39 7.23 12.12
C ALA J 304 -59.93 7.64 12.22
N ILE J 305 -59.05 7.01 11.43
CA ILE J 305 -57.63 7.38 11.47
C ILE J 305 -57.51 8.89 11.24
N SER J 306 -58.01 9.37 10.10
CA SER J 306 -58.00 10.80 9.75
C SER J 306 -58.45 11.68 10.89
N ALA J 307 -59.40 11.17 11.70
CA ALA J 307 -59.94 11.92 12.83
C ALA J 307 -58.92 12.07 13.97
N LEU J 308 -58.20 10.98 14.30
CA LEU J 308 -57.19 11.01 15.36
C LEU J 308 -56.05 11.96 15.01
N ASN J 309 -56.03 12.44 13.78
CA ASN J 309 -54.99 13.38 13.37
C ASN J 309 -55.31 14.79 13.89
N TYR J 310 -56.35 14.90 14.72
CA TYR J 310 -56.79 16.17 15.31
C TYR J 310 -57.17 15.82 16.72
N GLU J 311 -56.69 14.65 17.14
CA GLU J 311 -56.96 14.09 18.46
C GLU J 311 -58.46 13.90 18.80
N ASP J 312 -59.31 14.11 17.79
CA ASP J 312 -60.76 13.98 17.93
C ASP J 312 -61.14 12.58 18.36
N LEU J 313 -61.07 12.27 19.64
CA LEU J 313 -61.42 10.94 20.09
C LEU J 313 -62.91 10.63 19.82
N PRO J 314 -63.82 11.59 20.02
CA PRO J 314 -65.26 11.41 19.78
C PRO J 314 -65.58 10.72 18.46
N THR J 315 -65.28 11.39 17.35
CA THR J 315 -65.49 10.84 16.02
C THR J 315 -64.92 9.43 15.92
N ALA J 316 -63.65 9.33 16.30
CA ALA J 316 -62.92 8.07 16.27
C ALA J 316 -63.64 6.94 16.93
N LYS J 317 -63.85 7.05 18.24
CA LYS J 317 -64.51 6.00 19.00
C LYS J 317 -65.87 5.60 18.39
N ASP J 318 -66.39 6.47 17.54
CA ASP J 318 -67.66 6.22 16.88
C ASP J 318 -67.51 5.46 15.55
N GLU J 319 -66.73 6.02 14.61
CA GLU J 319 -66.48 5.40 13.30
C GLU J 319 -65.80 4.04 13.48
N LEU J 320 -64.81 3.98 14.35
CA LEU J 320 -64.13 2.72 14.63
C LEU J 320 -65.12 1.73 15.24
N THR J 321 -66.32 2.21 15.59
CA THR J 321 -67.36 1.36 16.17
C THR J 321 -68.39 1.04 15.09
N LYS J 322 -68.95 2.06 14.45
CA LYS J 322 -69.92 1.81 13.37
C LYS J 322 -69.32 0.75 12.45
N ALA J 323 -67.99 0.78 12.31
CA ALA J 323 -67.24 -0.15 11.48
C ALA J 323 -67.25 -1.57 12.07
N LEU J 324 -66.76 -1.71 13.29
CA LEU J 324 -66.73 -3.01 13.96
C LEU J 324 -68.08 -3.74 13.98
N ASP J 325 -69.13 -3.04 14.39
CA ASP J 325 -70.49 -3.61 14.45
C ASP J 325 -70.79 -4.21 13.08
N LEU J 326 -70.49 -3.45 12.04
CA LEU J 326 -70.72 -3.87 10.66
C LEU J 326 -69.90 -5.11 10.23
N LEU J 327 -68.72 -5.31 10.82
CA LEU J 327 -67.87 -6.48 10.50
C LEU J 327 -68.49 -7.72 11.18
N ASN J 328 -69.41 -7.47 12.09
CA ASN J 328 -70.08 -8.54 12.78
C ASN J 328 -71.38 -8.76 12.03
N SER J 329 -71.84 -7.72 11.33
CA SER J 329 -73.05 -7.80 10.53
C SER J 329 -72.75 -8.68 9.31
N ILE J 330 -71.46 -8.80 8.98
CA ILE J 330 -70.99 -9.64 7.84
C ILE J 330 -71.38 -11.09 8.14
N ASP K 289 -47.03 10.28 25.91
CA ASP K 289 -47.57 8.92 26.04
C ASP K 289 -48.91 8.74 25.32
N ARG K 290 -49.79 9.73 25.44
CA ARG K 290 -51.09 9.68 24.76
C ARG K 290 -50.92 9.72 23.25
N ALA K 291 -49.96 10.53 22.79
CA ALA K 291 -49.61 10.62 21.37
C ALA K 291 -49.14 9.27 20.87
N SER K 292 -48.38 8.56 21.69
CA SER K 292 -47.93 7.21 21.36
C SER K 292 -49.10 6.23 21.24
N LYS K 293 -50.05 6.31 22.18
CA LYS K 293 -51.23 5.43 22.13
C LYS K 293 -52.05 5.70 20.88
N ILE K 294 -52.27 6.98 20.56
CA ILE K 294 -53.00 7.35 19.36
C ILE K 294 -52.34 6.78 18.09
N GLU K 295 -51.01 6.89 18.00
CA GLU K 295 -50.24 6.30 16.88
C GLU K 295 -50.51 4.80 16.79
N GLN K 296 -50.54 4.11 17.94
CA GLN K 296 -50.77 2.66 17.96
C GLN K 296 -52.18 2.28 17.51
N ILE K 297 -53.16 3.06 17.93
CA ILE K 297 -54.55 2.88 17.52
C ILE K 297 -54.67 3.01 16.00
N GLN K 298 -54.06 4.07 15.44
CA GLN K 298 -54.06 4.28 13.99
C GLN K 298 -53.35 3.15 13.24
N LYS K 299 -52.23 2.67 13.80
CA LYS K 299 -51.49 1.54 13.23
C LYS K 299 -52.39 0.29 13.15
N LEU K 300 -53.07 -0.01 14.24
CA LEU K 300 -53.94 -1.18 14.32
C LEU K 300 -55.06 -1.06 13.31
N ALA K 301 -55.63 0.13 13.17
CA ALA K 301 -56.66 0.35 12.14
C ALA K 301 -56.15 0.13 10.69
N LYS K 302 -54.95 0.62 10.41
CA LYS K 302 -54.30 0.45 9.12
C LYS K 302 -54.06 -1.04 8.86
N TYR K 303 -53.59 -1.75 9.87
CA TYR K 303 -53.34 -3.17 9.74
C TYR K 303 -54.65 -3.92 9.47
N ALA K 304 -55.80 -3.61 10.20
CA ALA K 304 -57.15 -4.10 10.02
C ALA K 304 -57.57 -3.87 8.57
N ILE K 305 -57.46 -2.64 8.09
CA ILE K 305 -57.83 -2.35 6.68
C ILE K 305 -57.08 -3.33 5.76
N SER K 306 -55.74 -3.30 5.83
CA SER K 306 -54.87 -4.18 5.04
C SER K 306 -55.33 -5.62 5.08
N ALA K 307 -55.89 -6.04 6.22
CA ALA K 307 -56.37 -7.41 6.40
C ALA K 307 -57.61 -7.71 5.58
N LEU K 308 -58.58 -6.78 5.57
CA LEU K 308 -59.83 -6.95 4.80
C LEU K 308 -59.53 -7.02 3.30
N ASN K 309 -58.30 -6.73 2.91
CA ASN K 309 -57.94 -6.80 1.50
C ASN K 309 -57.70 -8.26 1.08
N TYR K 310 -58.01 -9.20 1.99
CA TYR K 310 -57.84 -10.64 1.76
C TYR K 310 -59.04 -11.27 2.41
N GLU K 311 -60.03 -10.42 2.66
CA GLU K 311 -61.29 -10.78 3.30
C GLU K 311 -61.13 -11.42 4.70
N ASP K 312 -59.89 -11.41 5.22
CA ASP K 312 -59.57 -11.97 6.52
C ASP K 312 -60.35 -11.28 7.62
N LEU K 313 -61.60 -11.69 7.85
CA LEU K 313 -62.39 -11.07 8.89
C LEU K 313 -61.77 -11.28 10.28
N PRO K 314 -61.23 -12.50 10.57
CA PRO K 314 -60.60 -12.81 11.86
C PRO K 314 -59.66 -11.72 12.36
N THR K 315 -58.55 -11.53 11.65
CA THR K 315 -57.57 -10.50 11.99
C THR K 315 -58.25 -9.17 12.23
N ALA K 316 -59.05 -8.77 11.25
CA ALA K 316 -59.78 -7.52 11.28
C ALA K 316 -60.55 -7.30 12.55
N LYS K 317 -61.54 -8.15 12.79
CA LYS K 317 -62.39 -8.03 13.98
C LYS K 317 -61.56 -7.95 15.27
N ASP K 318 -60.30 -8.37 15.18
CA ASP K 318 -59.41 -8.35 16.32
C ASP K 318 -58.65 -7.03 16.46
N GLU K 319 -57.89 -6.64 15.42
CA GLU K 319 -57.12 -5.39 15.40
C GLU K 319 -58.05 -4.19 15.54
N LEU K 320 -59.15 -4.20 14.82
CA LEU K 320 -60.14 -3.13 14.93
C LEU K 320 -60.70 -3.10 16.36
N THR K 321 -60.40 -4.13 17.14
CA THR K 321 -60.86 -4.21 18.53
C THR K 321 -59.73 -3.82 19.46
N LYS K 322 -58.57 -4.48 19.34
CA LYS K 322 -57.43 -4.12 20.19
C LYS K 322 -57.28 -2.60 20.14
N ALA K 323 -57.61 -2.01 18.99
CA ALA K 323 -57.55 -0.56 18.76
C ALA K 323 -58.61 0.19 19.56
N LEU K 324 -59.87 -0.16 19.34
CA LEU K 324 -60.97 0.49 20.05
C LEU K 324 -60.82 0.48 21.59
N ASP K 325 -60.52 -0.69 22.16
CA ASP K 325 -60.32 -0.84 23.60
C ASP K 325 -59.31 0.21 24.05
N LEU K 326 -58.22 0.31 23.29
CA LEU K 326 -57.15 1.26 23.56
C LEU K 326 -57.56 2.74 23.46
N LEU K 327 -58.56 3.06 22.64
CA LEU K 327 -59.04 4.44 22.51
C LEU K 327 -59.91 4.77 23.73
N ASN K 328 -60.25 3.73 24.47
CA ASN K 328 -61.04 3.90 25.68
C ASN K 328 -60.04 3.94 26.82
N SER K 329 -58.88 3.34 26.59
CA SER K 329 -57.81 3.34 27.58
C SER K 329 -57.23 4.75 27.66
N ILE K 330 -57.44 5.54 26.60
CA ILE K 330 -56.97 6.94 26.53
C ILE K 330 -57.69 7.73 27.65
N ASP L 289 -34.20 -61.76 -26.76
CA ASP L 289 -34.80 -61.46 -25.42
C ASP L 289 -33.76 -61.47 -24.32
N ARG L 290 -34.16 -60.91 -23.16
CA ARG L 290 -33.30 -60.75 -21.98
C ARG L 290 -32.57 -59.44 -22.08
N ALA L 291 -31.80 -59.30 -23.15
CA ALA L 291 -31.06 -58.09 -23.38
C ALA L 291 -32.14 -57.04 -23.55
N SER L 292 -33.33 -57.49 -23.98
CA SER L 292 -34.47 -56.61 -24.19
C SER L 292 -35.37 -56.60 -22.97
N LYS L 293 -35.60 -57.77 -22.39
CA LYS L 293 -36.40 -57.85 -21.19
C LYS L 293 -35.80 -56.84 -20.17
N ILE L 294 -34.48 -56.84 -20.05
CA ILE L 294 -33.78 -55.93 -19.15
C ILE L 294 -34.01 -54.51 -19.61
N GLU L 295 -34.27 -54.34 -20.90
CA GLU L 295 -34.48 -52.99 -21.41
C GLU L 295 -35.91 -52.52 -21.24
N GLN L 296 -36.85 -53.46 -21.18
CA GLN L 296 -38.25 -53.13 -21.04
C GLN L 296 -38.69 -52.83 -19.60
N ILE L 297 -37.89 -53.30 -18.65
CA ILE L 297 -38.18 -53.03 -17.25
C ILE L 297 -37.97 -51.54 -17.09
N GLN L 298 -36.84 -51.08 -17.59
CA GLN L 298 -36.49 -49.67 -17.52
C GLN L 298 -37.56 -48.88 -18.22
N LYS L 299 -38.01 -49.36 -19.37
CA LYS L 299 -39.06 -48.68 -20.11
C LYS L 299 -40.27 -48.52 -19.22
N LEU L 300 -40.58 -49.58 -18.46
CA LEU L 300 -41.71 -49.57 -17.52
C LEU L 300 -41.49 -48.59 -16.39
N ALA L 301 -40.44 -48.88 -15.60
CA ALA L 301 -40.04 -48.04 -14.50
C ALA L 301 -39.91 -46.55 -14.88
N LYS L 302 -39.81 -46.24 -16.16
CA LYS L 302 -39.75 -44.84 -16.54
C LYS L 302 -41.21 -44.38 -16.52
N TYR L 303 -42.05 -45.02 -17.34
CA TYR L 303 -43.47 -44.69 -17.42
C TYR L 303 -44.01 -44.53 -16.02
N ALA L 304 -43.69 -45.48 -15.15
CA ALA L 304 -44.14 -45.38 -13.78
C ALA L 304 -43.74 -44.03 -13.21
N ILE L 305 -42.46 -43.69 -13.29
CA ILE L 305 -42.00 -42.38 -12.77
C ILE L 305 -42.87 -41.27 -13.40
N SER L 306 -42.86 -41.19 -14.74
CA SER L 306 -43.63 -40.22 -15.50
C SER L 306 -45.07 -40.13 -15.02
N ALA L 307 -45.62 -41.28 -14.59
CA ALA L 307 -47.00 -41.33 -14.10
C ALA L 307 -47.19 -40.62 -12.77
N LEU L 308 -46.25 -40.83 -11.82
CA LEU L 308 -46.32 -40.19 -10.50
C LEU L 308 -46.21 -38.68 -10.62
N ASN L 309 -45.89 -38.18 -11.81
CA ASN L 309 -45.80 -36.75 -12.01
C ASN L 309 -47.19 -36.13 -12.18
N TYR L 310 -48.23 -36.95 -11.96
CA TYR L 310 -49.63 -36.53 -12.07
C TYR L 310 -50.32 -37.23 -10.93
N GLU L 311 -49.50 -37.68 -9.99
CA GLU L 311 -49.94 -38.41 -8.80
C GLU L 311 -50.75 -39.70 -9.11
N ASP L 312 -50.79 -40.08 -10.38
CA ASP L 312 -51.51 -41.27 -10.84
C ASP L 312 -50.96 -42.53 -10.19
N LEU L 313 -51.38 -42.82 -8.97
CA LEU L 313 -50.89 -44.02 -8.30
C LEU L 313 -51.27 -45.30 -9.07
N PRO L 314 -52.51 -45.38 -9.60
CA PRO L 314 -52.98 -46.55 -10.36
C PRO L 314 -51.98 -47.06 -11.38
N THR L 315 -51.71 -46.27 -12.40
CA THR L 315 -50.74 -46.62 -13.44
C THR L 315 -49.43 -47.08 -12.81
N ALA L 316 -48.91 -46.24 -11.92
CA ALA L 316 -47.67 -46.51 -11.22
C ALA L 316 -47.60 -47.88 -10.59
N LYS L 317 -48.47 -48.12 -9.62
CA LYS L 317 -48.49 -49.40 -8.91
C LYS L 317 -48.57 -50.59 -9.88
N ASP L 318 -48.98 -50.32 -11.10
CA ASP L 318 -49.11 -51.35 -12.12
C ASP L 318 -47.82 -51.56 -12.92
N GLU L 319 -47.32 -50.49 -13.57
CA GLU L 319 -46.07 -50.55 -14.35
C GLU L 319 -44.89 -50.92 -13.47
N LEU L 320 -44.81 -50.34 -12.30
CA LEU L 320 -43.75 -50.68 -11.36
C LEU L 320 -43.88 -52.15 -10.94
N THR L 321 -45.00 -52.76 -11.31
CA THR L 321 -45.26 -54.18 -11.00
C THR L 321 -44.99 -55.02 -12.24
N LYS L 322 -45.63 -54.70 -13.36
CA LYS L 322 -45.39 -55.46 -14.59
C LYS L 322 -43.86 -55.57 -14.76
N ALA L 323 -43.15 -54.53 -14.33
CA ALA L 323 -41.68 -54.48 -14.39
C ALA L 323 -41.03 -55.48 -13.44
N LEU L 324 -41.33 -55.35 -12.15
CA LEU L 324 -40.78 -56.26 -11.15
C LEU L 324 -40.96 -57.74 -11.47
N ASP L 325 -42.20 -58.13 -11.80
CA ASP L 325 -42.52 -59.53 -12.14
C ASP L 325 -41.53 -59.99 -13.23
N LEU L 326 -41.36 -59.12 -14.23
CA LEU L 326 -40.45 -59.39 -15.35
C LEU L 326 -38.98 -59.52 -14.95
N LEU L 327 -38.55 -58.85 -13.88
CA LEU L 327 -37.15 -58.92 -13.41
C LEU L 327 -36.97 -60.27 -12.69
N ASN L 328 -38.08 -60.92 -12.41
CA ASN L 328 -38.05 -62.21 -11.76
C ASN L 328 -38.16 -63.24 -12.87
N SER L 329 -38.74 -62.81 -13.99
CA SER L 329 -38.87 -63.68 -15.16
C SER L 329 -37.48 -63.87 -15.77
N ILE L 330 -36.57 -62.94 -15.46
CA ILE L 330 -35.17 -62.97 -15.94
C ILE L 330 -34.52 -64.25 -15.38
N ASP M 289 -46.22 -34.39 2.96
CA ASP M 289 -45.64 -35.68 3.29
C ASP M 289 -45.81 -36.71 2.18
N ARG M 290 -46.99 -36.75 1.57
CA ARG M 290 -47.26 -37.68 0.46
C ARG M 290 -46.41 -37.32 -0.75
N ALA M 291 -46.25 -36.02 -0.99
CA ALA M 291 -45.38 -35.52 -2.07
C ALA M 291 -43.95 -35.98 -1.85
N SER M 292 -43.51 -35.97 -0.60
CA SER M 292 -42.18 -36.47 -0.25
C SER M 292 -42.04 -37.97 -0.52
N LYS M 293 -43.06 -38.75 -0.16
CA LYS M 293 -43.03 -40.20 -0.43
C LYS M 293 -42.97 -40.48 -1.91
N ILE M 294 -43.80 -39.77 -2.69
CA ILE M 294 -43.79 -39.93 -4.15
C ILE M 294 -42.39 -39.65 -4.74
N GLU M 295 -41.76 -38.56 -4.28
CA GLU M 295 -40.39 -38.22 -4.70
C GLU M 295 -39.43 -39.38 -4.40
N GLN M 296 -39.58 -40.00 -3.22
CA GLN M 296 -38.72 -41.11 -2.82
C GLN M 296 -38.93 -42.37 -3.68
N ILE M 297 -40.18 -42.65 -4.00
CA ILE M 297 -40.54 -43.77 -4.89
C ILE M 297 -39.89 -43.57 -6.27
N GLN M 298 -40.01 -42.36 -6.81
CA GLN M 298 -39.41 -42.04 -8.11
C GLN M 298 -37.88 -42.13 -8.06
N LYS M 299 -37.27 -41.68 -6.96
CA LYS M 299 -35.83 -41.78 -6.75
C LYS M 299 -35.38 -43.25 -6.79
N LEU M 300 -36.09 -44.10 -6.05
CA LEU M 300 -35.76 -45.52 -5.98
C LEU M 300 -35.88 -46.16 -7.34
N ALA M 301 -36.91 -45.80 -8.11
CA ALA M 301 -37.04 -46.29 -9.49
C ALA M 301 -35.89 -45.87 -10.41
N LYS M 302 -35.47 -44.61 -10.30
CA LYS M 302 -34.35 -44.08 -11.05
C LYS M 302 -33.06 -44.83 -10.68
N TYR M 303 -32.87 -45.06 -9.39
CA TYR M 303 -31.69 -45.78 -8.93
C TYR M 303 -31.70 -47.22 -9.47
N ALA M 304 -32.87 -47.97 -9.44
CA ALA M 304 -33.12 -49.28 -10.01
C ALA M 304 -32.73 -49.26 -11.48
N ILE M 305 -33.28 -48.31 -12.26
CA ILE M 305 -32.93 -48.23 -13.69
C ILE M 305 -31.39 -48.19 -13.82
N SER M 306 -30.77 -47.17 -13.21
CA SER M 306 -29.32 -46.98 -13.21
C SER M 306 -28.58 -48.26 -12.90
N ALA M 307 -29.17 -49.10 -12.03
CA ALA M 307 -28.56 -50.37 -11.64
C ALA M 307 -28.56 -51.40 -12.77
N LEU M 308 -29.68 -51.51 -13.50
CA LEU M 308 -29.79 -52.47 -14.62
C LEU M 308 -28.81 -52.10 -15.73
N ASN M 309 -28.19 -50.94 -15.63
CA ASN M 309 -27.21 -50.54 -16.64
C ASN M 309 -25.87 -51.25 -16.41
N TYR M 310 -25.85 -52.19 -15.47
CA TYR M 310 -24.66 -52.98 -15.11
C TYR M 310 -25.18 -54.37 -14.88
N GLU M 311 -26.39 -54.60 -15.37
CA GLU M 311 -27.10 -55.87 -15.24
C GLU M 311 -27.32 -56.34 -13.78
N ASP M 312 -26.98 -55.46 -12.83
CA ASP M 312 -27.12 -55.75 -11.40
C ASP M 312 -28.57 -56.03 -11.04
N LEU M 313 -29.02 -57.26 -11.24
CA LEU M 313 -30.39 -57.59 -10.91
C LEU M 313 -30.67 -57.43 -9.41
N PRO M 314 -29.71 -57.85 -8.54
CA PRO M 314 -29.85 -57.75 -7.08
C PRO M 314 -30.39 -56.41 -6.61
N THR M 315 -29.59 -55.36 -6.79
CA THR M 315 -29.98 -54.00 -6.43
C THR M 315 -31.37 -53.67 -6.96
N ALA M 316 -31.52 -53.89 -8.27
CA ALA M 316 -32.77 -53.63 -8.96
C ALA M 316 -33.98 -54.23 -8.29
N LYS M 317 -34.02 -55.56 -8.23
CA LYS M 317 -35.14 -56.26 -7.62
C LYS M 317 -35.47 -55.75 -6.21
N ASP M 318 -34.50 -55.08 -5.61
CA ASP M 318 -34.64 -54.54 -4.27
C ASP M 318 -35.24 -53.12 -4.26
N GLU M 319 -34.58 -52.17 -4.94
CA GLU M 319 -35.05 -50.78 -5.04
C GLU M 319 -36.42 -50.72 -5.72
N LEU M 320 -36.60 -51.46 -6.79
CA LEU M 320 -37.87 -51.51 -7.47
C LEU M 320 -38.93 -52.10 -6.53
N THR M 321 -38.48 -52.64 -5.39
CA THR M 321 -39.38 -53.22 -4.40
C THR M 321 -39.56 -52.24 -3.25
N LYS M 322 -38.48 -51.78 -2.64
CA LYS M 322 -38.59 -50.80 -1.56
C LYS M 322 -39.53 -49.70 -2.04
N ALA M 323 -39.49 -49.41 -3.35
CA ALA M 323 -40.33 -48.40 -3.98
C ALA M 323 -41.81 -48.82 -4.00
N LEU M 324 -42.10 -49.95 -4.62
CA LEU M 324 -43.46 -50.45 -4.70
C LEU M 324 -44.18 -50.54 -3.34
N ASP M 325 -43.53 -51.14 -2.36
CA ASP M 325 -44.09 -51.28 -1.00
C ASP M 325 -44.53 -49.88 -0.54
N LEU M 326 -43.64 -48.91 -0.74
CA LEU M 326 -43.90 -47.52 -0.37
C LEU M 326 -45.07 -46.86 -1.11
N LEU M 327 -45.37 -47.31 -2.34
CA LEU M 327 -46.49 -46.75 -3.12
C LEU M 327 -47.79 -47.34 -2.56
N ASN M 328 -47.64 -48.36 -1.74
CA ASN M 328 -48.79 -49.01 -1.12
C ASN M 328 -48.90 -48.37 0.25
N SER M 329 -47.79 -47.85 0.76
CA SER M 329 -47.77 -47.18 2.05
C SER M 329 -48.50 -45.85 1.91
N ILE M 330 -48.58 -45.36 0.66
CA ILE M 330 -49.26 -44.09 0.34
C ILE M 330 -50.75 -44.25 0.71
N ASP N 289 38.19 -63.40 -15.07
CA ASP N 289 36.98 -63.82 -14.30
C ASP N 289 36.90 -63.16 -12.93
N ARG N 290 35.72 -63.26 -12.31
CA ARG N 290 35.41 -62.65 -11.02
C ARG N 290 34.90 -61.25 -11.25
N ALA N 291 35.74 -60.44 -11.88
CA ALA N 291 35.36 -59.08 -12.18
C ALA N 291 34.20 -59.24 -13.14
N SER N 292 34.16 -60.38 -13.83
CA SER N 292 33.10 -60.69 -14.80
C SER N 292 32.02 -61.53 -14.14
N LYS N 293 32.43 -62.51 -13.34
CA LYS N 293 31.45 -63.31 -12.63
C LYS N 293 30.51 -62.35 -11.87
N ILE N 294 31.09 -61.34 -11.23
CA ILE N 294 30.31 -60.35 -10.49
C ILE N 294 29.46 -59.57 -11.46
N GLU N 295 29.88 -59.50 -12.71
CA GLU N 295 29.10 -58.77 -13.69
C GLU N 295 27.99 -59.60 -14.30
N GLN N 296 28.16 -60.92 -14.31
CA GLN N 296 27.17 -61.81 -14.90
C GLN N 296 26.01 -62.13 -13.97
N ILE N 297 26.21 -61.93 -12.68
CA ILE N 297 25.16 -62.16 -11.71
C ILE N 297 24.13 -61.08 -12.00
N GLN N 298 24.62 -59.85 -12.12
CA GLN N 298 23.76 -58.72 -12.40
C GLN N 298 23.06 -58.96 -13.70
N LYS N 299 23.78 -59.47 -14.69
CA LYS N 299 23.19 -59.75 -15.99
C LYS N 299 22.01 -60.70 -15.79
N LEU N 300 22.21 -61.69 -14.92
CA LEU N 300 21.16 -62.68 -14.59
C LEU N 300 19.99 -62.02 -13.87
N ALA N 301 20.29 -61.49 -12.69
CA ALA N 301 19.31 -60.80 -11.87
C ALA N 301 18.54 -59.72 -12.65
N LYS N 302 19.04 -59.30 -13.80
CA LYS N 302 18.29 -58.33 -14.58
C LYS N 302 17.25 -59.15 -15.33
N TYR N 303 17.73 -60.12 -16.14
CA TYR N 303 16.86 -60.98 -16.92
C TYR N 303 15.73 -61.47 -16.02
N ALA N 304 16.10 -61.92 -14.83
CA ALA N 304 15.10 -62.39 -13.89
C ALA N 304 14.04 -61.30 -13.71
N ILE N 305 14.47 -60.08 -13.37
CA ILE N 305 13.50 -58.98 -13.19
C ILE N 305 12.65 -58.88 -14.46
N SER N 306 13.29 -58.65 -15.60
CA SER N 306 12.63 -58.55 -16.91
C SER N 306 11.62 -59.66 -17.13
N ALA N 307 11.92 -60.85 -16.59
CA ALA N 307 11.05 -62.01 -16.74
C ALA N 307 9.76 -61.88 -15.93
N LEU N 308 9.86 -61.40 -14.68
CA LEU N 308 8.68 -61.22 -13.81
C LEU N 308 7.74 -60.16 -14.40
N ASN N 309 8.18 -59.47 -15.43
CA ASN N 309 7.33 -58.47 -16.06
C ASN N 309 6.31 -59.14 -17.00
N TYR N 310 6.26 -60.47 -16.96
CA TYR N 310 5.34 -61.28 -17.76
C TYR N 310 4.89 -62.39 -16.85
N GLU N 311 5.12 -62.16 -15.56
CA GLU N 311 4.79 -63.10 -14.50
C GLU N 311 5.46 -64.49 -14.64
N ASP N 312 6.37 -64.60 -15.61
CA ASP N 312 7.09 -65.85 -15.87
C ASP N 312 7.90 -66.28 -14.67
N LEU N 313 7.27 -66.95 -13.71
CA LEU N 313 7.99 -67.40 -12.54
C LEU N 313 9.10 -68.40 -12.90
N PRO N 314 8.84 -69.34 -13.83
CA PRO N 314 9.82 -70.34 -14.27
C PRO N 314 11.21 -69.76 -14.53
N THR N 315 11.32 -68.93 -15.56
CA THR N 315 12.58 -68.28 -15.91
C THR N 315 13.21 -67.64 -14.67
N ALA N 316 12.41 -66.83 -14.00
CA ALA N 316 12.83 -66.12 -12.80
C ALA N 316 13.48 -66.99 -11.78
N LYS N 317 12.72 -67.93 -11.23
CA LYS N 317 13.24 -68.83 -10.20
C LYS N 317 14.55 -69.52 -10.63
N ASP N 318 14.80 -69.53 -11.93
CA ASP N 318 15.99 -70.14 -12.49
C ASP N 318 17.18 -69.18 -12.56
N GLU N 319 17.02 -68.06 -13.26
CA GLU N 319 18.07 -67.04 -13.40
C GLU N 319 18.45 -66.47 -12.03
N LEU N 320 17.46 -66.18 -11.20
CA LEU N 320 17.72 -65.70 -9.86
C LEU N 320 18.46 -66.77 -9.05
N THR N 321 18.55 -67.98 -9.62
CA THR N 321 19.24 -69.08 -8.98
C THR N 321 20.62 -69.26 -9.61
N LYS N 322 20.67 -69.42 -10.93
CA LYS N 322 21.96 -69.55 -11.61
C LYS N 322 22.87 -68.43 -11.09
N ALA N 323 22.27 -67.28 -10.78
CA ALA N 323 22.97 -66.11 -10.26
C ALA N 323 23.49 -66.35 -8.83
N LEU N 324 22.58 -66.66 -7.91
CA LEU N 324 22.95 -66.92 -6.53
C LEU N 324 24.08 -67.96 -6.37
N ASP N 325 23.92 -69.11 -7.02
CA ASP N 325 24.92 -70.18 -6.96
C ASP N 325 26.28 -69.58 -7.32
N LEU N 326 26.30 -68.79 -8.38
CA LEU N 326 27.51 -68.13 -8.85
C LEU N 326 28.11 -67.11 -7.86
N LEU N 327 27.28 -66.50 -7.02
CA LEU N 327 27.77 -65.53 -6.01
C LEU N 327 28.42 -66.31 -4.87
N ASN N 328 28.18 -67.62 -4.86
CA ASN N 328 28.76 -68.48 -3.86
C ASN N 328 30.01 -69.06 -4.49
N SER N 329 30.03 -69.11 -5.83
CA SER N 329 31.17 -69.60 -6.57
C SER N 329 32.30 -68.59 -6.44
N ILE N 330 31.94 -67.33 -6.13
CA ILE N 330 32.89 -66.22 -5.93
C ILE N 330 33.80 -66.59 -4.76
N ASP O 289 -2.39 -59.15 -4.43
CA ASP O 289 -1.37 -59.55 -3.46
C ASP O 289 -0.15 -60.20 -4.12
N ARG O 290 -0.37 -61.06 -5.10
CA ARG O 290 0.71 -61.71 -5.84
C ARG O 290 1.52 -60.68 -6.62
N ALA O 291 0.82 -59.71 -7.21
CA ALA O 291 1.45 -58.60 -7.93
C ALA O 291 2.35 -57.81 -6.99
N SER O 292 1.90 -57.62 -5.77
CA SER O 292 2.71 -56.95 -4.74
C SER O 292 3.97 -57.76 -4.40
N LYS O 293 3.84 -59.07 -4.25
CA LYS O 293 5.00 -59.91 -3.96
C LYS O 293 6.01 -59.87 -5.09
N ILE O 294 5.52 -59.97 -6.33
CA ILE O 294 6.40 -59.88 -7.50
C ILE O 294 7.19 -58.55 -7.53
N GLU O 295 6.50 -57.44 -7.25
CA GLU O 295 7.15 -56.12 -7.15
C GLU O 295 8.26 -56.15 -6.10
N GLN O 296 8.01 -56.80 -4.96
CA GLN O 296 8.99 -56.88 -3.88
C GLN O 296 10.21 -57.72 -4.26
N ILE O 297 9.98 -58.83 -4.96
CA ILE O 297 11.05 -59.68 -5.47
C ILE O 297 11.94 -58.89 -6.42
N GLN O 298 11.32 -58.16 -7.35
CA GLN O 298 12.07 -57.34 -8.30
C GLN O 298 12.86 -56.22 -7.59
N LYS O 299 12.25 -55.60 -6.57
CA LYS O 299 12.92 -54.58 -5.76
C LYS O 299 14.18 -55.16 -5.11
N LEU O 300 14.05 -56.33 -4.49
CA LEU O 300 15.17 -56.97 -3.80
C LEU O 300 16.27 -57.29 -4.78
N ALA O 301 15.91 -57.77 -5.97
CA ALA O 301 16.92 -58.02 -7.02
C ALA O 301 17.67 -56.74 -7.46
N LYS O 302 16.93 -55.65 -7.62
CA LYS O 302 17.50 -54.36 -7.98
C LYS O 302 18.45 -53.87 -6.88
N TYR O 303 18.04 -54.04 -5.64
CA TYR O 303 18.86 -53.64 -4.51
C TYR O 303 20.15 -54.48 -4.48
N ALA O 304 20.09 -55.85 -4.68
CA ALA O 304 21.19 -56.80 -4.81
C ALA O 304 22.14 -56.31 -5.89
N ILE O 305 21.62 -56.04 -7.09
CA ILE O 305 22.48 -55.53 -8.19
C ILE O 305 23.26 -54.32 -7.68
N SER O 306 22.53 -53.27 -7.25
CA SER O 306 23.11 -52.04 -6.72
C SER O 306 24.19 -52.31 -5.71
N ALA O 307 24.05 -53.40 -4.94
CA ALA O 307 25.02 -53.77 -3.92
C ALA O 307 26.33 -54.27 -4.51
N LEU O 308 26.26 -55.12 -5.55
CA LEU O 308 27.45 -55.65 -6.21
C LEU O 308 28.26 -54.54 -6.86
N ASN O 309 27.69 -53.34 -6.92
CA ASN O 309 28.41 -52.22 -7.51
C ASN O 309 29.44 -51.66 -6.51
N TYR O 310 29.62 -52.35 -5.39
CA TYR O 310 30.56 -51.98 -4.33
C TYR O 310 31.17 -53.27 -3.87
N GLU O 311 31.00 -54.29 -4.70
CA GLU O 311 31.45 -55.64 -4.45
C GLU O 311 30.92 -56.28 -3.15
N ASP O 312 29.97 -55.60 -2.52
CA ASP O 312 29.36 -56.05 -1.27
C ASP O 312 28.66 -57.38 -1.46
N LEU O 313 29.41 -58.48 -1.40
CA LEU O 313 28.79 -59.79 -1.57
C LEU O 313 27.77 -60.09 -0.47
N PRO O 314 28.07 -59.72 0.80
CA PRO O 314 27.17 -59.94 1.93
C PRO O 314 25.72 -59.57 1.65
N THR O 315 25.47 -58.27 1.45
CA THR O 315 24.13 -57.76 1.15
C THR O 315 23.51 -58.57 0.00
N ALA O 316 24.27 -58.67 -1.09
CA ALA O 316 23.86 -59.37 -2.28
C ALA O 316 23.34 -60.76 -2.01
N LYS O 317 24.21 -61.63 -1.51
CA LYS O 317 23.84 -63.02 -1.23
C LYS O 317 22.59 -63.11 -0.35
N ASP O 318 22.27 -62.02 0.32
CA ASP O 318 21.11 -61.97 1.21
C ASP O 318 19.84 -61.54 0.47
N GLU O 319 19.85 -60.35 -0.15
CA GLU O 319 18.70 -59.82 -0.89
C GLU O 319 18.34 -60.76 -2.06
N LEU O 320 19.35 -61.22 -2.78
CA LEU O 320 19.11 -62.16 -3.86
C LEU O 320 18.52 -63.47 -3.30
N THR O 321 18.52 -63.59 -1.98
CA THR O 321 17.96 -64.77 -1.31
C THR O 321 16.59 -64.44 -0.76
N LYS O 322 16.48 -63.38 0.05
CA LYS O 322 15.18 -62.99 0.57
C LYS O 322 14.19 -62.97 -0.61
N ALA O 323 14.69 -62.60 -1.78
CA ALA O 323 13.91 -62.54 -3.02
C ALA O 323 13.50 -63.93 -3.50
N LEU O 324 14.47 -64.78 -3.75
CA LEU O 324 14.21 -66.14 -4.21
C LEU O 324 13.21 -66.92 -3.34
N ASP O 325 13.43 -66.91 -2.02
CA ASP O 325 12.54 -67.59 -1.07
C ASP O 325 11.11 -67.11 -1.34
N LEU O 326 10.97 -65.80 -1.48
CA LEU O 326 9.67 -65.18 -1.75
C LEU O 326 9.03 -65.58 -3.08
N LEU O 327 9.84 -65.93 -4.09
CA LEU O 327 9.32 -66.35 -5.40
C LEU O 327 8.81 -67.80 -5.27
N ASN O 328 9.17 -68.43 -4.16
CA ASN O 328 8.73 -69.79 -3.90
C ASN O 328 7.51 -69.64 -3.01
N SER O 329 7.43 -68.52 -2.29
CA SER O 329 6.29 -68.25 -1.43
C SER O 329 5.08 -67.94 -2.31
N ILE O 330 5.35 -67.55 -3.57
CA ILE O 330 4.30 -67.26 -4.56
C ILE O 330 3.50 -68.54 -4.80
N ASP P 289 67.32 -2.19 21.10
CA ASP P 289 66.70 -3.47 21.56
C ASP P 289 65.40 -3.25 22.32
N ARG P 290 64.65 -4.34 22.49
CA ARG P 290 63.33 -4.34 23.13
C ARG P 290 62.27 -4.05 22.09
N ALA P 291 62.39 -2.90 21.46
CA ALA P 291 61.46 -2.51 20.43
C ALA P 291 61.67 -3.57 19.35
N SER P 292 62.87 -4.16 19.33
CA SER P 292 63.23 -5.20 18.37
C SER P 292 63.01 -6.58 18.96
N LYS P 293 63.41 -6.74 20.22
CA LYS P 293 63.18 -8.02 20.88
C LYS P 293 61.68 -8.37 20.72
N ILE P 294 60.81 -7.39 20.93
CA ILE P 294 59.38 -7.57 20.80
C ILE P 294 59.06 -7.88 19.35
N GLU P 295 59.91 -7.43 18.45
CA GLU P 295 59.65 -7.69 17.03
C GLU P 295 60.15 -9.06 16.58
N GLN P 296 61.16 -9.57 17.28
CA GLN P 296 61.75 -10.86 16.93
C GLN P 296 60.97 -12.06 17.46
N ILE P 297 60.15 -11.82 18.48
CA ILE P 297 59.33 -12.88 19.03
C ILE P 297 58.33 -13.21 17.94
N GLN P 298 57.72 -12.16 17.40
CA GLN P 298 56.75 -12.31 16.35
C GLN P 298 57.40 -13.00 15.19
N LYS P 299 58.62 -12.60 14.86
CA LYS P 299 59.35 -13.21 13.76
C LYS P 299 59.45 -14.70 14.01
N LEU P 300 59.72 -15.07 15.26
CA LEU P 300 59.81 -16.48 15.67
C LEU P 300 58.46 -17.19 15.56
N ALA P 301 57.51 -16.71 16.35
CA ALA P 301 56.17 -17.22 16.36
C ALA P 301 55.55 -17.31 14.95
N LYS P 302 56.11 -16.62 13.97
CA LYS P 302 55.58 -16.74 12.63
C LYS P 302 56.20 -18.03 12.10
N TYR P 303 57.54 -18.08 12.05
CA TYR P 303 58.27 -19.26 11.57
C TYR P 303 57.64 -20.49 12.18
N ALA P 304 57.41 -20.45 13.48
CA ALA P 304 56.79 -21.59 14.14
C ALA P 304 55.50 -21.95 13.42
N ILE P 305 54.60 -20.97 13.24
CA ILE P 305 53.34 -21.24 12.54
C ILE P 305 53.67 -21.89 11.18
N SER P 306 54.44 -21.18 10.34
CA SER P 306 54.86 -21.65 9.03
C SER P 306 55.38 -23.07 9.07
N ALA P 307 56.03 -23.44 10.18
CA ALA P 307 56.59 -24.78 10.35
C ALA P 307 55.52 -25.85 10.52
N LEU P 308 54.49 -25.57 11.33
CA LEU P 308 53.39 -26.51 11.57
C LEU P 308 52.61 -26.77 10.28
N ASN P 309 52.89 -25.99 9.24
CA ASN P 309 52.22 -26.20 7.97
C ASN P 309 52.83 -27.39 7.21
N TYR P 310 53.73 -28.11 7.89
CA TYR P 310 54.42 -29.28 7.33
C TYR P 310 54.50 -30.26 8.46
N GLU P 311 53.67 -30.00 9.47
CA GLU P 311 53.59 -30.79 10.69
C GLU P 311 54.91 -30.92 11.47
N ASP P 312 55.92 -30.15 11.02
CA ASP P 312 57.25 -30.16 11.66
C ASP P 312 57.17 -29.73 13.10
N LEU P 313 56.83 -30.64 14.01
CA LEU P 313 56.75 -30.28 15.41
C LEU P 313 58.11 -29.83 15.96
N PRO P 314 59.21 -30.50 15.57
CA PRO P 314 60.57 -30.15 16.03
C PRO P 314 60.87 -28.65 15.99
N THR P 315 60.92 -28.10 14.77
CA THR P 315 61.16 -26.66 14.58
C THR P 315 60.23 -25.84 15.48
N ALA P 316 58.94 -26.15 15.36
CA ALA P 316 57.91 -25.47 16.12
C ALA P 316 58.20 -25.39 17.60
N LYS P 317 58.24 -26.53 18.24
CA LYS P 317 58.48 -26.58 19.69
C LYS P 317 59.74 -25.80 20.09
N ASP P 318 60.60 -25.54 19.12
CA ASP P 318 61.83 -24.81 19.36
C ASP P 318 61.66 -23.29 19.22
N GLU P 319 61.21 -22.84 18.04
CA GLU P 319 60.98 -21.40 17.77
C GLU P 319 59.92 -20.83 18.73
N LEU P 320 58.85 -21.57 18.94
CA LEU P 320 57.83 -21.15 19.87
C LEU P 320 58.41 -21.08 21.28
N THR P 321 59.63 -21.60 21.45
CA THR P 321 60.31 -21.58 22.74
C THR P 321 61.35 -20.47 22.75
N LYS P 322 62.26 -20.47 21.77
CA LYS P 322 63.26 -19.39 21.71
C LYS P 322 62.52 -18.06 21.87
N ALA P 323 61.28 -18.00 21.36
CA ALA P 323 60.43 -16.82 21.45
C ALA P 323 59.96 -16.55 22.88
N LEU P 324 59.29 -17.52 23.48
CA LEU P 324 58.81 -17.37 24.86
C LEU P 324 59.90 -16.95 25.85
N ASP P 325 61.03 -17.64 25.84
CA ASP P 325 62.16 -17.33 26.73
C ASP P 325 62.47 -15.84 26.59
N LEU P 326 62.54 -15.39 25.34
CA LEU P 326 62.83 -14.00 25.02
C LEU P 326 61.76 -13.00 25.52
N LEU P 327 60.51 -13.42 25.65
CA LEU P 327 59.43 -12.55 26.14
C LEU P 327 59.58 -12.42 27.67
N ASN P 328 60.40 -13.29 28.23
CA ASN P 328 60.66 -13.27 29.65
C ASN P 328 61.94 -12.47 29.82
N SER P 329 62.75 -12.43 28.77
CA SER P 329 63.99 -11.67 28.78
C SER P 329 63.63 -10.18 28.74
N ILE P 330 62.42 -9.87 28.27
CA ILE P 330 61.90 -8.50 28.19
C ILE P 330 61.82 -7.94 29.62
N ASP Q 289 42.06 -35.31 14.61
CA ASP Q 289 42.19 -34.67 15.92
C ASP Q 289 43.51 -33.93 16.09
N ARG Q 290 44.61 -34.52 15.64
CA ARG Q 290 45.93 -33.89 15.72
C ARG Q 290 45.97 -32.65 14.84
N ALA Q 291 45.35 -32.74 13.65
CA ALA Q 291 45.23 -31.61 12.74
C ALA Q 291 44.49 -30.47 13.40
N SER Q 292 43.45 -30.79 14.16
CA SER Q 292 42.70 -29.79 14.92
C SER Q 292 43.57 -29.13 15.99
N LYS Q 293 44.35 -29.92 16.72
CA LYS Q 293 45.26 -29.36 17.74
C LYS Q 293 46.28 -28.43 17.12
N ILE Q 294 46.88 -28.86 16.01
CA ILE Q 294 47.85 -28.02 15.31
C ILE Q 294 47.24 -26.67 14.89
N GLU Q 295 46.01 -26.69 14.34
CA GLU Q 295 45.28 -25.47 13.99
C GLU Q 295 45.12 -24.56 15.21
N GLN Q 296 44.82 -25.15 16.36
CA GLN Q 296 44.63 -24.38 17.61
C GLN Q 296 45.93 -23.75 18.10
N ILE Q 297 47.03 -24.49 18.00
CA ILE Q 297 48.35 -23.98 18.35
C ILE Q 297 48.71 -22.78 17.48
N GLN Q 298 48.49 -22.91 16.17
CA GLN Q 298 48.76 -21.81 15.24
C GLN Q 298 47.86 -20.59 15.52
N LYS Q 299 46.59 -20.84 15.85
CA LYS Q 299 45.66 -19.77 16.21
C LYS Q 299 46.18 -19.00 17.44
N LEU Q 300 46.60 -19.72 18.47
CA LEU Q 300 47.09 -19.12 19.70
C LEU Q 300 48.33 -18.30 19.42
N ALA Q 301 49.22 -18.81 18.56
CA ALA Q 301 50.40 -18.02 18.17
C ALA Q 301 50.06 -16.71 17.42
N LYS Q 302 49.09 -16.79 16.51
CA LYS Q 302 48.60 -15.63 15.78
C LYS Q 302 47.99 -14.62 16.75
N TYR Q 303 47.21 -15.10 17.70
CA TYR Q 303 46.60 -14.21 18.69
C TYR Q 303 47.70 -13.54 19.54
N ALA Q 304 48.75 -14.28 20.03
CA ALA Q 304 49.94 -13.81 20.73
C ALA Q 304 50.60 -12.71 19.92
N ILE Q 305 50.90 -12.98 18.65
CA ILE Q 305 51.53 -11.95 17.79
C ILE Q 305 50.67 -10.66 17.86
N SER Q 306 49.40 -10.78 17.46
CA SER Q 306 48.44 -9.68 17.48
C SER Q 306 48.47 -8.91 18.77
N ALA Q 307 48.73 -9.62 19.89
CA ALA Q 307 48.78 -9.01 21.21
C ALA Q 307 50.00 -8.11 21.39
N LEU Q 308 51.18 -8.57 20.95
CA LEU Q 308 52.42 -7.80 21.06
C LEU Q 308 52.33 -6.52 20.23
N ASN Q 309 51.29 -6.38 19.42
CA ASN Q 309 51.13 -5.17 18.63
C ASN Q 309 50.55 -4.04 19.49
N TYR Q 310 50.46 -4.28 20.80
CA TYR Q 310 49.94 -3.31 21.77
C TYR Q 310 50.83 -3.47 22.98
N GLU Q 311 51.97 -4.10 22.75
CA GLU Q 311 52.96 -4.40 23.76
C GLU Q 311 52.45 -5.23 24.96
N ASP Q 312 51.21 -5.72 24.83
CA ASP Q 312 50.57 -6.52 25.86
C ASP Q 312 51.35 -7.79 26.14
N LEU Q 313 52.39 -7.71 26.96
CA LEU Q 313 53.17 -8.90 27.26
C LEU Q 313 52.33 -9.97 27.98
N PRO Q 314 51.45 -9.57 28.92
CA PRO Q 314 50.59 -10.50 29.67
C PRO Q 314 49.92 -11.55 28.78
N THR Q 315 49.01 -11.10 27.92
CA THR Q 315 48.31 -11.98 26.98
C THR Q 315 49.30 -12.88 26.25
N ALA Q 316 50.31 -12.24 25.67
CA ALA Q 316 51.33 -12.91 24.90
C ALA Q 316 51.96 -14.07 25.64
N LYS Q 317 52.63 -13.78 26.74
CA LYS Q 317 53.30 -14.82 27.53
C LYS Q 317 52.36 -15.97 27.89
N ASP Q 318 51.06 -15.72 27.80
CA ASP Q 318 50.06 -16.71 28.12
C ASP Q 318 49.67 -17.56 26.90
N GLU Q 319 49.21 -16.94 25.82
CA GLU Q 319 48.81 -17.63 24.58
C GLU Q 319 50.01 -18.37 23.98
N LEU Q 320 51.16 -17.72 23.96
CA LEU Q 320 52.37 -18.36 23.46
C LEU Q 320 52.73 -19.54 24.35
N THR Q 321 52.05 -19.66 25.49
CA THR Q 321 52.27 -20.76 26.43
C THR Q 321 51.17 -21.80 26.27
N LYS Q 322 49.91 -21.39 26.38
CA LYS Q 322 48.81 -22.33 26.19
C LYS Q 322 49.09 -23.12 24.92
N ALA Q 323 49.72 -22.46 23.93
CA ALA Q 323 50.09 -23.05 22.65
C ALA Q 323 51.19 -24.10 22.80
N LEU Q 324 52.34 -23.69 23.33
CA LEU Q 324 53.45 -24.59 23.55
C LEU Q 324 53.09 -25.87 24.31
N ASP Q 325 52.41 -25.73 25.44
CA ASP Q 325 51.99 -26.87 26.27
C ASP Q 325 51.25 -27.85 25.35
N LEU Q 326 50.34 -27.30 24.55
CA LEU Q 326 49.54 -28.09 23.61
C LEU Q 326 50.35 -28.80 22.52
N LEU Q 327 51.50 -28.24 22.13
CA LEU Q 327 52.37 -28.86 21.11
C LEU Q 327 53.11 -30.04 21.76
N ASN Q 328 53.05 -30.08 23.08
CA ASN Q 328 53.69 -31.16 23.82
C ASN Q 328 52.59 -32.17 24.07
N SER Q 329 51.34 -31.70 24.08
CA SER Q 329 50.19 -32.57 24.28
C SER Q 329 50.02 -33.42 23.03
N ILE Q 330 50.58 -32.95 21.91
CA ILE Q 330 50.53 -33.67 20.62
C ILE Q 330 51.27 -35.01 20.80
N ASP R 289 27.29 57.96 34.64
CA ASP R 289 27.99 56.72 35.11
C ASP R 289 27.02 55.65 35.58
N ARG R 290 27.54 54.43 35.73
CA ARG R 290 26.77 53.24 36.11
C ARG R 290 26.23 52.59 34.86
N ALA R 291 25.43 53.35 34.13
CA ALA R 291 24.86 52.86 32.90
C ALA R 291 26.08 52.62 32.02
N SER R 292 27.17 53.33 32.30
CA SER R 292 28.41 53.21 31.56
C SER R 292 29.37 52.25 32.27
N LYS R 293 29.45 52.37 33.58
CA LYS R 293 30.29 51.46 34.33
C LYS R 293 29.89 50.02 33.94
N ILE R 294 28.59 49.77 33.86
CA ILE R 294 28.08 48.46 33.48
C ILE R 294 28.47 48.17 32.04
N GLU R 295 28.69 49.22 31.27
CA GLU R 295 29.06 49.02 29.87
C GLU R 295 30.56 48.80 29.70
N GLN R 296 31.35 49.32 30.63
CA GLN R 296 32.80 49.20 30.56
C GLN R 296 33.34 47.86 31.07
N ILE R 297 32.54 47.19 31.88
CA ILE R 297 32.93 45.89 32.40
C ILE R 297 32.95 44.97 31.18
N GLN R 298 31.85 45.05 30.41
CA GLN R 298 31.72 44.25 29.22
C GLN R 298 32.86 44.57 28.29
N LYS R 299 33.18 45.85 28.16
CA LYS R 299 34.27 46.28 27.30
C LYS R 299 35.54 45.57 27.73
N LEU R 300 35.73 45.48 29.05
CA LEU R 300 36.89 44.79 29.64
C LEU R 300 36.86 43.30 29.36
N ALA R 301 35.83 42.65 29.90
CA ALA R 301 35.62 41.23 29.71
C ALA R 301 35.67 40.81 28.23
N LYS R 302 35.55 41.75 27.30
CA LYS R 302 35.68 41.37 25.91
C LYS R 302 37.18 41.29 25.66
N TYR R 303 37.88 42.42 25.88
CA TYR R 303 39.33 42.49 25.69
C TYR R 303 39.96 41.26 26.31
N ALA R 304 39.55 40.95 27.54
CA ALA R 304 40.08 39.77 28.20
C ALA R 304 39.91 38.56 27.29
N ILE R 305 38.67 38.31 26.83
CA ILE R 305 38.43 37.16 25.93
C ILE R 305 39.42 37.26 24.75
N SER R 306 39.35 38.37 24.00
CA SER R 306 40.22 38.62 22.85
C SER R 306 41.68 38.33 23.16
N ALA R 307 42.08 38.58 24.42
CA ALA R 307 43.46 38.36 24.85
C ALA R 307 43.82 36.88 24.94
N LEU R 308 42.90 36.06 25.51
CA LEU R 308 43.12 34.62 25.64
C LEU R 308 43.23 33.96 24.27
N ASN R 309 42.92 34.70 23.22
CA ASN R 309 43.02 34.14 21.88
C ASN R 309 44.49 34.13 21.40
N TYR R 310 45.40 34.47 22.31
CA TYR R 310 46.85 34.52 22.04
C TYR R 310 47.49 33.96 23.28
N GLU R 311 46.66 33.29 24.06
CA GLU R 311 47.04 32.68 25.34
C GLU R 311 47.65 33.67 26.37
N ASP R 312 47.58 34.97 26.04
CA ASP R 312 48.09 36.03 26.89
C ASP R 312 47.40 36.04 28.24
N LEU R 313 47.83 35.19 29.16
CA LEU R 313 47.20 35.15 30.47
C LEU R 313 47.36 36.49 31.22
N PRO R 314 48.56 37.14 31.13
CA PRO R 314 48.82 38.43 31.80
C PRO R 314 47.70 39.44 31.63
N THR R 315 47.50 39.90 30.38
CA THR R 315 46.43 40.85 30.07
C THR R 315 45.11 40.39 30.66
N ALA R 316 44.76 39.14 30.35
CA ALA R 316 43.53 38.54 30.81
C ALA R 316 43.30 38.67 32.29
N LYS R 317 44.17 38.05 33.08
CA LYS R 317 44.04 38.09 34.53
C LYS R 317 43.90 39.52 35.08
N ASP R 318 44.29 40.49 34.25
CA ASP R 318 44.23 41.88 34.63
C ASP R 318 42.88 42.53 34.27
N GLU R 319 42.50 42.50 32.99
CA GLU R 319 41.23 43.06 32.51
C GLU R 319 40.05 42.36 33.17
N LEU R 320 40.11 41.04 33.26
CA LEU R 320 39.06 40.29 33.93
C LEU R 320 39.01 40.67 35.41
N THR R 321 40.01 41.43 35.86
CA THR R 321 40.06 41.88 37.24
C THR R 321 39.63 43.34 37.32
N LYS R 322 40.25 44.22 36.53
CA LYS R 322 39.83 45.62 36.53
C LYS R 322 38.31 45.66 36.38
N ALA R 323 37.77 44.69 35.66
CA ALA R 323 36.33 44.55 35.43
C ALA R 323 35.58 44.15 36.70
N LEU R 324 35.95 43.02 37.28
CA LEU R 324 35.34 42.54 38.51
C LEU R 324 35.29 43.58 39.63
N ASP R 325 36.44 44.20 39.93
CA ASP R 325 36.54 45.23 40.97
C ASP R 325 35.46 46.28 40.71
N LEU R 326 35.35 46.69 39.45
CA LEU R 326 34.37 47.68 39.02
C LEU R 326 32.90 47.23 39.19
N LEU R 327 32.63 45.93 39.12
CA LEU R 327 31.27 45.40 39.30
C LEU R 327 30.92 45.44 40.79
N ASN R 328 31.95 45.65 41.60
CA ASN R 328 31.77 45.72 43.04
C ASN R 328 31.68 47.21 43.35
N SER R 329 32.25 48.02 42.47
CA SER R 329 32.20 49.47 42.63
C SER R 329 30.77 49.94 42.34
N ILE R 330 30.02 49.10 41.61
CA ILE R 330 28.61 49.38 41.27
C ILE R 330 27.81 49.44 42.58
N ASP S 289 44.52 20.14 27.51
CA ASP S 289 43.76 20.43 28.73
C ASP S 289 43.73 21.93 29.07
N ARG S 290 44.87 22.60 28.91
CA ARG S 290 44.96 24.04 29.15
C ARG S 290 44.10 24.81 28.16
N ALA S 291 44.11 24.36 26.90
CA ALA S 291 43.28 24.93 25.85
C ALA S 291 41.80 24.81 26.21
N SER S 292 41.44 23.67 26.79
CA SER S 292 40.07 23.47 27.27
C SER S 292 39.71 24.45 28.40
N LYS S 293 40.61 24.64 29.35
CA LYS S 293 40.37 25.58 30.45
C LYS S 293 40.20 27.00 29.93
N ILE S 294 41.08 27.40 29.02
CA ILE S 294 40.97 28.74 28.40
C ILE S 294 39.61 28.94 27.72
N GLU S 295 39.15 27.93 26.96
CA GLU S 295 37.82 27.97 26.33
C GLU S 295 36.73 28.18 27.38
N GLN S 296 36.85 27.50 28.53
CA GLN S 296 35.85 27.61 29.59
C GLN S 296 35.85 29.00 30.25
N ILE S 297 37.03 29.56 30.45
CA ILE S 297 37.18 30.91 30.98
C ILE S 297 36.50 31.92 30.06
N GLN S 298 36.77 31.80 28.76
CA GLN S 298 36.15 32.68 27.76
C GLN S 298 34.62 32.52 27.72
N LYS S 299 34.14 31.27 27.83
CA LYS S 299 32.71 30.99 27.88
C LYS S 299 32.07 31.70 29.08
N LEU S 300 32.68 31.58 30.25
CA LEU S 300 32.16 32.18 31.46
C LEU S 300 32.11 33.68 31.33
N ALA S 301 33.15 34.27 30.73
CA ALA S 301 33.14 35.73 30.47
C ALA S 301 32.01 36.18 29.52
N LYS S 302 31.78 35.40 28.46
CA LYS S 302 30.71 35.66 27.52
C LYS S 302 29.35 35.56 28.23
N TYR S 303 29.20 34.55 29.05
CA TYR S 303 27.95 34.38 29.80
C TYR S 303 27.73 35.56 30.75
N ALA S 304 28.78 36.04 31.52
CA ALA S 304 28.82 37.22 32.37
C ALA S 304 28.36 38.43 31.57
N ILE S 305 28.99 38.68 30.42
CA ILE S 305 28.59 39.83 29.58
C ILE S 305 27.07 39.75 29.33
N SER S 306 26.63 38.64 28.72
CA SER S 306 25.22 38.38 28.41
C SER S 306 24.32 38.67 29.59
N ALA S 307 24.83 38.41 30.81
CA ALA S 307 24.07 38.64 32.04
C ALA S 307 23.87 40.12 32.34
N LEU S 308 24.92 40.93 32.18
CA LEU S 308 24.84 42.38 32.43
C LEU S 308 23.87 43.04 31.46
N ASN S 309 23.42 42.31 30.46
CA ASN S 309 22.47 42.87 29.50
C ASN S 309 21.05 42.86 30.10
N TYR S 310 20.94 42.53 31.39
CA TYR S 310 19.67 42.48 32.12
C TYR S 310 19.99 43.03 33.48
N GLU S 311 21.14 43.71 33.54
CA GLU S 311 21.67 44.31 34.76
C GLU S 311 21.89 43.31 35.93
N ASP S 312 21.73 42.02 35.63
CA ASP S 312 21.89 40.95 36.61
C ASP S 312 23.30 40.95 37.18
N LEU S 313 23.56 41.79 38.17
CA LEU S 313 24.89 41.82 38.76
C LEU S 313 25.26 40.48 39.41
N PRO S 314 24.30 39.83 40.13
CA PRO S 314 24.53 38.55 40.80
C PRO S 314 25.27 37.53 39.93
N THR S 315 24.62 37.08 38.87
CA THR S 315 25.21 36.13 37.93
C THR S 315 26.60 36.58 37.51
N ALA S 316 26.66 37.83 37.06
CA ALA S 316 27.90 38.44 36.60
C ALA S 316 29.03 38.30 37.57
N LYS S 317 28.88 38.92 38.73
CA LYS S 317 29.94 38.88 39.76
C LYS S 317 30.39 37.44 40.07
N ASP S 318 29.57 36.48 39.71
CA ASP S 318 29.86 35.08 39.94
C ASP S 318 30.65 34.43 38.79
N GLU S 319 30.10 34.46 37.57
CA GLU S 319 30.74 33.91 36.37
C GLU S 319 32.08 34.62 36.11
N LEU S 320 32.09 35.93 36.22
CA LEU S 320 33.32 36.68 36.05
C LEU S 320 34.32 36.30 37.13
N THR S 321 33.86 35.53 38.11
CA THR S 321 34.72 35.07 39.21
C THR S 321 35.10 33.61 38.97
N LYS S 322 34.11 32.74 38.79
CA LYS S 322 34.42 31.34 38.51
C LYS S 322 35.49 31.31 37.41
N ALA S 323 35.42 32.28 36.50
CA ALA S 323 36.36 32.42 35.39
C ALA S 323 37.76 32.81 35.88
N LEU S 324 37.85 33.94 36.56
CA LEU S 324 39.13 34.42 37.09
C LEU S 324 39.89 33.38 37.91
N ASP S 325 39.21 32.75 38.88
CA ASP S 325 39.82 31.72 39.74
C ASP S 325 40.47 30.68 38.82
N LEU S 326 39.72 30.27 37.81
CA LEU S 326 40.18 29.28 36.84
C LEU S 326 41.41 29.73 36.00
N LEU S 327 41.58 31.03 35.79
CA LEU S 327 42.72 31.56 35.03
C LEU S 327 43.96 31.52 35.94
N ASN S 328 43.70 31.31 37.22
CA ASN S 328 44.77 31.23 38.19
C ASN S 328 45.05 29.74 38.36
N SER S 329 44.05 28.92 38.07
CA SER S 329 44.18 27.48 38.15
C SER S 329 45.08 27.02 37.00
N ILE S 330 45.18 27.85 35.96
CA ILE S 330 46.02 27.58 34.78
C ILE S 330 47.48 27.51 35.25
PB ADP T . 11.78 30.89 7.53
O1B ADP T . 12.80 30.02 8.22
O2B ADP T . 11.94 31.05 6.09
O3B ADP T . 10.59 29.98 7.77
PA ADP T . 10.91 33.45 7.62
O1A ADP T . 11.87 33.88 6.64
O2A ADP T . 9.57 33.05 7.03
O3A ADP T . 11.44 32.18 8.30
O5' ADP T . 10.71 34.33 8.87
C5' ADP T . 9.37 34.50 9.30
C4' ADP T . 9.38 35.73 10.12
O4' ADP T . 9.72 35.37 11.45
C3' ADP T . 10.49 36.69 9.79
O3' ADP T . 10.17 37.40 8.63
C2' ADP T . 10.26 37.55 10.98
O2' ADP T . 8.96 38.04 10.88
C1' ADP T . 10.35 36.48 12.03
N9 ADP T . 11.70 36.08 12.30
C8 ADP T . 12.18 34.83 12.27
N7 ADP T . 13.45 34.75 12.58
C5 ADP T . 13.79 36.06 12.80
C6 ADP T . 14.97 36.69 13.16
N6 ADP T . 16.11 36.05 13.37
N1 ADP T . 14.97 38.01 13.33
C2 ADP T . 13.86 38.70 13.14
N3 ADP T . 12.68 38.21 12.80
C4 ADP T . 12.73 36.89 12.64
BE BEF U . 10.77 28.57 7.15
F1 BEF U . 11.19 28.67 5.66
F2 BEF U . 11.86 28.02 8.06
F3 BEF U . 9.39 27.93 7.39
MG MG V . 11.20 30.25 4.38
PB ADP W . -19.84 23.97 6.46
O1B ADP W . -19.97 22.45 6.43
O2B ADP W . -19.18 24.44 5.25
O3B ADP W . -19.00 23.98 7.69
PA ADP W . -22.06 25.28 5.67
O1A ADP W . -22.17 24.43 4.45
O2A ADP W . -21.38 26.51 5.40
O3A ADP W . -21.26 24.50 6.69
O5' ADP W . -23.33 25.37 6.48
C5' ADP W . -24.25 24.29 6.47
C4' ADP W . -25.57 24.95 6.39
O4' ADP W . -26.07 24.94 7.72
C3' ADP W . -25.49 26.41 5.97
O3' ADP W . -25.90 26.56 4.63
C2' ADP W . -26.60 27.01 6.76
O2' ADP W . -27.73 26.83 5.96
C1' ADP W . -26.57 26.20 8.04
N9 ADP W . -25.72 26.62 9.13
C8 ADP W . -24.66 25.93 9.59
N7 ADP W . -24.04 26.46 10.58
C5 ADP W . -24.77 27.60 10.79
C6 ADP W . -24.63 28.60 11.71
N6 ADP W . -23.66 28.59 12.60
N1 ADP W . -25.51 29.59 11.69
C2 ADP W . -26.48 29.59 10.78
N3 ADP W . -26.70 28.69 9.85
C4 ADP W . -25.81 27.71 9.92
BE BEF X . -18.53 21.90 6.34
F1 BEF X . -17.75 22.88 5.46
F2 BEF X . -18.16 21.98 7.81
F3 BEF X . -18.70 20.50 5.73
MG MG Y . -18.18 23.68 3.64
PB ADP Z . -30.96 -3.65 -5.95
O1B ADP Z . -30.03 -4.77 -5.55
O2B ADP Z . -30.24 -2.90 -6.97
O3B ADP Z . -31.06 -2.97 -4.62
PA ADP Z . -32.52 -4.86 -7.75
O1A ADP Z . -31.15 -5.29 -8.21
O2A ADP Z . -33.14 -3.85 -8.56
O3A ADP Z . -32.29 -4.28 -6.36
O5' ADP Z . -33.34 -6.11 -7.43
C5' ADP Z . -33.36 -7.10 -8.43
C4' ADP Z . -34.79 -7.45 -8.58
O4' ADP Z . -35.41 -7.38 -7.31
C3' ADP Z . -35.56 -6.40 -9.31
O3' ADP Z . -35.32 -6.57 -10.67
C2' ADP Z . -36.95 -6.86 -8.97
O2' ADP Z . -37.20 -7.89 -9.88
C1' ADP Z . -36.77 -7.36 -7.55
N9 ADP Z . -37.25 -6.51 -6.53
C8 ADP Z . -36.53 -6.09 -5.49
N7 ADP Z . -37.16 -5.33 -4.67
C5 ADP Z . -38.40 -5.29 -5.22
C6 ADP Z . -39.52 -4.64 -4.82
N6 ADP Z . -39.52 -3.93 -3.72
N1 ADP Z . -40.63 -4.74 -5.56
C2 ADP Z . -40.59 -5.48 -6.66
N3 ADP Z . -39.56 -6.14 -7.15
C4 ADP Z . -38.49 -5.99 -6.36
BE BEF AA . -28.83 -4.15 -4.80
F1 BEF AA . -28.34 -2.85 -5.46
F2 BEF AA . -29.53 -3.95 -3.47
F3 BEF AA . -27.74 -5.21 -4.80
MG MG BA . -28.35 -2.27 -7.40
PB ADP CA . -11.22 -27.70 -12.36
O1B ADP CA . -10.64 -27.67 -11.00
O2B ADP CA . -11.00 -26.46 -13.16
O3B ADP CA . -12.55 -28.35 -12.46
PA ADP CA . -11.01 -29.51 -14.39
O1A ADP CA . -11.73 -30.68 -13.86
O2A ADP CA . -11.66 -28.53 -15.30
O3A ADP CA . -10.36 -28.78 -13.14
O5' ADP CA . -9.83 -30.07 -15.26
C5' ADP CA . -10.21 -30.76 -16.43
C4' ADP CA . -9.47 -32.09 -16.49
O4' ADP CA . -10.05 -33.03 -15.60
C3' ADP CA . -9.57 -32.75 -17.83
O3' ADP CA . -8.40 -33.53 -17.89
C2' ADP CA . -10.64 -33.77 -17.68
O2' ADP CA . -10.30 -34.93 -18.40
C1' ADP CA . -10.59 -34.17 -16.25
N9 ADP CA . -11.94 -34.37 -15.70
C8 ADP CA . -12.27 -33.93 -14.49
N7 ADP CA . -13.55 -34.22 -14.20
C5 ADP CA . -14.05 -34.87 -15.24
C6 ADP CA . -15.36 -35.44 -15.57
N6 ADP CA . -16.36 -35.35 -14.69
N1 ADP CA . -15.51 -36.05 -16.74
C2 ADP CA . -14.51 -36.13 -17.60
N3 ADP CA . -13.31 -35.61 -17.38
C4 ADP CA . -12.99 -34.98 -16.24
MG MG DA . -10.07 -24.99 -14.40
PB ADP EA . 20.29 -26.38 -6.33
O1B ADP EA . 19.82 -27.69 -6.88
O2B ADP EA . 19.72 -25.17 -6.98
O3B ADP EA . 20.29 -26.31 -4.84
PA ADP EA . 22.36 -26.32 -8.22
O1A ADP EA . 21.59 -27.28 -9.07
O2A ADP EA . 22.41 -24.87 -8.58
O3A ADP EA . 21.84 -26.42 -6.70
O5' ADP EA . 23.86 -26.88 -8.07
C5' ADP EA . 25.00 -26.03 -8.08
C4' ADP EA . 26.15 -26.73 -8.79
O4' ADP EA . 26.60 -27.85 -8.03
C3' ADP EA . 25.64 -27.26 -10.12
O3' ADP EA . 26.21 -26.58 -11.26
C2' ADP EA . 26.00 -28.72 -10.12
O2' ADP EA . 26.79 -29.08 -11.25
C1' ADP EA . 26.77 -29.00 -8.85
N9 ADP EA . 25.98 -30.10 -8.31
C8 ADP EA . 25.18 -29.97 -7.25
N7 ADP EA . 24.58 -31.15 -7.00
C5 ADP EA . 24.99 -32.04 -7.90
C6 ADP EA . 24.73 -33.46 -8.18
N6 ADP EA . 23.88 -34.19 -7.43
N1 ADP EA . 25.36 -34.02 -9.23
C2 ADP EA . 26.21 -33.32 -9.99
N3 ADP EA . 26.47 -32.03 -9.78
C4 ADP EA . 25.90 -31.35 -8.77
#